data_5VOL
#
_entry.id   5VOL
#
_cell.length_a   127.920
_cell.length_b   135.790
_cell.length_c   172.590
_cell.angle_alpha   90.000
_cell.angle_beta   90.000
_cell.angle_gamma   90.000
#
_symmetry.space_group_name_H-M   'P 21 21 21'
#
loop_
_entity.id
_entity.type
_entity.pdbx_description
1 polymer 'Putative esterase'
2 non-polymer 'CALCIUM ION'
3 non-polymer 'ISOPROPYL ALCOHOL'
4 water water
#
_entity_poly.entity_id   1
_entity_poly.type   'polypeptide(L)'
_entity_poly.pdbx_seq_one_letter_code
;KQNAPWNFQSKVVTDTLFSKVLNSKRAYTVFLPKSFEQNKEKKYPVLYLLHGMWETNPVWAERGHVKDVMDRLVASGEAC
EMIIVTPNAGGNIHLEWNGYFDMPGWKYETFFYTEFLPYIEKKYRVIGDRQHRAIAGLSMGGGGATNYGQRHSDMFCAVY
AMSALMSIPEQGAVPADDPNSKIAILTRSVIENSCVKYVMEADEDRKADLRSVAWFVDCGDDDFLLDRNIEFYQAMRNAG
VPCQFRVRDGGHDWEYWHSALYQCLPFVTRIFGKE
;
_entity_poly.pdbx_strand_id   A,B,C,D,E,F,G,H
#
# COMPACT_ATOMS: atom_id res chain seq x y z
N ASN A 7 -19.34 -26.41 1.93
CA ASN A 7 -18.05 -26.94 1.52
C ASN A 7 -17.40 -26.08 0.42
N PHE A 8 -16.19 -25.61 0.68
CA PHE A 8 -15.56 -24.60 -0.17
C PHE A 8 -14.73 -25.20 -1.31
N GLN A 9 -14.83 -24.57 -2.48
CA GLN A 9 -14.10 -25.00 -3.67
C GLN A 9 -13.62 -23.78 -4.46
N SER A 10 -12.46 -23.91 -5.10
CA SER A 10 -12.02 -22.88 -6.02
C SER A 10 -12.99 -22.84 -7.19
N LYS A 11 -13.11 -21.70 -7.84
CA LYS A 11 -14.01 -21.66 -8.99
C LYS A 11 -13.53 -20.69 -10.05
N VAL A 12 -14.05 -20.89 -11.25
CA VAL A 12 -13.76 -20.01 -12.38
C VAL A 12 -15.02 -19.21 -12.70
N VAL A 13 -14.87 -17.90 -12.83
CA VAL A 13 -16.01 -17.02 -13.08
C VAL A 13 -15.75 -16.22 -14.34
N THR A 14 -16.80 -16.03 -15.13
CA THR A 14 -16.72 -15.24 -16.34
C THR A 14 -17.74 -14.10 -16.24
N ASP A 15 -17.30 -12.88 -16.49
CA ASP A 15 -18.16 -11.70 -16.38
C ASP A 15 -17.67 -10.69 -17.40
N THR A 16 -18.26 -9.50 -17.41
CA THR A 16 -17.91 -8.48 -18.39
CA THR A 16 -17.88 -8.47 -18.39
C THR A 16 -17.75 -7.11 -17.73
N LEU A 17 -16.86 -6.29 -18.27
CA LEU A 17 -16.65 -4.94 -17.80
C LEU A 17 -16.91 -4.01 -18.99
N PHE A 18 -17.63 -2.91 -18.80
CA PHE A 18 -17.75 -1.98 -19.92
C PHE A 18 -16.60 -1.00 -19.92
N SER A 19 -15.89 -0.91 -21.03
CA SER A 19 -14.78 0.02 -21.16
C SER A 19 -15.22 1.35 -21.77
N LYS A 20 -15.09 2.44 -21.02
CA LYS A 20 -15.33 3.75 -21.60
C LYS A 20 -14.24 4.06 -22.62
N VAL A 21 -12.99 3.73 -22.26
CA VAL A 21 -11.84 3.93 -23.12
C VAL A 21 -12.00 3.27 -24.50
N LEU A 22 -12.56 2.07 -24.51
CA LEU A 22 -12.73 1.35 -25.77
C LEU A 22 -14.14 1.52 -26.35
N ASN A 23 -15.06 2.03 -25.54
CA ASN A 23 -16.48 1.98 -25.89
C ASN A 23 -16.88 0.57 -26.26
N SER A 24 -16.56 -0.40 -25.40
CA SER A 24 -16.87 -1.78 -25.71
C SER A 24 -16.93 -2.61 -24.43
N LYS A 25 -17.81 -3.61 -24.44
CA LYS A 25 -17.85 -4.57 -23.36
C LYS A 25 -16.58 -5.39 -23.43
N ARG A 26 -15.97 -5.68 -22.30
CA ARG A 26 -14.81 -6.59 -22.31
C ARG A 26 -15.10 -7.75 -21.37
N ALA A 27 -15.14 -8.95 -21.94
CA ALA A 27 -15.29 -10.16 -21.14
C ALA A 27 -13.95 -10.49 -20.47
N TYR A 28 -14.03 -11.19 -19.36
CA TYR A 28 -12.83 -11.66 -18.68
C TYR A 28 -13.20 -12.91 -17.91
N THR A 29 -12.19 -13.74 -17.66
CA THR A 29 -12.35 -14.98 -16.93
C THR A 29 -11.36 -14.97 -15.76
N VAL A 30 -11.86 -15.25 -14.56
CA VAL A 30 -11.08 -15.12 -13.35
C VAL A 30 -11.14 -16.42 -12.54
N PHE A 31 -10.00 -16.81 -11.97
CA PHE A 31 -9.95 -17.94 -11.03
C PHE A 31 -10.04 -17.41 -9.61
N LEU A 32 -10.98 -17.93 -8.83
CA LEU A 32 -11.10 -17.55 -7.43
C LEU A 32 -10.68 -18.72 -6.50
N PRO A 33 -9.70 -18.47 -5.62
CA PRO A 33 -9.18 -19.51 -4.71
C PRO A 33 -10.25 -20.15 -3.83
N LYS A 34 -9.96 -21.36 -3.40
CA LYS A 34 -10.89 -22.11 -2.55
C LYS A 34 -11.29 -21.36 -1.27
N SER A 35 -10.40 -20.53 -0.72
CA SER A 35 -10.74 -19.79 0.49
C SER A 35 -11.56 -18.53 0.24
N PHE A 36 -11.86 -18.20 -1.01
CA PHE A 36 -12.47 -16.91 -1.32
C PHE A 36 -13.77 -16.63 -0.55
N GLU A 37 -14.70 -17.59 -0.56
CA GLU A 37 -15.96 -17.46 0.15
C GLU A 37 -15.84 -17.83 1.63
N GLN A 38 -14.73 -18.47 1.99
CA GLN A 38 -14.51 -18.95 3.35
C GLN A 38 -14.02 -17.84 4.26
N ASN A 39 -12.93 -17.18 3.85
CA ASN A 39 -12.39 -16.05 4.58
C ASN A 39 -12.62 -14.77 3.80
N LYS A 40 -13.77 -14.12 4.05
CA LYS A 40 -14.17 -12.96 3.26
C LYS A 40 -13.25 -11.76 3.41
N GLU A 41 -12.30 -11.84 4.35
CA GLU A 41 -11.39 -10.72 4.58
C GLU A 41 -9.98 -10.96 4.05
N LYS A 42 -9.72 -12.15 3.53
CA LYS A 42 -8.39 -12.44 2.99
C LYS A 42 -8.15 -11.67 1.68
N LYS A 43 -6.93 -11.15 1.53
CA LYS A 43 -6.49 -10.55 0.26
C LYS A 43 -5.42 -11.41 -0.38
N TYR A 44 -5.35 -11.39 -1.71
CA TYR A 44 -4.52 -12.29 -2.49
C TYR A 44 -3.58 -11.56 -3.45
N PRO A 45 -2.45 -12.20 -3.79
CA PRO A 45 -1.67 -11.75 -4.94
C PRO A 45 -2.44 -12.02 -6.23
N VAL A 46 -2.00 -11.44 -7.33
CA VAL A 46 -2.70 -11.63 -8.59
C VAL A 46 -1.73 -12.01 -9.72
N LEU A 47 -2.20 -12.87 -10.60
CA LEU A 47 -1.48 -13.18 -11.83
C LEU A 47 -2.37 -12.79 -13.01
N TYR A 48 -1.92 -11.84 -13.82
CA TYR A 48 -2.58 -11.58 -15.10
C TYR A 48 -2.07 -12.58 -16.12
N LEU A 49 -2.97 -13.35 -16.71
CA LEU A 49 -2.59 -14.47 -17.57
C LEU A 49 -3.22 -14.33 -18.96
N LEU A 50 -2.41 -13.93 -19.93
CA LEU A 50 -2.91 -13.43 -21.22
C LEU A 50 -2.99 -14.50 -22.29
N HIS A 51 -4.02 -14.43 -23.12
CA HIS A 51 -4.22 -15.42 -24.18
C HIS A 51 -3.49 -14.98 -25.45
N GLY A 52 -3.46 -15.84 -26.46
CA GLY A 52 -2.75 -15.54 -27.70
C GLY A 52 -3.68 -14.98 -28.78
N MET A 53 -3.13 -14.75 -29.98
CA MET A 53 -3.91 -14.20 -31.09
C MET A 53 -4.98 -15.20 -31.51
N TRP A 54 -6.10 -14.66 -32.02
CA TRP A 54 -7.29 -15.47 -32.37
C TRP A 54 -8.09 -15.94 -31.17
N GLU A 55 -7.47 -16.02 -29.99
CA GLU A 55 -8.14 -16.58 -28.82
C GLU A 55 -8.95 -15.53 -28.07
N THR A 56 -9.78 -15.98 -27.13
CA THR A 56 -10.49 -15.06 -26.24
C THR A 56 -10.32 -15.50 -24.78
N ASN A 57 -10.95 -14.78 -23.86
CA ASN A 57 -10.65 -14.93 -22.42
C ASN A 57 -10.82 -16.33 -21.78
N PRO A 58 -11.77 -17.16 -22.23
CA PRO A 58 -11.98 -18.43 -21.51
C PRO A 58 -10.93 -19.53 -21.75
N VAL A 59 -10.01 -19.33 -22.69
CA VAL A 59 -9.17 -20.44 -23.13
C VAL A 59 -8.22 -20.98 -22.02
N TRP A 60 -7.75 -20.09 -21.14
CA TRP A 60 -6.85 -20.55 -20.07
C TRP A 60 -7.58 -21.45 -19.06
N ALA A 61 -8.83 -21.15 -18.77
CA ALA A 61 -9.62 -22.03 -17.93
C ALA A 61 -10.04 -23.31 -18.66
N GLU A 62 -10.47 -23.18 -19.91
CA GLU A 62 -11.08 -24.31 -20.62
C GLU A 62 -10.08 -25.28 -21.22
N ARG A 63 -8.97 -24.78 -21.77
CA ARG A 63 -7.96 -25.67 -22.36
C ARG A 63 -6.67 -25.69 -21.51
N GLY A 64 -6.42 -24.62 -20.78
CA GLY A 64 -5.27 -24.58 -19.88
C GLY A 64 -5.53 -25.31 -18.57
N HIS A 65 -6.80 -25.58 -18.30
CA HIS A 65 -7.23 -26.18 -17.04
C HIS A 65 -6.63 -25.50 -15.81
N VAL A 66 -6.64 -24.17 -15.82
CA VAL A 66 -6.06 -23.38 -14.73
C VAL A 66 -6.57 -23.76 -13.35
N LYS A 67 -7.87 -24.04 -13.23
CA LYS A 67 -8.41 -24.40 -11.93
C LYS A 67 -7.82 -25.72 -11.44
N ASP A 68 -7.76 -26.70 -12.33
CA ASP A 68 -7.27 -28.03 -11.95
C ASP A 68 -5.81 -27.95 -11.54
N VAL A 69 -5.02 -27.19 -12.27
CA VAL A 69 -3.60 -27.07 -11.95
C VAL A 69 -3.42 -26.37 -10.60
N MET A 70 -4.16 -25.27 -10.39
CA MET A 70 -4.08 -24.56 -9.13
C MET A 70 -4.49 -25.47 -7.97
N ASP A 71 -5.55 -26.24 -8.16
CA ASP A 71 -6.04 -27.11 -7.08
C ASP A 71 -4.94 -28.09 -6.65
N ARG A 72 -4.21 -28.60 -7.63
CA ARG A 72 -3.07 -29.47 -7.36
C ARG A 72 -1.96 -28.74 -6.62
N LEU A 73 -1.54 -27.60 -7.15
CA LEU A 73 -0.33 -26.94 -6.63
C LEU A 73 -0.59 -26.17 -5.34
N VAL A 74 -1.83 -25.75 -5.12
CA VAL A 74 -2.18 -25.14 -3.85
C VAL A 74 -2.17 -26.23 -2.76
N ALA A 75 -2.67 -27.41 -3.07
CA ALA A 75 -2.75 -28.46 -2.06
C ALA A 75 -1.36 -28.98 -1.64
N SER A 76 -0.39 -28.96 -2.57
CA SER A 76 0.98 -29.42 -2.28
C SER A 76 1.84 -28.30 -1.71
N GLY A 77 1.32 -27.07 -1.75
CA GLY A 77 2.06 -25.93 -1.26
C GLY A 77 2.99 -25.31 -2.29
N GLU A 78 3.07 -25.87 -3.50
CA GLU A 78 4.00 -25.33 -4.50
C GLU A 78 3.52 -23.98 -5.08
N ALA A 79 2.22 -23.74 -5.06
CA ALA A 79 1.69 -22.43 -5.43
C ALA A 79 0.89 -21.89 -4.26
N CYS A 80 0.89 -20.58 -4.09
CA CYS A 80 0.02 -19.94 -3.09
C CYS A 80 -1.33 -19.69 -3.73
N GLU A 81 -2.34 -19.46 -2.90
CA GLU A 81 -3.61 -19.00 -3.42
C GLU A 81 -3.41 -17.62 -4.04
N MET A 82 -3.89 -17.44 -5.26
CA MET A 82 -3.80 -16.17 -5.96
C MET A 82 -5.01 -16.01 -6.86
N ILE A 83 -5.37 -14.76 -7.13
CA ILE A 83 -6.32 -14.46 -8.20
C ILE A 83 -5.60 -14.59 -9.53
N ILE A 84 -6.22 -15.28 -10.48
CA ILE A 84 -5.69 -15.38 -11.83
C ILE A 84 -6.76 -14.85 -12.79
N VAL A 85 -6.38 -13.97 -13.69
CA VAL A 85 -7.39 -13.31 -14.52
C VAL A 85 -6.96 -13.18 -15.98
N THR A 86 -7.87 -13.50 -16.89
CA THR A 86 -7.62 -13.37 -18.31
C THR A 86 -8.67 -12.46 -18.96
N PRO A 87 -8.25 -11.27 -19.45
CA PRO A 87 -9.20 -10.38 -20.16
C PRO A 87 -9.34 -10.77 -21.62
N ASN A 88 -10.43 -10.36 -22.27
CA ASN A 88 -10.53 -10.57 -23.71
C ASN A 88 -9.74 -9.52 -24.48
N ALA A 89 -8.77 -9.99 -25.26
CA ALA A 89 -7.96 -9.11 -26.11
C ALA A 89 -7.84 -9.68 -27.52
N GLY A 90 -8.81 -10.51 -27.91
CA GLY A 90 -8.76 -11.10 -29.22
C GLY A 90 -10.08 -11.55 -29.83
N GLY A 91 -10.01 -12.61 -30.61
CA GLY A 91 -11.13 -13.08 -31.42
C GLY A 91 -10.64 -13.22 -32.85
N ASN A 92 -11.53 -13.58 -33.77
CA ASN A 92 -11.21 -13.68 -35.19
C ASN A 92 -10.42 -12.45 -35.64
N ILE A 93 -9.23 -12.66 -36.20
CA ILE A 93 -8.33 -11.55 -36.45
C ILE A 93 -8.78 -10.63 -37.58
N HIS A 94 -9.72 -11.10 -38.40
CA HIS A 94 -10.27 -10.29 -39.49
C HIS A 94 -11.47 -9.45 -39.05
N LEU A 95 -12.02 -9.76 -37.88
CA LEU A 95 -13.20 -9.05 -37.41
C LEU A 95 -12.94 -8.29 -36.11
N GLU A 96 -12.19 -8.92 -35.20
CA GLU A 96 -11.98 -8.38 -33.86
C GLU A 96 -10.58 -7.82 -33.65
N TRP A 97 -10.50 -6.81 -32.79
CA TRP A 97 -9.22 -6.25 -32.38
C TRP A 97 -8.42 -7.27 -31.54
N ASN A 98 -7.21 -7.57 -31.97
CA ASN A 98 -6.29 -8.46 -31.24
C ASN A 98 -5.11 -7.64 -30.75
N GLY A 99 -4.74 -7.76 -29.48
CA GLY A 99 -3.56 -7.06 -29.02
C GLY A 99 -3.66 -6.39 -27.67
N TYR A 100 -2.51 -6.01 -27.12
CA TYR A 100 -2.43 -5.51 -25.74
C TYR A 100 -1.93 -4.08 -25.63
N PHE A 101 -1.41 -3.53 -26.72
CA PHE A 101 -0.84 -2.18 -26.68
C PHE A 101 -1.88 -1.16 -27.21
N ASP A 102 -1.70 0.11 -26.87
CA ASP A 102 -2.58 1.14 -27.42
C ASP A 102 -2.41 1.24 -28.94
N MET A 103 -3.52 1.10 -29.66
CA MET A 103 -3.52 1.20 -31.11
C MET A 103 -4.55 2.25 -31.55
N PRO A 104 -4.37 2.81 -32.75
CA PRO A 104 -5.32 3.81 -33.29
C PRO A 104 -6.76 3.33 -33.19
N GLY A 105 -7.57 3.97 -32.37
CA GLY A 105 -8.97 3.59 -32.25
C GLY A 105 -9.24 2.48 -31.24
N TRP A 106 -8.18 1.93 -30.64
CA TRP A 106 -8.34 0.80 -29.72
C TRP A 106 -7.19 0.84 -28.70
N LYS A 107 -7.38 1.65 -27.67
CA LYS A 107 -6.34 1.90 -26.69
C LYS A 107 -6.40 0.82 -25.61
N TYR A 108 -6.05 -0.40 -25.98
CA TYR A 108 -6.24 -1.54 -25.09
C TYR A 108 -5.44 -1.38 -23.80
N GLU A 109 -4.21 -0.90 -23.91
CA GLU A 109 -3.35 -0.77 -22.72
C GLU A 109 -3.91 0.27 -21.74
N THR A 110 -4.48 1.35 -22.28
CA THR A 110 -5.09 2.37 -21.42
C THR A 110 -6.28 1.76 -20.70
N PHE A 111 -7.06 0.95 -21.40
CA PHE A 111 -8.14 0.22 -20.76
C PHE A 111 -7.62 -0.71 -19.64
N PHE A 112 -6.56 -1.43 -19.94
CA PHE A 112 -6.01 -2.40 -18.96
C PHE A 112 -5.61 -1.70 -17.67
N TYR A 113 -4.87 -0.61 -17.77
CA TYR A 113 -4.35 0.03 -16.56
C TYR A 113 -5.28 1.01 -15.86
N THR A 114 -6.17 1.66 -16.61
CA THR A 114 -7.02 2.69 -15.98
C THR A 114 -8.43 2.18 -15.69
N GLU A 115 -8.79 1.04 -16.26
CA GLU A 115 -10.13 0.50 -16.02
C GLU A 115 -10.10 -0.91 -15.48
N PHE A 116 -9.53 -1.84 -16.26
CA PHE A 116 -9.61 -3.26 -15.95
C PHE A 116 -8.94 -3.59 -14.61
N LEU A 117 -7.67 -3.22 -14.50
CA LEU A 117 -6.88 -3.58 -13.34
C LEU A 117 -7.47 -3.01 -12.03
N PRO A 118 -7.78 -1.69 -12.00
CA PRO A 118 -8.39 -1.17 -10.77
C PRO A 118 -9.68 -1.88 -10.41
N TYR A 119 -10.52 -2.15 -11.42
CA TYR A 119 -11.79 -2.85 -11.20
C TYR A 119 -11.59 -4.28 -10.68
N ILE A 120 -10.70 -5.05 -11.32
CA ILE A 120 -10.46 -6.43 -10.90
C ILE A 120 -9.92 -6.52 -9.47
N GLU A 121 -8.96 -5.67 -9.15
CA GLU A 121 -8.24 -5.82 -7.89
C GLU A 121 -9.08 -5.36 -6.71
N LYS A 122 -9.99 -4.41 -6.96
CA LYS A 122 -10.96 -4.06 -5.94
C LYS A 122 -11.98 -5.19 -5.76
N LYS A 123 -12.56 -5.64 -6.87
CA LYS A 123 -13.67 -6.59 -6.81
C LYS A 123 -13.27 -7.97 -6.29
N TYR A 124 -12.06 -8.40 -6.61
CA TYR A 124 -11.66 -9.76 -6.27
C TYR A 124 -10.59 -9.79 -5.20
N ARG A 125 -10.50 -8.69 -4.43
CA ARG A 125 -9.71 -8.61 -3.20
C ARG A 125 -8.22 -8.87 -3.39
N VAL A 126 -7.65 -8.24 -4.39
CA VAL A 126 -6.23 -8.33 -4.67
C VAL A 126 -5.47 -7.40 -3.75
N ILE A 127 -4.33 -7.86 -3.25
CA ILE A 127 -3.55 -7.09 -2.28
C ILE A 127 -3.25 -5.68 -2.80
N GLY A 128 -2.71 -5.59 -4.01
CA GLY A 128 -2.72 -4.30 -4.71
C GLY A 128 -1.40 -3.61 -4.93
N ASP A 129 -0.31 -4.21 -4.45
CA ASP A 129 1.01 -3.64 -4.73
C ASP A 129 1.81 -4.49 -5.70
N ARG A 130 2.92 -3.93 -6.10
CA ARG A 130 3.82 -4.48 -7.08
C ARG A 130 4.35 -5.87 -6.67
N GLN A 131 4.75 -5.99 -5.41
CA GLN A 131 5.30 -7.24 -4.88
C GLN A 131 4.35 -8.42 -4.94
N HIS A 132 3.07 -8.14 -5.16
CA HIS A 132 2.05 -9.20 -5.25
C HIS A 132 1.28 -9.18 -6.57
N ARG A 133 1.91 -8.67 -7.62
CA ARG A 133 1.29 -8.67 -8.95
C ARG A 133 2.28 -9.23 -9.97
N ALA A 134 1.87 -10.24 -10.71
CA ALA A 134 2.74 -10.83 -11.72
C ALA A 134 1.99 -10.90 -13.03
N ILE A 135 2.68 -11.17 -14.12
CA ILE A 135 2.02 -11.29 -15.40
C ILE A 135 2.68 -12.35 -16.28
N ALA A 136 1.84 -13.08 -17.01
CA ALA A 136 2.32 -14.14 -17.89
C ALA A 136 1.41 -14.25 -19.10
N GLY A 137 1.87 -14.96 -20.13
CA GLY A 137 1.01 -15.16 -21.29
C GLY A 137 1.67 -15.98 -22.38
N LEU A 138 0.85 -16.47 -23.32
CA LEU A 138 1.36 -17.24 -24.45
C LEU A 138 1.26 -16.47 -25.76
N SER A 139 2.26 -16.65 -26.61
CA SER A 139 2.30 -16.07 -27.95
C SER A 139 2.12 -14.55 -27.90
N MET A 140 1.06 -14.04 -28.54
CA MET A 140 0.79 -12.60 -28.48
C MET A 140 0.72 -12.10 -27.04
N GLY A 141 0.13 -12.91 -26.17
CA GLY A 141 0.04 -12.60 -24.75
C GLY A 141 1.38 -12.67 -24.02
N GLY A 142 2.29 -13.51 -24.51
CA GLY A 142 3.65 -13.55 -23.99
C GLY A 142 4.42 -12.28 -24.30
N GLY A 143 4.20 -11.75 -25.50
CA GLY A 143 4.79 -10.48 -25.90
C GLY A 143 4.18 -9.34 -25.10
N GLY A 144 2.86 -9.39 -24.91
CA GLY A 144 2.17 -8.41 -24.11
C GLY A 144 2.64 -8.38 -22.66
N ALA A 145 2.71 -9.55 -22.03
CA ALA A 145 3.24 -9.67 -20.67
C ALA A 145 4.64 -9.10 -20.59
N THR A 146 5.50 -9.47 -21.54
CA THR A 146 6.89 -9.04 -21.47
C THR A 146 7.01 -7.52 -21.60
N ASN A 147 6.37 -6.93 -22.61
CA ASN A 147 6.53 -5.49 -22.81
C ASN A 147 5.80 -4.72 -21.71
N TYR A 148 4.73 -5.29 -21.16
CA TYR A 148 4.08 -4.66 -19.99
C TYR A 148 5.06 -4.58 -18.80
N GLY A 149 5.78 -5.68 -18.57
CA GLY A 149 6.74 -5.75 -17.47
C GLY A 149 7.91 -4.84 -17.74
N GLN A 150 8.23 -4.66 -19.02
CA GLN A 150 9.33 -3.78 -19.40
C GLN A 150 8.98 -2.30 -19.17
N ARG A 151 7.82 -1.89 -19.69
CA ARG A 151 7.45 -0.46 -19.64
C ARG A 151 6.71 -0.08 -18.35
N HIS A 152 6.28 -1.08 -17.58
CA HIS A 152 5.65 -0.83 -16.29
C HIS A 152 6.29 -1.68 -15.19
N SER A 153 7.60 -1.59 -15.06
CA SER A 153 8.33 -2.37 -14.05
C SER A 153 7.87 -1.98 -12.64
N ASP A 154 7.24 -0.82 -12.52
CA ASP A 154 6.65 -0.37 -11.25
C ASP A 154 5.39 -1.16 -10.88
N MET A 155 4.83 -1.92 -11.82
CA MET A 155 3.58 -2.62 -11.58
C MET A 155 3.73 -4.13 -11.33
N PHE A 156 4.85 -4.72 -11.77
CA PHE A 156 4.99 -6.18 -11.78
C PHE A 156 6.29 -6.65 -11.12
N CYS A 157 6.22 -7.73 -10.33
CA CYS A 157 7.45 -8.27 -9.75
C CYS A 157 8.02 -9.40 -10.62
N ALA A 158 7.18 -9.99 -11.47
CA ALA A 158 7.58 -11.18 -12.24
C ALA A 158 6.83 -11.27 -13.57
N VAL A 159 7.52 -11.82 -14.56
CA VAL A 159 7.01 -12.05 -15.89
C VAL A 159 7.36 -13.45 -16.35
N TYR A 160 6.38 -14.22 -16.78
CA TYR A 160 6.60 -15.55 -17.36
C TYR A 160 6.07 -15.55 -18.80
N ALA A 161 6.99 -15.59 -19.75
CA ALA A 161 6.68 -15.48 -21.17
C ALA A 161 6.71 -16.84 -21.88
N MET A 162 5.55 -17.31 -22.35
CA MET A 162 5.45 -18.63 -23.00
C MET A 162 5.36 -18.52 -24.52
N SER A 163 6.31 -19.12 -25.24
CA SER A 163 6.30 -19.11 -26.70
C SER A 163 5.97 -17.70 -27.20
N ALA A 164 6.68 -16.72 -26.67
CA ALA A 164 6.24 -15.33 -26.71
C ALA A 164 6.51 -14.63 -28.05
N LEU A 165 5.55 -13.81 -28.47
CA LEU A 165 5.74 -12.94 -29.63
C LEU A 165 6.63 -11.77 -29.24
N MET A 166 7.92 -12.04 -29.02
CA MET A 166 8.86 -11.01 -28.58
C MET A 166 9.03 -9.95 -29.66
N SER A 167 8.94 -10.40 -30.91
CA SER A 167 8.83 -9.48 -32.04
C SER A 167 8.30 -10.31 -33.18
N ILE A 168 8.10 -9.68 -34.34
CA ILE A 168 7.65 -10.41 -35.52
C ILE A 168 8.77 -11.30 -36.05
N PRO A 169 8.46 -12.59 -36.25
CA PRO A 169 9.40 -13.57 -36.79
C PRO A 169 9.74 -13.29 -38.26
N GLU A 170 10.83 -13.84 -38.76
CA GLU A 170 11.18 -13.63 -40.18
C GLU A 170 10.36 -14.52 -41.11
N ASP A 178 -2.32 -4.51 -46.51
CA ASP A 178 -3.55 -3.85 -46.08
C ASP A 178 -3.35 -3.05 -44.79
N PRO A 179 -2.73 -1.86 -44.89
CA PRO A 179 -2.27 -1.10 -43.73
C PRO A 179 -3.38 -0.65 -42.78
N ASN A 180 -4.64 -0.63 -43.21
CA ASN A 180 -5.74 -0.21 -42.33
C ASN A 180 -6.48 -1.37 -41.69
N SER A 181 -6.06 -2.61 -41.97
CA SER A 181 -6.63 -3.77 -41.30
C SER A 181 -6.14 -3.86 -39.86
N LYS A 182 -6.94 -4.48 -39.00
CA LYS A 182 -6.58 -4.65 -37.59
C LYS A 182 -5.36 -5.56 -37.45
N ILE A 183 -5.21 -6.51 -38.35
CA ILE A 183 -4.04 -7.41 -38.30
C ILE A 183 -2.78 -6.63 -38.66
N ALA A 184 -2.86 -5.73 -39.65
CA ALA A 184 -1.69 -4.91 -40.01
C ALA A 184 -1.33 -3.95 -38.88
N ILE A 185 -2.36 -3.42 -38.21
CA ILE A 185 -2.14 -2.47 -37.12
C ILE A 185 -1.45 -3.16 -35.92
N LEU A 186 -1.92 -4.36 -35.57
CA LEU A 186 -1.25 -5.20 -34.57
C LEU A 186 0.21 -5.43 -34.94
N THR A 187 0.45 -5.82 -36.18
CA THR A 187 1.81 -6.08 -36.65
C THR A 187 2.73 -4.87 -36.45
N ARG A 188 2.29 -3.69 -36.84
CA ARG A 188 3.12 -2.50 -36.63
C ARG A 188 3.33 -2.24 -35.14
N SER A 189 2.29 -2.45 -34.35
CA SER A 189 2.36 -2.24 -32.90
C SER A 189 3.40 -3.16 -32.24
N VAL A 190 3.46 -4.39 -32.71
CA VAL A 190 4.41 -5.36 -32.15
C VAL A 190 5.84 -4.99 -32.51
N ILE A 191 6.06 -4.58 -33.76
CA ILE A 191 7.38 -4.11 -34.20
C ILE A 191 7.83 -2.86 -33.43
N GLU A 192 6.94 -1.90 -33.31
CA GLU A 192 7.23 -0.66 -32.58
C GLU A 192 7.61 -0.94 -31.13
N ASN A 193 6.97 -1.94 -30.54
CA ASN A 193 7.18 -2.30 -29.15
C ASN A 193 7.98 -3.58 -28.95
N SER A 194 8.86 -3.88 -29.92
CA SER A 194 9.66 -5.09 -29.90
C SER A 194 10.29 -5.31 -28.51
N CYS A 195 10.00 -6.45 -27.89
CA CYS A 195 10.61 -6.75 -26.57
C CYS A 195 12.12 -6.91 -26.70
N VAL A 196 12.58 -7.38 -27.86
CA VAL A 196 14.01 -7.54 -28.09
C VAL A 196 14.69 -6.18 -28.19
N LYS A 197 14.10 -5.30 -28.99
CA LYS A 197 14.64 -3.96 -29.20
C LYS A 197 14.70 -3.20 -27.88
N TYR A 198 13.66 -3.34 -27.06
CA TYR A 198 13.63 -2.64 -25.78
C TYR A 198 14.87 -2.95 -24.91
N VAL A 199 15.32 -4.20 -24.92
CA VAL A 199 16.51 -4.59 -24.14
C VAL A 199 17.79 -4.11 -24.85
N MET A 200 17.85 -4.31 -26.16
CA MET A 200 19.02 -3.96 -26.97
C MET A 200 19.41 -2.48 -26.90
N GLU A 201 18.41 -1.62 -26.81
CA GLU A 201 18.66 -0.18 -26.79
C GLU A 201 18.85 0.37 -25.36
N ALA A 202 18.85 -0.52 -24.37
CA ALA A 202 18.83 -0.07 -22.97
C ALA A 202 20.09 0.67 -22.54
N ASP A 203 19.90 1.75 -21.80
CA ASP A 203 20.99 2.41 -21.09
C ASP A 203 21.07 1.82 -19.69
N GLU A 204 21.99 2.33 -18.87
CA GLU A 204 22.21 1.77 -17.55
C GLU A 204 20.99 1.88 -16.66
N ASP A 205 20.32 3.03 -16.70
CA ASP A 205 19.10 3.21 -15.93
C ASP A 205 18.04 2.18 -16.29
N ARG A 206 17.83 1.96 -17.58
CA ARG A 206 16.86 0.95 -18.01
C ARG A 206 17.24 -0.46 -17.54
N LYS A 207 18.52 -0.81 -17.67
CA LYS A 207 18.98 -2.12 -17.20
C LYS A 207 18.71 -2.30 -15.71
N ALA A 208 18.94 -1.25 -14.93
CA ALA A 208 18.65 -1.32 -13.50
C ALA A 208 17.15 -1.57 -13.28
N ASP A 209 16.31 -0.91 -14.08
CA ASP A 209 14.86 -1.10 -13.96
C ASP A 209 14.44 -2.52 -14.33
N LEU A 210 15.01 -3.02 -15.42
CA LEU A 210 14.72 -4.39 -15.87
C LEU A 210 15.14 -5.41 -14.81
N ARG A 211 16.22 -5.13 -14.08
CA ARG A 211 16.69 -6.05 -13.03
C ARG A 211 15.76 -6.09 -11.83
N SER A 212 14.82 -5.15 -11.73
CA SER A 212 13.90 -5.15 -10.60
C SER A 212 12.77 -6.16 -10.79
N VAL A 213 12.74 -6.78 -11.96
CA VAL A 213 11.70 -7.74 -12.32
C VAL A 213 12.31 -9.13 -12.49
N ALA A 214 11.58 -10.17 -12.10
CA ALA A 214 12.03 -11.54 -12.31
C ALA A 214 11.48 -12.05 -13.64
N TRP A 215 12.35 -12.62 -14.48
CA TRP A 215 11.96 -13.00 -15.85
C TRP A 215 12.14 -14.50 -16.07
N PHE A 216 11.18 -15.11 -16.75
CA PHE A 216 11.25 -16.53 -17.11
C PHE A 216 10.75 -16.67 -18.55
N VAL A 217 11.59 -17.21 -19.42
CA VAL A 217 11.26 -17.35 -20.84
C VAL A 217 11.24 -18.83 -21.19
N ASP A 218 10.11 -19.29 -21.72
CA ASP A 218 9.84 -20.72 -21.94
C ASP A 218 9.28 -20.92 -23.35
N CYS A 219 10.05 -21.54 -24.24
CA CYS A 219 9.64 -21.68 -25.65
C CYS A 219 10.13 -23.02 -26.25
N GLY A 220 9.27 -23.72 -26.99
CA GLY A 220 9.59 -25.08 -27.47
C GLY A 220 10.59 -25.15 -28.61
N ASP A 221 11.30 -26.28 -28.75
CA ASP A 221 12.32 -26.36 -29.80
C ASP A 221 11.70 -26.37 -31.23
N ASP A 222 10.42 -26.71 -31.34
CA ASP A 222 9.80 -26.73 -32.67
C ASP A 222 8.92 -25.52 -32.94
N ASP A 223 9.09 -24.46 -32.14
CA ASP A 223 8.23 -23.27 -32.23
C ASP A 223 8.75 -22.23 -33.23
N PHE A 224 7.87 -21.71 -34.09
CA PHE A 224 8.30 -20.72 -35.09
C PHE A 224 8.77 -19.43 -34.42
N LEU A 225 8.42 -19.24 -33.15
CA LEU A 225 8.87 -18.07 -32.41
C LEU A 225 10.17 -18.31 -31.60
N LEU A 226 10.75 -19.50 -31.73
CA LEU A 226 11.95 -19.82 -30.93
C LEU A 226 13.09 -18.82 -31.18
N ASP A 227 13.35 -18.50 -32.45
CA ASP A 227 14.45 -17.59 -32.78
C ASP A 227 14.31 -16.20 -32.14
N ARG A 228 13.10 -15.64 -32.10
CA ARG A 228 12.92 -14.34 -31.44
C ARG A 228 13.11 -14.42 -29.92
N ASN A 229 12.64 -15.50 -29.32
CA ASN A 229 12.83 -15.70 -27.88
C ASN A 229 14.29 -15.89 -27.54
N ILE A 230 15.01 -16.59 -28.41
CA ILE A 230 16.45 -16.70 -28.27
C ILE A 230 17.11 -15.31 -28.30
N GLU A 231 16.69 -14.47 -29.24
CA GLU A 231 17.22 -13.12 -29.34
C GLU A 231 16.98 -12.32 -28.08
N PHE A 232 15.79 -12.46 -27.52
CA PHE A 232 15.43 -11.76 -26.29
C PHE A 232 16.33 -12.24 -25.13
N TYR A 233 16.47 -13.55 -24.98
CA TYR A 233 17.29 -14.07 -23.88
C TYR A 233 18.76 -13.65 -24.00
N GLN A 234 19.30 -13.72 -25.21
CA GLN A 234 20.68 -13.29 -25.42
C GLN A 234 20.90 -11.81 -25.08
N ALA A 235 19.95 -10.96 -25.50
CA ALA A 235 19.97 -9.54 -25.18
C ALA A 235 19.96 -9.33 -23.65
N MET A 236 19.07 -10.04 -22.97
CA MET A 236 18.97 -9.93 -21.51
C MET A 236 20.26 -10.38 -20.84
N ARG A 237 20.71 -11.58 -21.20
CA ARG A 237 21.92 -12.16 -20.64
C ARG A 237 23.11 -11.25 -20.92
N ASN A 238 23.23 -10.76 -22.15
CA ASN A 238 24.36 -9.90 -22.48
C ASN A 238 24.30 -8.56 -21.74
N ALA A 239 23.10 -8.11 -21.37
CA ALA A 239 22.95 -6.86 -20.61
C ALA A 239 23.05 -7.06 -19.08
N GLY A 240 23.29 -8.29 -18.64
CA GLY A 240 23.40 -8.56 -17.22
C GLY A 240 22.07 -8.42 -16.49
N VAL A 241 20.99 -8.81 -17.16
CA VAL A 241 19.68 -8.89 -16.54
C VAL A 241 19.29 -10.34 -16.30
N PRO A 242 19.29 -10.77 -15.03
CA PRO A 242 18.95 -12.16 -14.71
C PRO A 242 17.64 -12.60 -15.35
N CYS A 243 17.67 -13.79 -15.93
CA CYS A 243 16.55 -14.33 -16.68
C CYS A 243 16.72 -15.84 -16.79
N GLN A 244 15.65 -16.59 -16.53
CA GLN A 244 15.66 -18.02 -16.80
C GLN A 244 15.19 -18.28 -18.23
N PHE A 245 15.86 -19.19 -18.92
CA PHE A 245 15.47 -19.61 -20.28
C PHE A 245 15.28 -21.12 -20.30
N ARG A 246 14.14 -21.59 -20.79
CA ARG A 246 13.93 -23.02 -21.01
C ARG A 246 13.46 -23.28 -22.44
N VAL A 247 14.11 -24.22 -23.12
CA VAL A 247 13.61 -24.72 -24.39
C VAL A 247 13.25 -26.18 -24.17
N ARG A 248 11.96 -26.44 -24.08
CA ARG A 248 11.48 -27.80 -23.86
C ARG A 248 11.02 -28.39 -25.18
N ASP A 249 10.77 -29.69 -25.21
CA ASP A 249 10.27 -30.31 -26.42
C ASP A 249 8.92 -29.71 -26.78
N GLY A 250 8.71 -29.38 -28.05
CA GLY A 250 7.38 -28.97 -28.45
C GLY A 250 7.27 -27.74 -29.31
N GLY A 251 6.03 -27.43 -29.66
CA GLY A 251 5.76 -26.37 -30.61
C GLY A 251 4.79 -25.36 -30.06
N HIS A 252 4.14 -24.64 -30.98
CA HIS A 252 3.23 -23.56 -30.64
C HIS A 252 1.87 -24.16 -30.32
N ASP A 253 1.73 -24.80 -29.16
CA ASP A 253 0.51 -25.55 -28.91
C ASP A 253 0.12 -25.60 -27.43
N TRP A 254 -1.11 -26.06 -27.17
CA TRP A 254 -1.66 -25.98 -25.83
C TRP A 254 -1.12 -27.04 -24.86
N GLU A 255 -0.47 -28.09 -25.36
CA GLU A 255 0.24 -28.98 -24.42
C GLU A 255 1.43 -28.21 -23.84
N TYR A 256 2.09 -27.42 -24.67
CA TYR A 256 3.18 -26.60 -24.20
C TYR A 256 2.73 -25.60 -23.14
N TRP A 257 1.60 -24.96 -23.38
CA TRP A 257 1.14 -23.85 -22.51
C TRP A 257 0.49 -24.37 -21.24
N HIS A 258 -0.25 -25.47 -21.32
CA HIS A 258 -0.76 -26.09 -20.11
C HIS A 258 0.41 -26.56 -19.21
N SER A 259 1.40 -27.23 -19.81
CA SER A 259 2.50 -27.75 -18.99
C SER A 259 3.35 -26.62 -18.43
N ALA A 260 3.44 -25.50 -19.14
CA ALA A 260 4.15 -24.32 -18.64
C ALA A 260 3.57 -23.81 -17.34
N LEU A 261 2.27 -24.00 -17.12
CA LEU A 261 1.65 -23.62 -15.84
C LEU A 261 2.31 -24.26 -14.62
N TYR A 262 2.80 -25.48 -14.79
CA TYR A 262 3.45 -26.15 -13.69
C TYR A 262 4.82 -25.52 -13.37
N GLN A 263 5.38 -24.74 -14.28
CA GLN A 263 6.60 -24.01 -13.95
C GLN A 263 6.25 -22.56 -13.54
N CYS A 264 5.28 -21.95 -14.23
CA CYS A 264 4.89 -20.56 -13.98
C CYS A 264 4.26 -20.32 -12.60
N LEU A 265 3.32 -21.15 -12.18
CA LEU A 265 2.61 -20.85 -10.93
C LEU A 265 3.51 -20.97 -9.70
N PRO A 266 4.39 -21.99 -9.65
CA PRO A 266 5.37 -21.97 -8.55
C PRO A 266 6.38 -20.85 -8.65
N PHE A 267 6.76 -20.46 -9.86
CA PHE A 267 7.69 -19.34 -10.07
C PHE A 267 7.15 -18.02 -9.50
N VAL A 268 5.95 -17.60 -9.90
CA VAL A 268 5.44 -16.32 -9.42
C VAL A 268 5.20 -16.41 -7.91
N THR A 269 4.81 -17.60 -7.45
CA THR A 269 4.64 -17.83 -6.02
C THR A 269 5.93 -17.54 -5.26
N ARG A 270 7.06 -18.00 -5.78
CA ARG A 270 8.34 -17.74 -5.14
C ARG A 270 8.64 -16.25 -5.13
N ILE A 271 8.29 -15.54 -6.19
CA ILE A 271 8.67 -14.14 -6.30
C ILE A 271 7.78 -13.26 -5.42
N PHE A 272 6.50 -13.62 -5.30
CA PHE A 272 5.57 -12.87 -4.46
C PHE A 272 6.14 -12.69 -3.06
N GLY A 273 5.88 -11.54 -2.45
CA GLY A 273 6.39 -11.21 -1.13
C GLY A 273 5.32 -11.30 -0.06
N ASN B 7 25.95 -62.56 -6.47
CA ASN B 7 25.13 -62.45 -7.68
C ASN B 7 25.81 -61.67 -8.80
N PHE B 8 25.27 -61.78 -10.01
CA PHE B 8 25.80 -61.04 -11.15
C PHE B 8 25.49 -59.55 -11.01
N GLN B 9 26.42 -58.71 -11.44
CA GLN B 9 26.27 -57.27 -11.29
C GLN B 9 26.96 -56.54 -12.42
N SER B 10 26.36 -55.44 -12.86
CA SER B 10 27.05 -54.58 -13.81
C SER B 10 28.33 -54.12 -13.14
N LYS B 11 29.35 -53.82 -13.93
CA LYS B 11 30.56 -53.31 -13.32
C LYS B 11 31.30 -52.36 -14.24
N VAL B 12 32.15 -51.54 -13.63
CA VAL B 12 32.99 -50.61 -14.36
C VAL B 12 34.43 -51.13 -14.30
N VAL B 13 35.07 -51.17 -15.47
CA VAL B 13 36.43 -51.69 -15.59
C VAL B 13 37.28 -50.63 -16.26
N THR B 14 38.49 -50.42 -15.75
CA THR B 14 39.45 -49.52 -16.41
C THR B 14 40.64 -50.35 -16.86
N ASP B 15 41.09 -50.14 -18.09
CA ASP B 15 42.18 -50.91 -18.66
C ASP B 15 42.90 -50.02 -19.65
N THR B 16 43.81 -50.59 -20.42
CA THR B 16 44.63 -49.81 -21.36
CA THR B 16 44.63 -49.81 -21.36
C THR B 16 44.89 -50.58 -22.64
N LEU B 17 45.12 -49.84 -23.72
CA LEU B 17 45.44 -50.40 -25.02
C LEU B 17 46.62 -49.61 -25.55
N PHE B 18 47.62 -50.28 -26.12
CA PHE B 18 48.71 -49.52 -26.73
C PHE B 18 48.32 -49.10 -28.13
N SER B 19 48.51 -47.82 -28.45
CA SER B 19 48.24 -47.30 -29.77
C SER B 19 49.53 -47.12 -30.58
N LYS B 20 49.63 -47.83 -31.70
CA LYS B 20 50.76 -47.64 -32.60
C LYS B 20 50.62 -46.31 -33.31
N VAL B 21 49.39 -45.91 -33.61
CA VAL B 21 49.16 -44.64 -34.29
C VAL B 21 49.68 -43.48 -33.44
N LEU B 22 49.43 -43.53 -32.14
CA LEU B 22 49.82 -42.46 -31.25
C LEU B 22 51.18 -42.71 -30.63
N ASN B 23 51.65 -43.96 -30.73
CA ASN B 23 52.85 -44.43 -30.01
C ASN B 23 52.72 -44.13 -28.54
N SER B 24 51.57 -44.48 -27.98
CA SER B 24 51.23 -44.08 -26.62
C SER B 24 50.25 -45.08 -26.03
N LYS B 25 50.38 -45.33 -24.73
CA LYS B 25 49.38 -46.08 -23.99
C LYS B 25 48.10 -45.26 -23.88
N ARG B 26 46.96 -45.91 -24.07
CA ARG B 26 45.67 -45.23 -23.96
C ARG B 26 44.76 -45.94 -22.97
N ALA B 27 44.50 -45.29 -21.84
CA ALA B 27 43.54 -45.81 -20.87
C ALA B 27 42.12 -45.62 -21.39
N TYR B 28 41.21 -46.42 -20.87
CA TYR B 28 39.80 -46.29 -21.18
C TYR B 28 39.04 -46.87 -20.00
N THR B 29 37.79 -46.44 -19.85
CA THR B 29 36.94 -46.97 -18.80
C THR B 29 35.68 -47.53 -19.47
N VAL B 30 35.27 -48.73 -19.08
CA VAL B 30 34.12 -49.35 -19.73
C VAL B 30 33.09 -49.81 -18.68
N PHE B 31 31.82 -49.64 -19.02
CA PHE B 31 30.72 -50.18 -18.26
C PHE B 31 30.27 -51.49 -18.89
N LEU B 32 30.18 -52.55 -18.09
CA LEU B 32 29.73 -53.86 -18.54
C LEU B 32 28.40 -54.20 -17.87
N PRO B 33 27.38 -54.55 -18.67
CA PRO B 33 26.04 -54.93 -18.21
C PRO B 33 26.05 -56.12 -17.26
N LYS B 34 25.02 -56.19 -16.42
CA LYS B 34 24.83 -57.24 -15.45
C LYS B 34 24.94 -58.63 -16.07
N SER B 35 24.47 -58.78 -17.31
CA SER B 35 24.44 -60.09 -17.93
C SER B 35 25.75 -60.50 -18.58
N PHE B 36 26.76 -59.63 -18.49
CA PHE B 36 27.98 -59.85 -19.26
C PHE B 36 28.70 -61.17 -18.91
N GLU B 37 28.82 -61.48 -17.62
CA GLU B 37 29.47 -62.72 -17.19
C GLU B 37 28.50 -63.90 -17.13
N GLN B 38 27.20 -63.61 -17.22
CA GLN B 38 26.16 -64.62 -17.10
C GLN B 38 25.82 -65.27 -18.44
N ASN B 39 25.69 -64.45 -19.48
CA ASN B 39 25.44 -64.95 -20.82
C ASN B 39 26.60 -64.61 -21.78
N LYS B 40 27.56 -65.52 -21.84
CA LYS B 40 28.81 -65.30 -22.58
C LYS B 40 28.59 -65.19 -24.09
N GLU B 41 27.40 -65.54 -24.55
CA GLU B 41 27.09 -65.47 -25.98
C GLU B 41 26.38 -64.17 -26.37
N LYS B 42 25.85 -63.44 -25.39
CA LYS B 42 25.07 -62.24 -25.70
C LYS B 42 25.96 -61.14 -26.29
N LYS B 43 25.47 -60.48 -27.35
CA LYS B 43 26.11 -59.29 -27.92
C LYS B 43 25.32 -58.02 -27.57
N TYR B 44 25.99 -56.87 -27.55
CA TYR B 44 25.35 -55.64 -27.04
C TYR B 44 25.50 -54.45 -27.97
N PRO B 45 24.54 -53.51 -27.93
CA PRO B 45 24.79 -52.21 -28.56
C PRO B 45 25.93 -51.51 -27.81
N VAL B 46 26.50 -50.48 -28.39
CA VAL B 46 27.55 -49.74 -27.70
C VAL B 46 27.28 -48.23 -27.74
N LEU B 47 27.60 -47.56 -26.65
CA LEU B 47 27.61 -46.12 -26.59
C LEU B 47 29.02 -45.61 -26.28
N TYR B 48 29.61 -44.88 -27.22
CA TYR B 48 30.88 -44.20 -26.93
C TYR B 48 30.53 -42.88 -26.24
N LEU B 49 31.06 -42.69 -25.03
CA LEU B 49 30.67 -41.59 -24.16
C LEU B 49 31.92 -40.77 -23.79
N LEU B 50 32.05 -39.60 -24.40
CA LEU B 50 33.31 -38.86 -24.40
C LEU B 50 33.36 -37.81 -23.29
N HIS B 51 34.55 -37.64 -22.72
CA HIS B 51 34.74 -36.64 -21.67
C HIS B 51 35.19 -35.30 -22.25
N GLY B 52 35.26 -34.29 -21.38
CA GLY B 52 35.60 -32.94 -21.79
C GLY B 52 37.08 -32.60 -21.61
N MET B 53 37.43 -31.36 -21.93
CA MET B 53 38.80 -30.89 -21.79
C MET B 53 39.24 -30.94 -20.33
N TRP B 54 40.54 -31.17 -20.12
CA TRP B 54 41.13 -31.32 -18.79
C TRP B 54 40.83 -32.67 -18.13
N GLU B 55 39.79 -33.34 -18.58
CA GLU B 55 39.32 -34.56 -17.93
C GLU B 55 39.99 -35.80 -18.52
N THR B 56 39.81 -36.95 -17.89
CA THR B 56 40.32 -38.21 -18.44
C THR B 56 39.22 -39.27 -18.36
N ASN B 57 39.54 -40.50 -18.77
CA ASN B 57 38.51 -41.52 -18.96
C ASN B 57 37.59 -41.90 -17.76
N PRO B 58 38.10 -41.85 -16.51
CA PRO B 58 37.23 -42.32 -15.42
C PRO B 58 36.09 -41.39 -15.01
N VAL B 59 36.01 -40.19 -15.57
CA VAL B 59 35.11 -39.18 -15.01
C VAL B 59 33.64 -39.55 -15.19
N TRP B 60 33.31 -40.26 -16.26
CA TRP B 60 31.91 -40.61 -16.51
C TRP B 60 31.44 -41.64 -15.49
N ALA B 61 32.31 -42.59 -15.15
CA ALA B 61 31.97 -43.54 -14.09
C ALA B 61 31.97 -42.86 -12.71
N GLU B 62 32.98 -42.05 -12.43
CA GLU B 62 33.16 -41.56 -11.06
C GLU B 62 32.27 -40.37 -10.70
N ARG B 63 32.07 -39.45 -11.62
CA ARG B 63 31.26 -38.27 -11.32
C ARG B 63 29.91 -38.33 -12.07
N GLY B 64 29.92 -38.94 -13.26
CA GLY B 64 28.68 -39.17 -14.00
C GLY B 64 27.83 -40.29 -13.40
N HIS B 65 28.45 -41.13 -12.58
CA HIS B 65 27.76 -42.27 -11.96
C HIS B 65 27.04 -43.17 -12.98
N VAL B 66 27.71 -43.42 -14.11
CA VAL B 66 27.16 -44.20 -15.20
C VAL B 66 26.54 -45.52 -14.75
N LYS B 67 27.27 -46.27 -13.93
CA LYS B 67 26.77 -47.57 -13.52
C LYS B 67 25.47 -47.46 -12.73
N ASP B 68 25.39 -46.51 -11.81
CA ASP B 68 24.18 -46.33 -11.00
C ASP B 68 22.97 -45.91 -11.85
N VAL B 69 23.20 -45.07 -12.85
CA VAL B 69 22.12 -44.61 -13.71
C VAL B 69 21.66 -45.78 -14.58
N MET B 70 22.62 -46.51 -15.14
CA MET B 70 22.27 -47.68 -15.95
C MET B 70 21.53 -48.73 -15.14
N ASP B 71 21.98 -48.99 -13.91
CA ASP B 71 21.28 -49.96 -13.08
C ASP B 71 19.81 -49.53 -12.87
N ARG B 72 19.57 -48.25 -12.68
CA ARG B 72 18.20 -47.76 -12.55
C ARG B 72 17.39 -47.99 -13.84
N LEU B 73 17.92 -47.50 -14.96
CA LEU B 73 17.16 -47.47 -16.21
C LEU B 73 17.04 -48.85 -16.87
N VAL B 74 18.02 -49.71 -16.65
CA VAL B 74 17.92 -51.08 -17.13
C VAL B 74 16.81 -51.80 -16.37
N ALA B 75 16.73 -51.59 -15.06
CA ALA B 75 15.72 -52.26 -14.25
C ALA B 75 14.30 -51.81 -14.60
N SER B 76 14.15 -50.55 -15.01
CA SER B 76 12.80 -50.05 -15.33
C SER B 76 12.46 -50.29 -16.80
N GLY B 77 13.45 -50.74 -17.57
CA GLY B 77 13.26 -50.98 -18.97
C GLY B 77 13.47 -49.77 -19.87
N GLU B 78 13.69 -48.60 -19.27
CA GLU B 78 13.88 -47.38 -20.03
C GLU B 78 15.15 -47.38 -20.87
N ALA B 79 16.14 -48.15 -20.46
CA ALA B 79 17.33 -48.32 -21.27
C ALA B 79 17.60 -49.80 -21.42
N CYS B 80 18.23 -50.17 -22.53
CA CYS B 80 18.65 -51.56 -22.71
C CYS B 80 20.07 -51.75 -22.19
N GLU B 81 20.44 -53.00 -21.93
CA GLU B 81 21.83 -53.29 -21.64
C GLU B 81 22.69 -52.90 -22.82
N MET B 82 23.77 -52.18 -22.55
CA MET B 82 24.68 -51.75 -23.58
C MET B 82 26.08 -51.62 -23.01
N ILE B 83 27.09 -51.77 -23.86
CA ILE B 83 28.46 -51.43 -23.50
C ILE B 83 28.60 -49.91 -23.55
N ILE B 84 29.16 -49.30 -22.52
CA ILE B 84 29.43 -47.87 -22.54
C ILE B 84 30.92 -47.69 -22.32
N VAL B 85 31.59 -46.93 -23.19
CA VAL B 85 33.03 -46.79 -23.04
C VAL B 85 33.52 -45.35 -23.24
N THR B 86 34.48 -44.98 -22.40
CA THR B 86 35.08 -43.66 -22.42
C THR B 86 36.59 -43.80 -22.60
N PRO B 87 37.12 -43.40 -23.76
CA PRO B 87 38.57 -43.42 -23.97
C PRO B 87 39.23 -42.19 -23.37
N ASN B 88 40.51 -42.28 -22.99
CA ASN B 88 41.22 -41.09 -22.56
C ASN B 88 41.62 -40.22 -23.77
N ALA B 89 41.14 -38.98 -23.77
CA ALA B 89 41.49 -38.01 -24.80
C ALA B 89 41.88 -36.70 -24.13
N GLY B 90 42.29 -36.77 -22.88
CA GLY B 90 42.52 -35.56 -22.11
C GLY B 90 43.73 -35.58 -21.19
N GLY B 91 43.61 -34.83 -20.10
CA GLY B 91 44.71 -34.64 -19.17
C GLY B 91 45.02 -33.16 -19.05
N ASN B 92 46.05 -32.85 -18.26
CA ASN B 92 46.64 -31.51 -18.20
C ASN B 92 47.02 -31.01 -19.59
N ILE B 93 46.29 -30.01 -20.09
CA ILE B 93 46.44 -29.53 -21.47
C ILE B 93 47.80 -28.91 -21.78
N HIS B 94 48.54 -28.56 -20.74
CA HIS B 94 49.87 -27.99 -20.93
C HIS B 94 50.88 -29.06 -21.30
N LEU B 95 50.68 -30.29 -20.82
CA LEU B 95 51.62 -31.37 -21.08
C LEU B 95 51.02 -32.48 -21.94
N GLU B 96 49.71 -32.63 -21.89
CA GLU B 96 49.06 -33.76 -22.54
C GLU B 96 48.07 -33.32 -23.62
N TRP B 97 48.05 -34.07 -24.72
CA TRP B 97 47.14 -33.79 -25.83
C TRP B 97 45.66 -33.91 -25.43
N ASN B 98 44.90 -32.85 -25.67
CA ASN B 98 43.46 -32.91 -25.53
C ASN B 98 42.81 -32.89 -26.92
N GLY B 99 41.79 -33.71 -27.14
CA GLY B 99 41.07 -33.61 -28.40
C GLY B 99 40.77 -34.91 -29.10
N TYR B 100 39.90 -34.86 -30.11
CA TYR B 100 39.35 -36.08 -30.71
C TYR B 100 39.65 -36.21 -32.21
N PHE B 101 40.14 -35.14 -32.81
CA PHE B 101 40.38 -35.13 -34.25
C PHE B 101 41.87 -35.35 -34.53
N ASP B 102 42.22 -35.68 -35.76
CA ASP B 102 43.64 -35.84 -36.13
C ASP B 102 44.33 -34.48 -36.14
N MET B 103 45.36 -34.34 -35.31
CA MET B 103 46.12 -33.10 -35.23
C MET B 103 47.59 -33.38 -35.54
N PRO B 104 48.32 -32.36 -36.00
CA PRO B 104 49.76 -32.52 -36.25
C PRO B 104 50.46 -33.09 -35.03
N GLY B 105 51.00 -34.31 -35.17
CA GLY B 105 51.68 -34.96 -34.08
C GLY B 105 50.79 -35.83 -33.20
N TRP B 106 49.50 -35.88 -33.51
CA TRP B 106 48.57 -36.60 -32.63
C TRP B 106 47.31 -36.99 -33.39
N LYS B 107 47.32 -38.16 -34.01
CA LYS B 107 46.23 -38.56 -34.89
C LYS B 107 45.19 -39.35 -34.09
N TYR B 108 44.49 -38.64 -33.20
CA TYR B 108 43.60 -39.31 -32.26
C TYR B 108 42.45 -39.99 -32.98
N GLU B 109 41.91 -39.34 -34.00
CA GLU B 109 40.76 -39.89 -34.69
C GLU B 109 41.15 -41.19 -35.41
N THR B 110 42.31 -41.18 -36.07
CA THR B 110 42.80 -42.41 -36.70
C THR B 110 42.95 -43.53 -35.66
N PHE B 111 43.48 -43.18 -34.48
CA PHE B 111 43.53 -44.11 -33.37
C PHE B 111 42.15 -44.64 -33.03
N PHE B 112 41.19 -43.73 -32.93
CA PHE B 112 39.84 -44.11 -32.49
C PHE B 112 39.22 -45.15 -33.43
N TYR B 113 39.31 -44.92 -34.73
CA TYR B 113 38.59 -45.76 -35.67
C TYR B 113 39.38 -47.01 -36.09
N THR B 114 40.70 -46.91 -36.16
CA THR B 114 41.46 -48.06 -36.65
C THR B 114 42.00 -48.94 -35.55
N GLU B 115 42.03 -48.44 -34.31
CA GLU B 115 42.57 -49.24 -33.22
C GLU B 115 41.61 -49.41 -32.06
N PHE B 116 41.06 -48.31 -31.57
CA PHE B 116 40.27 -48.36 -30.36
C PHE B 116 38.95 -49.09 -30.60
N LEU B 117 38.19 -48.63 -31.59
CA LEU B 117 36.87 -49.22 -31.85
C LEU B 117 36.96 -50.73 -32.13
N PRO B 118 37.87 -51.14 -33.03
CA PRO B 118 38.01 -52.58 -33.29
C PRO B 118 38.35 -53.39 -32.05
N TYR B 119 39.24 -52.86 -31.23
CA TYR B 119 39.65 -53.54 -30.01
C TYR B 119 38.46 -53.69 -29.05
N ILE B 120 37.73 -52.61 -28.83
CA ILE B 120 36.61 -52.60 -27.89
C ILE B 120 35.46 -53.51 -28.33
N GLU B 121 35.10 -53.41 -29.61
CA GLU B 121 33.91 -54.12 -30.07
C GLU B 121 34.16 -55.62 -30.15
N LYS B 122 35.41 -56.00 -30.37
CA LYS B 122 35.80 -57.41 -30.29
C LYS B 122 35.82 -57.88 -28.85
N LYS B 123 36.56 -57.17 -28.01
CA LYS B 123 36.75 -57.58 -26.63
C LYS B 123 35.46 -57.58 -25.80
N TYR B 124 34.60 -56.59 -26.02
CA TYR B 124 33.44 -56.50 -25.15
C TYR B 124 32.13 -56.87 -25.84
N ARG B 125 32.24 -57.64 -26.92
CA ARG B 125 31.10 -58.34 -27.53
C ARG B 125 30.03 -57.38 -28.01
N VAL B 126 30.46 -56.38 -28.76
CA VAL B 126 29.54 -55.42 -29.32
C VAL B 126 28.96 -55.97 -30.63
N ILE B 127 27.70 -55.64 -30.90
CA ILE B 127 27.00 -56.19 -32.06
C ILE B 127 27.77 -55.82 -33.33
N GLY B 128 28.15 -54.55 -33.44
CA GLY B 128 29.07 -54.16 -34.51
C GLY B 128 28.48 -53.50 -35.74
N ASP B 129 27.15 -53.40 -35.82
CA ASP B 129 26.55 -52.68 -36.94
C ASP B 129 26.19 -51.25 -36.53
N ARG B 130 25.96 -50.40 -37.54
CA ARG B 130 25.67 -48.98 -37.34
C ARG B 130 24.44 -48.76 -36.47
N GLN B 131 23.44 -49.63 -36.67
CA GLN B 131 22.17 -49.54 -35.96
C GLN B 131 22.32 -49.66 -34.43
N HIS B 132 23.39 -50.29 -33.96
CA HIS B 132 23.57 -50.45 -32.52
C HIS B 132 24.86 -49.78 -32.04
N ARG B 133 25.22 -48.68 -32.69
CA ARG B 133 26.40 -47.92 -32.28
C ARG B 133 26.04 -46.45 -32.18
N ALA B 134 26.19 -45.89 -30.99
CA ALA B 134 25.85 -44.49 -30.79
C ALA B 134 27.01 -43.78 -30.11
N ILE B 135 26.94 -42.44 -30.10
CA ILE B 135 28.01 -41.66 -29.50
C ILE B 135 27.47 -40.40 -28.84
N ALA B 136 28.04 -40.07 -27.69
CA ALA B 136 27.61 -38.93 -26.92
C ALA B 136 28.82 -38.33 -26.22
N GLY B 137 28.71 -37.11 -25.72
CA GLY B 137 29.78 -36.54 -24.92
C GLY B 137 29.46 -35.14 -24.43
N LEU B 138 30.28 -34.66 -23.51
CA LEU B 138 30.12 -33.32 -22.95
C LEU B 138 31.27 -32.40 -23.37
N SER B 139 30.93 -31.14 -23.64
CA SER B 139 31.90 -30.11 -23.91
C SER B 139 32.77 -30.48 -25.12
N MET B 140 34.08 -30.48 -24.96
CA MET B 140 34.96 -30.94 -26.06
C MET B 140 34.54 -32.31 -26.62
N GLY B 141 34.07 -33.19 -25.74
CA GLY B 141 33.58 -34.49 -26.15
C GLY B 141 32.24 -34.38 -26.89
N GLY B 142 31.46 -33.35 -26.60
CA GLY B 142 30.19 -33.12 -27.29
C GLY B 142 30.45 -32.72 -28.73
N GLY B 143 31.48 -31.91 -28.92
CA GLY B 143 31.90 -31.52 -30.26
C GLY B 143 32.47 -32.72 -31.00
N GLY B 144 33.29 -33.51 -30.31
CA GLY B 144 33.87 -34.69 -30.91
C GLY B 144 32.80 -35.68 -31.29
N ALA B 145 31.84 -35.89 -30.40
CA ALA B 145 30.71 -36.78 -30.71
C ALA B 145 29.97 -36.30 -31.95
N THR B 146 29.71 -34.99 -32.00
CA THR B 146 28.91 -34.44 -33.07
C THR B 146 29.65 -34.54 -34.42
N ASN B 147 30.91 -34.13 -34.47
CA ASN B 147 31.64 -34.15 -35.73
C ASN B 147 31.93 -35.59 -36.18
N TYR B 148 32.11 -36.51 -35.23
CA TYR B 148 32.25 -37.93 -35.56
C TYR B 148 30.99 -38.43 -36.25
N GLY B 149 29.84 -38.06 -35.70
CA GLY B 149 28.56 -38.43 -36.29
C GLY B 149 28.43 -37.81 -37.68
N GLN B 150 28.88 -36.57 -37.83
CA GLN B 150 28.77 -35.88 -39.10
C GLN B 150 29.59 -36.57 -40.22
N ARG B 151 30.84 -36.90 -39.92
CA ARG B 151 31.76 -37.38 -40.94
C ARG B 151 31.83 -38.90 -41.01
N HIS B 152 31.22 -39.58 -40.05
CA HIS B 152 31.16 -41.04 -40.02
C HIS B 152 29.72 -41.50 -39.85
N SER B 153 28.83 -40.96 -40.66
CA SER B 153 27.41 -41.29 -40.54
C SER B 153 27.16 -42.78 -40.83
N ASP B 154 28.11 -43.45 -41.47
CA ASP B 154 27.95 -44.88 -41.72
C ASP B 154 28.30 -45.71 -40.47
N MET B 155 28.79 -45.07 -39.42
CA MET B 155 29.16 -45.79 -38.19
C MET B 155 28.22 -45.59 -36.99
N PHE B 156 27.45 -44.51 -36.97
CA PHE B 156 26.65 -44.14 -35.80
C PHE B 156 25.19 -43.95 -36.13
N CYS B 157 24.31 -44.50 -35.31
CA CYS B 157 22.88 -44.30 -35.52
C CYS B 157 22.37 -43.05 -34.80
N ALA B 158 23.08 -42.62 -33.77
CA ALA B 158 22.59 -41.50 -32.94
C ALA B 158 23.72 -40.73 -32.28
N VAL B 159 23.49 -39.44 -32.08
CA VAL B 159 24.43 -38.54 -31.42
C VAL B 159 23.70 -37.76 -30.34
N TYR B 160 24.24 -37.77 -29.12
CA TYR B 160 23.69 -36.95 -28.03
C TYR B 160 24.78 -35.99 -27.59
N ALA B 161 24.58 -34.70 -27.87
CA ALA B 161 25.60 -33.67 -27.62
C ALA B 161 25.28 -32.83 -26.38
N MET B 162 26.11 -32.92 -25.34
CA MET B 162 25.87 -32.19 -24.09
C MET B 162 26.79 -30.98 -23.96
N SER B 163 26.20 -29.79 -23.81
CA SER B 163 26.99 -28.57 -23.60
C SER B 163 28.16 -28.56 -24.57
N ALA B 164 27.88 -28.85 -25.83
CA ALA B 164 28.92 -29.28 -26.77
C ALA B 164 29.77 -28.14 -27.29
N LEU B 165 31.06 -28.41 -27.45
CA LEU B 165 31.95 -27.46 -28.11
C LEU B 165 31.73 -27.54 -29.63
N MET B 166 30.57 -27.05 -30.09
CA MET B 166 30.22 -27.12 -31.51
C MET B 166 31.21 -26.34 -32.37
N SER B 167 31.69 -25.22 -31.83
CA SER B 167 32.85 -24.51 -32.34
C SER B 167 33.38 -23.66 -31.18
N ILE B 168 34.42 -22.86 -31.44
CA ILE B 168 34.98 -21.99 -30.40
C ILE B 168 34.02 -20.84 -30.09
N PRO B 169 33.71 -20.63 -28.81
CA PRO B 169 32.83 -19.52 -28.41
C PRO B 169 33.46 -18.16 -28.71
N GLU B 170 32.68 -17.09 -28.66
CA GLU B 170 33.23 -15.74 -28.86
C GLU B 170 33.71 -15.11 -27.56
N GLN B 171 33.48 -15.81 -26.46
CA GLN B 171 33.90 -15.35 -25.14
C GLN B 171 34.44 -16.51 -24.33
N PRO B 175 42.93 -16.76 -25.38
CA PRO B 175 43.88 -17.16 -26.43
C PRO B 175 45.27 -17.43 -25.86
N ALA B 176 45.84 -18.60 -26.13
CA ALA B 176 47.16 -18.94 -25.62
C ALA B 176 48.21 -18.00 -26.20
N ASP B 177 49.22 -17.67 -25.39
CA ASP B 177 50.31 -16.83 -25.87
C ASP B 177 51.12 -17.58 -26.95
N ASP B 178 51.27 -18.89 -26.79
CA ASP B 178 52.05 -19.71 -27.72
C ASP B 178 51.15 -20.36 -28.78
N PRO B 179 51.24 -19.90 -30.03
CA PRO B 179 50.40 -20.41 -31.12
C PRO B 179 50.74 -21.84 -31.51
N ASN B 180 51.83 -22.38 -30.98
CA ASN B 180 52.16 -23.77 -31.30
C ASN B 180 52.04 -24.70 -30.10
N SER B 181 51.39 -24.23 -29.05
CA SER B 181 51.09 -25.07 -27.89
C SER B 181 49.96 -26.06 -28.21
N LYS B 182 49.84 -27.09 -27.38
CA LYS B 182 48.81 -28.10 -27.57
C LYS B 182 47.40 -27.51 -27.55
N ILE B 183 47.15 -26.55 -26.67
CA ILE B 183 45.83 -25.91 -26.63
C ILE B 183 45.58 -25.06 -27.86
N ALA B 184 46.62 -24.40 -28.39
CA ALA B 184 46.48 -23.62 -29.61
C ALA B 184 46.18 -24.53 -30.81
N ILE B 185 46.86 -25.66 -30.87
CA ILE B 185 46.63 -26.65 -31.93
C ILE B 185 45.20 -27.22 -31.84
N LEU B 186 44.75 -27.51 -30.63
CA LEU B 186 43.37 -27.96 -30.41
C LEU B 186 42.38 -26.89 -30.87
N THR B 187 42.64 -25.63 -30.53
CA THR B 187 41.74 -24.55 -30.92
C THR B 187 41.56 -24.50 -32.43
N ARG B 188 42.65 -24.56 -33.16
CA ARG B 188 42.57 -24.50 -34.62
C ARG B 188 41.88 -25.75 -35.18
N SER B 189 42.08 -26.90 -34.53
CA SER B 189 41.43 -28.13 -34.94
C SER B 189 39.91 -28.05 -34.79
N VAL B 190 39.45 -27.48 -33.68
CA VAL B 190 38.02 -27.35 -33.42
C VAL B 190 37.36 -26.39 -34.42
N ILE B 191 38.04 -25.28 -34.70
CA ILE B 191 37.59 -24.31 -35.69
C ILE B 191 37.51 -24.94 -37.08
N GLU B 192 38.57 -25.65 -37.45
CA GLU B 192 38.63 -26.28 -38.77
C GLU B 192 37.51 -27.30 -38.95
N ASN B 193 37.12 -27.95 -37.85
CA ASN B 193 36.10 -28.99 -37.89
C ASN B 193 34.78 -28.54 -37.27
N SER B 194 34.52 -27.24 -37.30
CA SER B 194 33.32 -26.68 -36.69
C SER B 194 32.08 -27.47 -37.09
N CYS B 195 31.33 -27.91 -36.08
CA CYS B 195 30.12 -28.67 -36.32
C CYS B 195 29.05 -27.76 -36.94
N VAL B 196 29.13 -26.47 -36.64
CA VAL B 196 28.18 -25.53 -37.21
C VAL B 196 28.46 -25.35 -38.70
N LYS B 197 29.72 -25.09 -39.02
CA LYS B 197 30.16 -24.94 -40.40
C LYS B 197 29.81 -26.13 -41.28
N TYR B 198 30.00 -27.33 -40.74
CA TYR B 198 29.73 -28.55 -41.49
C TYR B 198 28.28 -28.59 -41.96
N VAL B 199 27.38 -28.11 -41.12
CA VAL B 199 25.96 -28.11 -41.48
C VAL B 199 25.66 -26.96 -42.46
N MET B 200 26.20 -25.78 -42.18
CA MET B 200 25.89 -24.62 -43.01
C MET B 200 26.36 -24.75 -44.46
N GLU B 201 27.45 -25.48 -44.68
CA GLU B 201 28.00 -25.59 -46.04
C GLU B 201 27.46 -26.80 -46.80
N ALA B 202 26.52 -27.52 -46.19
CA ALA B 202 26.05 -28.78 -46.78
C ALA B 202 25.35 -28.62 -48.13
N ASP B 203 25.65 -29.52 -49.05
CA ASP B 203 24.86 -29.66 -50.26
C ASP B 203 23.74 -30.65 -49.95
N GLU B 204 22.93 -30.98 -50.94
CA GLU B 204 21.79 -31.87 -50.72
C GLU B 204 22.21 -33.29 -50.32
N ASP B 205 23.30 -33.79 -50.91
CA ASP B 205 23.82 -35.10 -50.53
C ASP B 205 24.26 -35.15 -49.07
N ARG B 206 24.89 -34.08 -48.59
CA ARG B 206 25.35 -34.08 -47.20
C ARG B 206 24.14 -34.00 -46.26
N LYS B 207 23.16 -33.19 -46.63
CA LYS B 207 21.95 -33.08 -45.82
C LYS B 207 21.28 -34.45 -45.70
N ALA B 208 21.24 -35.19 -46.80
CA ALA B 208 20.62 -36.51 -46.77
C ALA B 208 21.37 -37.47 -45.85
N ASP B 209 22.70 -37.40 -45.84
CA ASP B 209 23.46 -38.24 -44.93
C ASP B 209 23.19 -37.85 -43.47
N LEU B 210 23.12 -36.56 -43.20
CA LEU B 210 22.91 -36.09 -41.83
C LEU B 210 21.55 -36.57 -41.33
N ARG B 211 20.56 -36.62 -42.24
CA ARG B 211 19.23 -37.10 -41.91
C ARG B 211 19.17 -38.59 -41.55
N SER B 212 20.20 -39.35 -41.92
CA SER B 212 20.24 -40.77 -41.59
C SER B 212 20.65 -41.00 -40.13
N VAL B 213 21.05 -39.91 -39.46
CA VAL B 213 21.47 -39.97 -38.05
C VAL B 213 20.45 -39.28 -37.15
N ALA B 214 20.21 -39.82 -35.96
CA ALA B 214 19.33 -39.18 -34.99
C ALA B 214 20.13 -38.24 -34.10
N TRP B 215 19.67 -37.00 -33.93
CA TRP B 215 20.45 -35.99 -33.18
C TRP B 215 19.68 -35.42 -32.00
N PHE B 216 20.40 -35.22 -30.89
CA PHE B 216 19.85 -34.66 -29.68
C PHE B 216 20.88 -33.68 -29.11
N VAL B 217 20.50 -32.42 -28.94
CA VAL B 217 21.37 -31.36 -28.46
C VAL B 217 20.80 -30.82 -27.14
N ASP B 218 21.60 -30.86 -26.09
CA ASP B 218 21.16 -30.53 -24.73
C ASP B 218 22.18 -29.57 -24.10
N CYS B 219 21.80 -28.31 -23.87
CA CYS B 219 22.73 -27.31 -23.36
C CYS B 219 22.02 -26.31 -22.43
N GLY B 220 22.62 -26.04 -21.27
CA GLY B 220 21.97 -25.22 -20.25
C GLY B 220 21.88 -23.71 -20.50
N ASP B 221 20.93 -23.05 -19.86
CA ASP B 221 20.71 -21.65 -20.20
C ASP B 221 21.84 -20.76 -19.71
N ASP B 222 22.65 -21.24 -18.77
CA ASP B 222 23.74 -20.44 -18.22
C ASP B 222 25.10 -20.84 -18.75
N ASP B 223 25.11 -21.67 -19.79
CA ASP B 223 26.34 -22.22 -20.33
C ASP B 223 27.00 -21.25 -21.32
N PHE B 224 28.30 -21.03 -21.18
CA PHE B 224 29.01 -20.17 -22.15
C PHE B 224 29.02 -20.71 -23.59
N LEU B 225 28.67 -21.99 -23.77
CA LEU B 225 28.60 -22.56 -25.12
C LEU B 225 27.18 -22.60 -25.68
N LEU B 226 26.22 -22.01 -24.96
CA LEU B 226 24.82 -22.03 -25.41
C LEU B 226 24.69 -21.43 -26.80
N ASP B 227 25.36 -20.30 -27.04
CA ASP B 227 25.19 -19.60 -28.33
C ASP B 227 25.64 -20.47 -29.52
N ARG B 228 26.76 -21.19 -29.37
CA ARG B 228 27.23 -22.08 -30.43
C ARG B 228 26.29 -23.25 -30.67
N ASN B 229 25.68 -23.77 -29.60
CA ASN B 229 24.70 -24.85 -29.75
C ASN B 229 23.40 -24.37 -30.39
N ILE B 230 23.02 -23.14 -30.11
CA ILE B 230 21.88 -22.51 -30.78
C ILE B 230 22.17 -22.41 -32.29
N GLU B 231 23.36 -21.97 -32.65
CA GLU B 231 23.72 -21.86 -34.07
C GLU B 231 23.68 -23.22 -34.76
N PHE B 232 24.12 -24.25 -34.03
CA PHE B 232 24.10 -25.60 -34.57
C PHE B 232 22.66 -26.04 -34.80
N TYR B 233 21.80 -25.82 -33.79
CA TYR B 233 20.42 -26.24 -33.91
C TYR B 233 19.72 -25.46 -35.04
N GLN B 234 19.93 -24.16 -35.09
CA GLN B 234 19.31 -23.34 -36.14
C GLN B 234 19.76 -23.77 -37.55
N ALA B 235 21.04 -24.09 -37.72
CA ALA B 235 21.54 -24.59 -39.01
C ALA B 235 20.87 -25.91 -39.41
N MET B 236 20.74 -26.81 -38.43
CA MET B 236 20.12 -28.11 -38.66
C MET B 236 18.67 -27.94 -39.03
N ARG B 237 17.93 -27.17 -38.22
CA ARG B 237 16.51 -26.95 -38.42
C ARG B 237 16.29 -26.29 -39.78
N ASN B 238 17.15 -25.34 -40.12
CA ASN B 238 17.02 -24.65 -41.41
C ASN B 238 17.36 -25.55 -42.60
N ALA B 239 18.23 -26.54 -42.37
CA ALA B 239 18.63 -27.47 -43.43
C ALA B 239 17.65 -28.63 -43.58
N GLY B 240 16.64 -28.67 -42.73
CA GLY B 240 15.67 -29.75 -42.73
C GLY B 240 16.22 -31.06 -42.21
N VAL B 241 17.14 -30.98 -41.25
CA VAL B 241 17.68 -32.18 -40.61
C VAL B 241 17.06 -32.28 -39.20
N PRO B 242 16.19 -33.28 -39.00
CA PRO B 242 15.51 -33.42 -37.72
C PRO B 242 16.50 -33.48 -36.55
N CYS B 243 16.18 -32.76 -35.47
CA CYS B 243 17.09 -32.65 -34.35
C CYS B 243 16.29 -32.22 -33.11
N GLN B 244 16.49 -32.89 -31.98
CA GLN B 244 15.90 -32.42 -30.72
C GLN B 244 16.82 -31.40 -30.07
N PHE B 245 16.25 -30.35 -29.48
CA PHE B 245 17.03 -29.31 -28.80
C PHE B 245 16.39 -29.06 -27.45
N ARG B 246 17.20 -29.14 -26.38
CA ARG B 246 16.74 -28.87 -25.01
C ARG B 246 17.67 -27.84 -24.39
N VAL B 247 17.08 -26.81 -23.80
CA VAL B 247 17.83 -25.87 -22.98
C VAL B 247 17.21 -25.98 -21.61
N ARG B 248 17.93 -26.63 -20.70
CA ARG B 248 17.48 -26.82 -19.34
C ARG B 248 18.20 -25.81 -18.46
N ASP B 249 17.75 -25.70 -17.22
CA ASP B 249 18.43 -24.86 -16.24
C ASP B 249 19.84 -25.37 -16.00
N GLY B 250 20.83 -24.48 -16.03
CA GLY B 250 22.15 -24.84 -15.52
C GLY B 250 23.28 -24.39 -16.40
N GLY B 251 24.48 -24.76 -16.01
CA GLY B 251 25.66 -24.33 -16.73
C GLY B 251 26.59 -25.47 -17.11
N HIS B 252 27.87 -25.13 -17.20
CA HIS B 252 28.86 -26.05 -17.71
C HIS B 252 29.38 -26.89 -16.55
N ASP B 253 28.57 -27.84 -16.09
CA ASP B 253 28.88 -28.53 -14.83
C ASP B 253 28.35 -29.97 -14.80
N TRP B 254 28.82 -30.73 -13.80
CA TRP B 254 28.52 -32.15 -13.79
C TRP B 254 27.10 -32.47 -13.37
N GLU B 255 26.40 -31.55 -12.71
CA GLU B 255 25.00 -31.84 -12.47
C GLU B 255 24.23 -31.82 -13.80
N TYR B 256 24.66 -30.99 -14.74
CA TYR B 256 24.04 -30.95 -16.06
C TYR B 256 24.31 -32.24 -16.81
N TRP B 257 25.54 -32.73 -16.73
CA TRP B 257 25.95 -33.88 -17.54
C TRP B 257 25.45 -35.19 -16.95
N HIS B 258 25.44 -35.29 -15.61
CA HIS B 258 24.86 -36.46 -14.96
C HIS B 258 23.38 -36.55 -15.26
N SER B 259 22.66 -35.44 -15.12
CA SER B 259 21.22 -35.44 -15.41
C SER B 259 20.95 -35.69 -16.90
N ALA B 260 21.88 -35.31 -17.75
CA ALA B 260 21.67 -35.53 -19.19
C ALA B 260 21.61 -37.02 -19.49
N LEU B 261 22.28 -37.83 -18.68
CA LEU B 261 22.29 -39.28 -18.88
C LEU B 261 20.91 -39.88 -18.84
N TYR B 262 20.04 -39.32 -18.00
CA TYR B 262 18.66 -39.80 -17.90
C TYR B 262 17.81 -39.49 -19.14
N GLN B 263 18.29 -38.59 -20.00
CA GLN B 263 17.65 -38.37 -21.30
C GLN B 263 18.41 -39.15 -22.40
N CYS B 264 19.73 -39.20 -22.29
CA CYS B 264 20.59 -39.82 -23.29
C CYS B 264 20.41 -41.34 -23.41
N LEU B 265 20.42 -42.05 -22.29
CA LEU B 265 20.42 -43.50 -22.33
C LEU B 265 19.09 -44.06 -22.89
N PRO B 266 17.94 -43.47 -22.49
CA PRO B 266 16.68 -43.87 -23.11
C PRO B 266 16.59 -43.48 -24.58
N PHE B 267 17.17 -42.34 -24.96
CA PHE B 267 17.16 -41.89 -26.36
C PHE B 267 17.92 -42.87 -27.26
N VAL B 268 19.15 -43.26 -26.88
CA VAL B 268 19.90 -44.15 -27.76
C VAL B 268 19.26 -45.53 -27.76
N THR B 269 18.64 -45.90 -26.66
CA THR B 269 17.93 -47.18 -26.60
C THR B 269 16.81 -47.20 -27.63
N ARG B 270 16.09 -46.08 -27.74
CA ARG B 270 15.00 -45.98 -28.69
C ARG B 270 15.54 -46.11 -30.10
N ILE B 271 16.66 -45.45 -30.39
CA ILE B 271 17.20 -45.49 -31.74
C ILE B 271 17.78 -46.87 -32.08
N PHE B 272 18.39 -47.52 -31.09
CA PHE B 272 18.91 -48.88 -31.27
C PHE B 272 17.84 -49.86 -31.77
N GLY B 273 16.62 -49.68 -31.27
CA GLY B 273 15.55 -50.66 -31.44
C GLY B 273 14.81 -50.59 -32.76
N PRO C 5 39.72 -17.41 -7.93
CA PRO C 5 40.13 -16.61 -6.78
C PRO C 5 39.38 -15.29 -6.71
N TRP C 6 39.00 -14.80 -7.89
CA TRP C 6 38.27 -13.54 -8.04
C TRP C 6 36.77 -13.69 -7.78
N ASN C 7 36.33 -14.88 -7.40
CA ASN C 7 34.93 -15.13 -7.08
C ASN C 7 34.71 -15.61 -5.65
N PHE C 8 33.58 -15.25 -5.07
CA PHE C 8 33.07 -15.92 -3.88
C PHE C 8 32.41 -17.21 -4.31
N GLN C 9 32.52 -18.25 -3.48
CA GLN C 9 31.88 -19.52 -3.80
C GLN C 9 31.36 -20.22 -2.57
N SER C 10 30.26 -20.96 -2.74
CA SER C 10 29.76 -21.82 -1.67
C SER C 10 30.85 -22.84 -1.37
N LYS C 11 30.83 -23.34 -0.14
CA LYS C 11 31.92 -24.17 0.38
C LYS C 11 31.37 -25.31 1.18
N VAL C 12 32.05 -26.44 1.13
CA VAL C 12 31.78 -27.53 2.04
C VAL C 12 32.95 -27.62 3.01
N VAL C 13 32.67 -27.59 4.30
CA VAL C 13 33.74 -27.60 5.30
C VAL C 13 33.53 -28.79 6.22
N THR C 14 34.60 -29.49 6.56
CA THR C 14 34.53 -30.58 7.53
C THR C 14 35.32 -30.20 8.79
N ASP C 15 34.69 -30.31 9.94
CA ASP C 15 35.36 -29.99 11.20
C ASP C 15 34.91 -30.98 12.28
N THR C 16 35.34 -30.74 13.52
CA THR C 16 34.93 -31.61 14.63
C THR C 16 34.57 -30.79 15.85
N LEU C 17 33.59 -31.29 16.60
CA LEU C 17 33.22 -30.75 17.90
C LEU C 17 33.46 -31.82 18.97
N PHE C 18 34.10 -31.47 20.08
CA PHE C 18 34.23 -32.47 21.13
C PHE C 18 32.99 -32.51 22.01
N SER C 19 32.39 -33.69 22.15
CA SER C 19 31.19 -33.85 22.96
C SER C 19 31.52 -34.39 24.36
N LYS C 20 31.13 -33.64 25.39
CA LYS C 20 31.25 -34.07 26.77
C LYS C 20 30.19 -35.12 27.08
N VAL C 21 29.00 -34.94 26.52
CA VAL C 21 27.93 -35.94 26.67
C VAL C 21 28.36 -37.34 26.19
N LEU C 22 29.10 -37.39 25.09
CA LEU C 22 29.47 -38.67 24.47
C LEU C 22 30.90 -39.07 24.79
N ASN C 23 31.67 -38.12 25.33
CA ASN C 23 33.11 -38.28 25.48
C ASN C 23 33.78 -38.67 24.17
N SER C 24 33.51 -37.89 23.13
CA SER C 24 33.93 -38.27 21.79
C SER C 24 34.04 -37.04 20.89
N LYS C 25 35.10 -36.98 20.10
CA LYS C 25 35.18 -36.02 19.00
C LYS C 25 34.11 -36.39 17.97
N ARG C 26 33.25 -35.44 17.63
CA ARG C 26 32.23 -35.70 16.64
C ARG C 26 32.51 -34.86 15.40
N ALA C 27 32.83 -35.53 14.31
CA ALA C 27 33.04 -34.84 13.04
C ALA C 27 31.70 -34.40 12.46
N TYR C 28 31.75 -33.35 11.65
CA TYR C 28 30.58 -32.91 10.93
C TYR C 28 31.02 -32.26 9.63
N THR C 29 30.09 -32.18 8.67
CA THR C 29 30.37 -31.58 7.38
C THR C 29 29.27 -30.55 7.12
N VAL C 30 29.66 -29.33 6.78
CA VAL C 30 28.66 -28.29 6.64
C VAL C 30 28.79 -27.62 5.28
N PHE C 31 27.66 -27.31 4.66
CA PHE C 31 27.63 -26.49 3.46
C PHE C 31 27.48 -25.01 3.82
N LEU C 32 28.36 -24.17 3.30
CA LEU C 32 28.27 -22.73 3.54
C LEU C 32 27.94 -21.98 2.24
N PRO C 33 26.86 -21.18 2.25
CA PRO C 33 26.44 -20.40 1.08
C PRO C 33 27.54 -19.52 0.46
N LYS C 34 27.35 -19.19 -0.81
CA LYS C 34 28.29 -18.34 -1.55
C LYS C 34 28.47 -16.97 -0.88
N SER C 35 27.42 -16.47 -0.25
CA SER C 35 27.47 -15.17 0.41
C SER C 35 28.07 -15.19 1.82
N PHE C 36 28.47 -16.36 2.30
CA PHE C 36 28.86 -16.49 3.71
C PHE C 36 30.05 -15.59 4.05
N GLU C 37 31.08 -15.59 3.21
CA GLU C 37 32.27 -14.77 3.41
C GLU C 37 32.08 -13.33 2.95
N GLN C 38 31.01 -13.09 2.20
CA GLN C 38 30.81 -11.82 1.52
C GLN C 38 29.94 -10.87 2.34
N ASN C 39 28.86 -11.39 2.90
CA ASN C 39 28.00 -10.61 3.78
C ASN C 39 28.06 -11.17 5.19
N LYS C 40 29.11 -10.78 5.92
CA LYS C 40 29.40 -11.34 7.24
C LYS C 40 28.29 -11.11 8.28
N GLU C 41 27.28 -10.32 7.94
CA GLU C 41 26.18 -10.08 8.88
C GLU C 41 24.92 -10.89 8.54
N LYS C 42 24.92 -11.56 7.40
CA LYS C 42 23.73 -12.31 6.99
C LYS C 42 23.53 -13.52 7.89
N LYS C 43 22.28 -13.74 8.32
CA LYS C 43 21.90 -14.94 9.04
C LYS C 43 21.10 -15.85 8.11
N TYR C 44 21.13 -17.16 8.35
CA TYR C 44 20.56 -18.13 7.42
C TYR C 44 19.62 -19.13 8.08
N PRO C 45 18.67 -19.66 7.30
CA PRO C 45 17.99 -20.86 7.81
C PRO C 45 18.96 -22.05 7.80
N VAL C 46 18.56 -23.14 8.43
CA VAL C 46 19.42 -24.32 8.47
C VAL C 46 18.62 -25.58 8.19
N LEU C 47 19.25 -26.47 7.44
CA LEU C 47 18.75 -27.81 7.23
C LEU C 47 19.74 -28.82 7.84
N TYR C 48 19.27 -29.62 8.80
CA TYR C 48 20.06 -30.74 9.28
C TYR C 48 19.82 -31.92 8.35
N LEU C 49 20.87 -32.40 7.72
CA LEU C 49 20.73 -33.45 6.72
C LEU C 49 21.51 -34.71 7.15
N LEU C 50 20.78 -35.74 7.54
CA LEU C 50 21.36 -36.88 8.25
C LEU C 50 21.69 -38.08 7.34
N HIS C 51 22.81 -38.74 7.63
CA HIS C 51 23.24 -39.90 6.83
C HIS C 51 22.62 -41.20 7.33
N GLY C 52 22.86 -42.28 6.58
CA GLY C 52 22.29 -43.57 6.89
C GLY C 52 23.22 -44.43 7.73
N MET C 53 22.76 -45.62 8.09
CA MET C 53 23.60 -46.58 8.83
C MET C 53 24.85 -46.94 8.02
N TRP C 54 25.95 -47.22 8.72
CA TRP C 54 27.25 -47.54 8.12
C TRP C 54 28.00 -46.32 7.59
N GLU C 55 27.27 -45.25 7.31
CA GLU C 55 27.85 -44.05 6.70
C GLU C 55 28.41 -43.08 7.76
N THR C 56 29.20 -42.12 7.30
CA THR C 56 29.65 -41.04 8.15
C THR C 56 29.32 -39.66 7.51
N ASN C 57 29.71 -38.59 8.20
CA ASN C 57 29.26 -37.24 7.85
C ASN C 57 29.53 -36.73 6.43
N PRO C 58 30.61 -37.19 5.77
CA PRO C 58 30.94 -36.57 4.47
C PRO C 58 30.12 -37.06 3.28
N VAL C 59 29.25 -38.04 3.47
CA VAL C 59 28.63 -38.71 2.33
C VAL C 59 27.66 -37.78 1.55
N TRP C 60 26.93 -36.92 2.24
CA TRP C 60 25.99 -36.02 1.58
C TRP C 60 26.72 -35.04 0.65
N ALA C 61 27.91 -34.59 1.04
CA ALA C 61 28.70 -33.74 0.16
C ALA C 61 29.38 -34.55 -0.95
N GLU C 62 29.93 -35.71 -0.61
CA GLU C 62 30.76 -36.45 -1.56
C GLU C 62 29.94 -37.24 -2.59
N ARG C 63 28.86 -37.86 -2.16
CA ARG C 63 28.04 -38.65 -3.08
C ARG C 63 26.68 -37.97 -3.34
N GLY C 64 26.20 -37.21 -2.38
CA GLY C 64 24.96 -36.47 -2.55
C GLY C 64 25.17 -35.25 -3.41
N HIS C 65 26.43 -34.82 -3.53
CA HIS C 65 26.80 -33.59 -4.25
C HIS C 65 25.98 -32.38 -3.80
N VAL C 66 25.81 -32.23 -2.49
CA VAL C 66 24.97 -31.16 -1.96
C VAL C 66 25.41 -29.78 -2.45
N LYS C 67 26.73 -29.53 -2.52
CA LYS C 67 27.18 -28.23 -2.99
C LYS C 67 26.68 -27.93 -4.42
N ASP C 68 26.81 -28.91 -5.32
CA ASP C 68 26.44 -28.70 -6.73
C ASP C 68 24.95 -28.52 -6.90
N VAL C 69 24.15 -29.27 -6.13
CA VAL C 69 22.70 -29.13 -6.20
C VAL C 69 22.28 -27.76 -5.65
N MET C 70 22.84 -27.35 -4.51
CA MET C 70 22.54 -26.03 -3.99
C MET C 70 22.94 -24.89 -4.94
N ASP C 71 24.12 -25.00 -5.55
CA ASP C 71 24.57 -23.95 -6.46
C ASP C 71 23.59 -23.77 -7.62
N ARG C 72 23.08 -24.89 -8.14
CA ARG C 72 22.02 -24.87 -9.16
C ARG C 72 20.73 -24.24 -8.61
N LEU C 73 20.21 -24.75 -7.48
CA LEU C 73 18.91 -24.33 -7.02
C LEU C 73 18.92 -22.91 -6.41
N VAL C 74 20.06 -22.49 -5.86
CA VAL C 74 20.16 -21.13 -5.36
C VAL C 74 20.12 -20.14 -6.53
N ALA C 75 20.83 -20.47 -7.61
CA ALA C 75 20.89 -19.58 -8.79
C ALA C 75 19.54 -19.42 -9.48
N SER C 76 18.71 -20.47 -9.45
CA SER C 76 17.39 -20.42 -10.08
C SER C 76 16.33 -19.85 -9.16
N GLY C 77 16.68 -19.66 -7.89
CA GLY C 77 15.72 -19.20 -6.90
C GLY C 77 14.84 -20.29 -6.32
N GLU C 78 14.99 -21.53 -6.77
CA GLU C 78 14.17 -22.61 -6.24
C GLU C 78 14.55 -22.97 -4.80
N ALA C 79 15.82 -22.78 -4.43
CA ALA C 79 16.20 -22.92 -3.04
C ALA C 79 16.76 -21.61 -2.54
N CYS C 80 16.49 -21.25 -1.28
CA CYS C 80 17.15 -20.09 -0.68
C CYS C 80 18.52 -20.50 -0.15
N GLU C 81 19.41 -19.53 0.05
CA GLU C 81 20.66 -19.86 0.71
C GLU C 81 20.37 -20.35 2.13
N MET C 82 21.05 -21.41 2.53
CA MET C 82 20.82 -21.99 3.85
C MET C 82 22.07 -22.74 4.29
N ILE C 83 22.25 -22.84 5.60
CA ILE C 83 23.29 -23.70 6.17
C ILE C 83 22.78 -25.15 6.10
N ILE C 84 23.62 -26.05 5.60
CA ILE C 84 23.26 -27.46 5.59
C ILE C 84 24.34 -28.23 6.37
N VAL C 85 23.93 -29.08 7.30
CA VAL C 85 24.94 -29.74 8.12
C VAL C 85 24.61 -31.20 8.39
N THR C 86 25.65 -32.03 8.34
CA THR C 86 25.54 -33.46 8.56
C THR C 86 26.53 -33.83 9.68
N PRO C 87 26.02 -34.23 10.86
CA PRO C 87 26.93 -34.67 11.93
C PRO C 87 27.31 -36.15 11.74
N ASN C 88 28.45 -36.59 12.29
CA ASN C 88 28.75 -38.02 12.22
C ASN C 88 27.92 -38.76 13.25
N ALA C 89 27.11 -39.70 12.76
CA ALA C 89 26.31 -40.54 13.63
C ALA C 89 26.48 -42.00 13.26
N GLY C 90 27.61 -42.32 12.62
CA GLY C 90 27.77 -43.67 12.10
C GLY C 90 29.19 -44.20 12.01
N GLY C 91 29.43 -45.02 10.99
CA GLY C 91 30.66 -45.77 10.84
C GLY C 91 30.36 -47.27 10.83
N ASN C 92 31.41 -48.09 10.77
CA ASN C 92 31.25 -49.55 10.82
C ASN C 92 30.39 -49.98 12.01
N ILE C 93 29.31 -50.69 11.73
CA ILE C 93 28.32 -50.95 12.77
C ILE C 93 28.84 -51.92 13.84
N HIS C 94 29.92 -52.62 13.55
CA HIS C 94 30.49 -53.56 14.53
C HIS C 94 31.50 -52.86 15.43
N LEU C 95 31.95 -51.67 15.03
CA LEU C 95 32.98 -50.95 15.77
C LEU C 95 32.46 -49.66 16.37
N GLU C 96 31.58 -48.97 15.62
CA GLU C 96 31.17 -47.60 15.94
C GLU C 96 29.68 -47.49 16.28
N TRP C 97 29.34 -46.54 17.13
CA TRP C 97 27.95 -46.27 17.44
C TRP C 97 27.21 -45.67 16.24
N ASN C 98 26.12 -46.34 15.84
CA ASN C 98 25.20 -45.83 14.82
C ASN C 98 23.88 -45.41 15.47
N GLY C 99 23.34 -44.25 15.08
CA GLY C 99 22.01 -43.91 15.57
C GLY C 99 21.86 -42.50 16.09
N TYR C 100 20.62 -42.06 16.24
CA TYR C 100 20.30 -40.65 16.51
C TYR C 100 19.61 -40.42 17.84
N PHE C 101 19.13 -41.48 18.49
CA PHE C 101 18.39 -41.31 19.74
C PHE C 101 19.30 -41.64 20.94
N ASP C 102 18.88 -41.24 22.13
CA ASP C 102 19.63 -41.56 23.35
C ASP C 102 19.59 -43.05 23.62
N MET C 103 20.79 -43.65 23.65
CA MET C 103 20.96 -45.06 23.94
C MET C 103 21.87 -45.24 25.17
N PRO C 104 21.81 -46.42 25.82
CA PRO C 104 22.66 -46.67 26.99
C PRO C 104 24.15 -46.58 26.63
N GLY C 105 24.86 -45.61 27.20
CA GLY C 105 26.27 -45.42 26.89
C GLY C 105 26.58 -44.46 25.73
N TRP C 106 25.54 -43.89 25.13
CA TRP C 106 25.70 -43.07 23.92
C TRP C 106 24.45 -42.22 23.73
N LYS C 107 24.43 -41.07 24.39
CA LYS C 107 23.25 -40.23 24.43
C LYS C 107 23.33 -39.24 23.27
N TYR C 108 23.15 -39.74 22.06
CA TYR C 108 23.41 -38.93 20.87
C TYR C 108 22.42 -37.77 20.76
N GLU C 109 21.18 -38.00 21.11
CA GLU C 109 20.18 -36.96 20.99
C GLU C 109 20.50 -35.81 21.95
N THR C 110 20.96 -36.16 23.15
CA THR C 110 21.32 -35.14 24.12
C THR C 110 22.50 -34.34 23.59
N PHE C 111 23.43 -35.05 22.94
CA PHE C 111 24.55 -34.36 22.28
C PHE C 111 24.02 -33.42 21.19
N PHE C 112 23.07 -33.91 20.40
CA PHE C 112 22.55 -33.14 19.26
C PHE C 112 21.94 -31.82 19.74
N TYR C 113 21.03 -31.90 20.70
CA TYR C 113 20.27 -30.74 21.16
C TYR C 113 20.94 -29.83 22.18
N THR C 114 21.87 -30.35 22.98
CA THR C 114 22.45 -29.48 24.01
C THR C 114 23.86 -29.06 23.68
N GLU C 115 24.50 -29.75 22.72
CA GLU C 115 25.87 -29.41 22.35
C GLU C 115 26.01 -29.05 20.85
N PHE C 116 25.55 -29.95 19.98
CA PHE C 116 25.78 -29.76 18.54
C PHE C 116 25.00 -28.59 17.98
N LEU C 117 23.69 -28.59 18.19
CA LEU C 117 22.83 -27.56 17.59
C LEU C 117 23.21 -26.14 18.04
N PRO C 118 23.39 -25.92 19.37
CA PRO C 118 23.81 -24.57 19.77
C PRO C 118 25.14 -24.13 19.19
N TYR C 119 26.11 -25.03 19.13
CA TYR C 119 27.44 -24.72 18.60
C TYR C 119 27.38 -24.37 17.10
N ILE C 120 26.66 -25.19 16.33
CA ILE C 120 26.54 -24.99 14.90
C ILE C 120 25.84 -23.67 14.60
N GLU C 121 24.72 -23.43 15.26
CA GLU C 121 23.86 -22.31 14.89
C GLU C 121 24.44 -20.97 15.30
N LYS C 122 25.36 -20.99 16.27
CA LYS C 122 26.14 -19.81 16.61
C LYS C 122 27.30 -19.62 15.64
N LYS C 123 28.06 -20.69 15.40
CA LYS C 123 29.26 -20.58 14.59
C LYS C 123 28.95 -20.23 13.14
N TYR C 124 27.85 -20.76 12.61
CA TYR C 124 27.57 -20.58 11.18
C TYR C 124 26.37 -19.67 10.95
N ARG C 125 26.10 -18.82 11.94
CA ARG C 125 25.15 -17.70 11.82
C ARG C 125 23.75 -18.12 11.34
N VAL C 126 23.17 -19.08 12.04
CA VAL C 126 21.82 -19.55 11.75
C VAL C 126 20.82 -18.65 12.47
N ILE C 127 19.70 -18.36 11.82
CA ILE C 127 18.70 -17.46 12.39
C ILE C 127 18.30 -17.91 13.80
N GLY C 128 18.09 -19.21 13.97
CA GLY C 128 17.98 -19.77 15.31
C GLY C 128 16.57 -20.02 15.80
N ASP C 129 15.57 -19.82 14.95
CA ASP C 129 14.22 -20.15 15.36
C ASP C 129 13.65 -21.31 14.53
N ARG C 130 12.52 -21.81 15.02
CA ARG C 130 11.80 -22.94 14.44
C ARG C 130 11.41 -22.72 12.97
N GLN C 131 11.01 -21.50 12.68
CA GLN C 131 10.53 -21.11 11.36
C GLN C 131 11.63 -21.20 10.31
N HIS C 132 12.88 -21.25 10.75
CA HIS C 132 14.01 -21.38 9.83
C HIS C 132 14.92 -22.57 10.14
N ARG C 133 14.31 -23.65 10.65
CA ARG C 133 15.06 -24.85 10.96
C ARG C 133 14.33 -26.07 10.43
N ALA C 134 15.00 -26.86 9.59
CA ALA C 134 14.37 -28.03 9.01
C ALA C 134 15.28 -29.25 9.19
N ILE C 135 14.72 -30.44 8.98
CA ILE C 135 15.53 -31.64 9.11
C ILE C 135 15.11 -32.70 8.09
N ALA C 136 16.08 -33.43 7.56
CA ALA C 136 15.85 -34.47 6.56
C ALA C 136 16.94 -35.51 6.71
N GLY C 137 16.72 -36.71 6.17
CA GLY C 137 17.78 -37.70 6.15
C GLY C 137 17.36 -38.93 5.38
N LEU C 138 18.33 -39.81 5.09
CA LEU C 138 18.05 -41.07 4.41
C LEU C 138 18.19 -42.27 5.35
N SER C 139 17.35 -43.27 5.13
CA SER C 139 17.41 -44.53 5.87
C SER C 139 17.33 -44.32 7.38
N MET C 140 18.37 -44.76 8.11
CA MET C 140 18.47 -44.49 9.53
C MET C 140 18.29 -43.00 9.80
N GLY C 141 18.94 -42.18 8.98
CA GLY C 141 18.81 -40.73 9.08
C GLY C 141 17.41 -40.20 8.79
N GLY C 142 16.65 -40.92 7.97
CA GLY C 142 15.26 -40.58 7.69
C GLY C 142 14.38 -40.86 8.90
N GLY C 143 14.68 -41.94 9.63
CA GLY C 143 13.95 -42.24 10.85
C GLY C 143 14.32 -41.24 11.93
N GLY C 144 15.61 -40.92 12.01
CA GLY C 144 16.08 -39.91 12.94
C GLY C 144 15.38 -38.56 12.71
N ALA C 145 15.33 -38.15 11.45
CA ALA C 145 14.71 -36.89 11.09
C ALA C 145 13.23 -36.87 11.51
N THR C 146 12.53 -37.94 11.19
CA THR C 146 11.10 -38.04 11.44
C THR C 146 10.79 -38.02 12.94
N ASN C 147 11.49 -38.84 13.73
CA ASN C 147 11.20 -38.92 15.16
C ASN C 147 11.64 -37.65 15.89
N TYR C 148 12.71 -37.01 15.43
CA TYR C 148 13.09 -35.71 15.97
C TYR C 148 11.97 -34.70 15.75
N GLY C 149 11.40 -34.73 14.54
CA GLY C 149 10.32 -33.82 14.21
C GLY C 149 9.09 -34.13 15.03
N GLN C 150 8.89 -35.41 15.33
CA GLN C 150 7.75 -35.85 16.10
C GLN C 150 7.86 -35.43 17.57
N ARG C 151 9.04 -35.59 18.16
CA ARG C 151 9.21 -35.30 19.59
C ARG C 151 9.74 -33.90 19.84
N HIS C 152 10.20 -33.21 18.79
CA HIS C 152 10.68 -31.84 18.94
C HIS C 152 10.03 -30.89 17.93
N SER C 153 8.71 -30.96 17.84
CA SER C 153 7.96 -30.15 16.90
C SER C 153 8.14 -28.65 17.17
N ASP C 154 8.56 -28.29 18.37
CA ASP C 154 8.84 -26.89 18.68
C ASP C 154 10.18 -26.44 18.09
N MET C 155 10.93 -27.37 17.53
CA MET C 155 12.24 -27.05 16.97
C MET C 155 12.26 -27.02 15.43
N PHE C 156 11.36 -27.76 14.80
CA PHE C 156 11.39 -27.92 13.33
C PHE C 156 10.10 -27.54 12.63
N CYS C 157 10.21 -26.81 11.52
CA CYS C 157 9.03 -26.45 10.73
C CYS C 157 8.71 -27.50 9.68
N ALA C 158 9.72 -28.31 9.30
CA ALA C 158 9.57 -29.25 8.19
C ALA C 158 10.48 -30.47 8.33
N VAL C 159 9.96 -31.63 7.90
CA VAL C 159 10.71 -32.88 7.86
C VAL C 159 10.62 -33.50 6.46
N TYR C 160 11.76 -33.85 5.89
CA TYR C 160 11.79 -34.57 4.61
C TYR C 160 12.48 -35.92 4.84
N ALA C 161 11.70 -36.98 4.82
CA ALA C 161 12.17 -38.32 5.15
C ALA C 161 12.43 -39.16 3.88
N MET C 162 13.70 -39.52 3.62
CA MET C 162 14.04 -40.31 2.42
C MET C 162 14.28 -41.76 2.74
N SER C 163 13.54 -42.66 2.08
CA SER C 163 13.73 -44.11 2.25
C SER C 163 13.88 -44.45 3.74
N ALA C 164 12.98 -43.90 4.55
CA ALA C 164 13.25 -43.74 5.98
C ALA C 164 13.10 -45.03 6.76
N LEU C 165 13.93 -45.20 7.79
CA LEU C 165 13.76 -46.31 8.72
C LEU C 165 12.70 -45.91 9.75
N MET C 166 11.44 -45.95 9.33
CA MET C 166 10.32 -45.51 10.16
C MET C 166 10.11 -46.48 11.32
N SER C 167 10.43 -47.74 11.06
CA SER C 167 10.45 -48.79 12.07
C SER C 167 11.22 -49.95 11.46
N ILE C 168 11.52 -50.97 12.26
CA ILE C 168 12.20 -52.16 11.73
C ILE C 168 11.34 -52.89 10.73
N PRO C 169 11.88 -53.14 9.52
CA PRO C 169 11.14 -53.88 8.48
C PRO C 169 10.87 -55.31 8.89
N GLU C 170 9.78 -55.91 8.42
CA GLU C 170 9.50 -57.31 8.72
C GLU C 170 10.57 -58.23 8.13
N GLN C 171 11.20 -57.77 7.06
CA GLN C 171 12.31 -58.51 6.44
C GLN C 171 13.43 -57.57 6.02
N GLY C 172 14.68 -58.02 6.16
CA GLY C 172 15.83 -57.23 5.73
C GLY C 172 16.66 -56.62 6.84
N ALA C 173 16.23 -56.81 8.09
CA ALA C 173 16.91 -56.22 9.23
C ALA C 173 18.26 -56.91 9.50
N VAL C 174 19.24 -56.14 9.95
CA VAL C 174 20.54 -56.68 10.33
C VAL C 174 20.44 -57.49 11.62
N PRO C 175 20.89 -58.76 11.57
CA PRO C 175 20.89 -59.65 12.75
C PRO C 175 21.58 -59.01 13.96
N ALA C 176 20.92 -59.06 15.12
CA ALA C 176 21.43 -58.42 16.32
C ALA C 176 21.08 -59.24 17.56
N ASP C 177 21.60 -60.46 17.64
CA ASP C 177 21.27 -61.36 18.74
C ASP C 177 22.10 -61.09 20.01
N ASP C 178 23.25 -60.43 19.88
CA ASP C 178 24.05 -60.11 21.07
C ASP C 178 23.52 -58.82 21.71
N PRO C 179 22.82 -58.94 22.85
CA PRO C 179 22.11 -57.81 23.46
C PRO C 179 23.00 -56.65 23.88
N ASN C 180 24.30 -56.91 24.06
CA ASN C 180 25.25 -55.87 24.44
C ASN C 180 26.00 -55.26 23.25
N SER C 181 25.69 -55.74 22.04
CA SER C 181 26.29 -55.19 20.83
C SER C 181 25.66 -53.84 20.46
N LYS C 182 26.44 -52.96 19.85
CA LYS C 182 25.91 -51.65 19.47
C LYS C 182 24.77 -51.80 18.46
N ILE C 183 24.85 -52.81 17.59
CA ILE C 183 23.80 -52.98 16.57
C ILE C 183 22.49 -53.41 17.23
N ALA C 184 22.58 -54.30 18.22
CA ALA C 184 21.40 -54.69 19.01
C ALA C 184 20.81 -53.53 19.77
N ILE C 185 21.67 -52.66 20.28
CA ILE C 185 21.21 -51.52 21.04
C ILE C 185 20.46 -50.55 20.10
N LEU C 186 21.02 -50.33 18.92
CA LEU C 186 20.36 -49.49 17.91
C LEU C 186 19.00 -50.07 17.56
N THR C 187 18.96 -51.38 17.35
CA THR C 187 17.74 -52.06 16.95
C THR C 187 16.64 -51.82 17.97
N ARG C 188 16.94 -52.02 19.25
CA ARG C 188 15.96 -51.76 20.31
C ARG C 188 15.52 -50.31 20.31
N SER C 189 16.46 -49.39 20.13
CA SER C 189 16.17 -47.95 20.13
C SER C 189 15.20 -47.56 19.00
N VAL C 190 15.36 -48.18 17.84
CA VAL C 190 14.51 -47.90 16.69
C VAL C 190 13.11 -48.40 16.96
N ILE C 191 13.01 -49.57 17.57
CA ILE C 191 11.73 -50.15 17.93
C ILE C 191 10.99 -49.29 18.96
N GLU C 192 11.70 -48.87 20.01
CA GLU C 192 11.08 -48.09 21.07
C GLU C 192 10.63 -46.74 20.53
N ASN C 193 11.33 -46.24 19.51
CA ASN C 193 11.01 -44.92 19.00
C ASN C 193 10.36 -44.98 17.61
N SER C 194 9.62 -46.06 17.36
CA SER C 194 8.93 -46.27 16.09
C SER C 194 8.20 -45.01 15.65
N CYS C 195 8.46 -44.58 14.42
CA CYS C 195 7.82 -43.39 13.89
C CYS C 195 6.37 -43.70 13.61
N VAL C 196 6.12 -44.93 13.19
CA VAL C 196 4.76 -45.39 12.93
C VAL C 196 3.94 -45.43 14.22
N LYS C 197 4.46 -46.12 15.24
CA LYS C 197 3.77 -46.22 16.51
C LYS C 197 3.44 -44.86 17.09
N TYR C 198 4.37 -43.91 16.94
CA TYR C 198 4.21 -42.58 17.50
C TYR C 198 2.95 -41.91 16.97
N VAL C 199 2.65 -42.11 15.70
CA VAL C 199 1.44 -41.56 15.11
C VAL C 199 0.22 -42.40 15.48
N MET C 200 0.36 -43.72 15.42
CA MET C 200 -0.75 -44.63 15.69
C MET C 200 -1.37 -44.45 17.07
N GLU C 201 -0.54 -44.16 18.05
CA GLU C 201 -0.98 -44.02 19.44
C GLU C 201 -1.31 -42.58 19.80
N ALA C 202 -1.31 -41.70 18.82
CA ALA C 202 -1.51 -40.27 19.08
C ALA C 202 -2.89 -39.96 19.65
N ASP C 203 -2.95 -39.08 20.66
CA ASP C 203 -4.22 -38.50 21.07
C ASP C 203 -4.44 -37.20 20.31
N GLU C 204 -5.53 -36.51 20.59
CA GLU C 204 -5.86 -35.30 19.86
C GLU C 204 -4.78 -34.22 20.04
N ASP C 205 -4.24 -34.11 21.25
CA ASP C 205 -3.19 -33.13 21.50
C ASP C 205 -1.95 -33.40 20.65
N ARG C 206 -1.59 -34.67 20.53
CA ARG C 206 -0.40 -35.02 19.78
C ARG C 206 -0.60 -34.73 18.30
N LYS C 207 -1.76 -35.10 17.77
CA LYS C 207 -2.11 -34.81 16.39
C LYS C 207 -2.00 -33.33 16.05
N ALA C 208 -2.45 -32.46 16.95
CA ALA C 208 -2.33 -31.03 16.75
C ALA C 208 -0.89 -30.59 16.69
N ASP C 209 -0.06 -31.17 17.57
CA ASP C 209 1.37 -30.88 17.53
C ASP C 209 1.99 -31.31 16.20
N LEU C 210 1.62 -32.49 15.73
CA LEU C 210 2.17 -33.01 14.48
C LEU C 210 1.78 -32.16 13.26
N ARG C 211 0.56 -31.61 13.28
CA ARG C 211 0.10 -30.73 12.20
C ARG C 211 0.83 -29.39 12.14
N SER C 212 1.62 -29.05 13.16
CA SER C 212 2.38 -27.80 13.11
C SER C 212 3.68 -27.97 12.33
N VAL C 213 3.91 -29.19 11.86
CA VAL C 213 5.10 -29.50 11.07
C VAL C 213 4.69 -29.91 9.66
N ALA C 214 5.47 -29.48 8.67
CA ALA C 214 5.25 -29.92 7.29
C ALA C 214 6.02 -31.21 7.05
N TRP C 215 5.36 -32.22 6.50
CA TRP C 215 5.97 -33.54 6.30
C TRP C 215 6.03 -33.97 4.83
N PHE C 216 7.15 -34.54 4.43
CA PHE C 216 7.32 -35.05 3.06
C PHE C 216 7.99 -36.43 3.17
N VAL C 217 7.32 -37.46 2.67
CA VAL C 217 7.85 -38.83 2.70
C VAL C 217 8.11 -39.33 1.27
N ASP C 218 9.35 -39.78 1.03
CA ASP C 218 9.82 -40.09 -0.32
C ASP C 218 10.57 -41.43 -0.30
N CYS C 219 10.02 -42.47 -0.95
CA CYS C 219 10.60 -43.83 -0.87
C CYS C 219 10.32 -44.63 -2.14
N GLY C 220 11.34 -45.32 -2.65
CA GLY C 220 11.28 -45.97 -3.95
C GLY C 220 10.45 -47.23 -4.01
N ASP C 221 9.94 -47.56 -5.20
CA ASP C 221 9.06 -48.71 -5.31
C ASP C 221 9.81 -50.02 -5.06
N ASP C 222 11.13 -50.02 -5.21
CA ASP C 222 11.90 -51.25 -5.00
C ASP C 222 12.67 -51.27 -3.68
N ASP C 223 12.33 -50.36 -2.77
CA ASP C 223 12.99 -50.26 -1.47
C ASP C 223 12.44 -51.23 -0.44
N PHE C 224 13.33 -51.88 0.32
CA PHE C 224 12.89 -52.82 1.36
C PHE C 224 12.20 -52.09 2.51
N LEU C 225 12.34 -50.76 2.58
CA LEU C 225 11.65 -49.99 3.60
C LEU C 225 10.34 -49.35 3.10
N LEU C 226 9.92 -49.68 1.88
CA LEU C 226 8.69 -49.12 1.33
C LEU C 226 7.47 -49.43 2.22
N ASP C 227 7.37 -50.69 2.67
CA ASP C 227 6.18 -51.09 3.42
C ASP C 227 6.02 -50.30 4.73
N ARG C 228 7.12 -50.02 5.43
CA ARG C 228 7.02 -49.24 6.66
C ARG C 228 6.71 -47.77 6.40
N ASN C 229 7.20 -47.24 5.28
CA ASN C 229 6.93 -45.84 4.94
C ASN C 229 5.46 -45.69 4.57
N ILE C 230 4.92 -46.73 3.95
CA ILE C 230 3.51 -46.77 3.62
C ILE C 230 2.67 -46.74 4.89
N GLU C 231 3.07 -47.55 5.88
CA GLU C 231 2.34 -47.58 7.15
C GLU C 231 2.39 -46.23 7.83
N PHE C 232 3.54 -45.58 7.77
CA PHE C 232 3.66 -44.25 8.35
C PHE C 232 2.70 -43.29 7.65
N TYR C 233 2.72 -43.30 6.32
CA TYR C 233 1.86 -42.38 5.58
C TYR C 233 0.39 -42.66 5.87
N GLN C 234 -0.02 -43.93 5.79
CA GLN C 234 -1.39 -44.30 6.08
C GLN C 234 -1.81 -43.83 7.49
N ALA C 235 -0.95 -44.02 8.48
CA ALA C 235 -1.25 -43.53 9.84
C ALA C 235 -1.41 -42.01 9.87
N MET C 236 -0.52 -41.29 9.21
CA MET C 236 -0.61 -39.83 9.14
C MET C 236 -1.93 -39.39 8.49
N ARG C 237 -2.20 -39.89 7.29
CA ARG C 237 -3.41 -39.56 6.55
C ARG C 237 -4.65 -39.89 7.38
N ASN C 238 -4.70 -41.10 7.92
CA ASN C 238 -5.85 -41.52 8.72
C ASN C 238 -6.05 -40.67 9.96
N ALA C 239 -4.96 -40.05 10.42
CA ALA C 239 -5.00 -39.23 11.60
C ALA C 239 -5.30 -37.76 11.27
N GLY C 240 -5.42 -37.47 9.98
CA GLY C 240 -5.69 -36.10 9.55
C GLY C 240 -4.51 -35.17 9.75
N VAL C 241 -3.31 -35.72 9.55
CA VAL C 241 -2.08 -34.92 9.59
C VAL C 241 -1.55 -34.78 8.16
N PRO C 242 -1.60 -33.56 7.61
CA PRO C 242 -1.16 -33.36 6.23
C PRO C 242 0.27 -33.83 5.98
N CYS C 243 0.46 -34.59 4.90
CA CYS C 243 1.74 -35.21 4.58
C CYS C 243 1.82 -35.48 3.08
N GLN C 244 2.92 -35.11 2.43
CA GLN C 244 3.14 -35.52 1.04
C GLN C 244 3.79 -36.90 1.02
N PHE C 245 3.38 -37.74 0.07
CA PHE C 245 3.98 -39.07 -0.08
C PHE C 245 4.33 -39.25 -1.56
N ARG C 246 5.59 -39.61 -1.84
CA ARG C 246 5.98 -39.96 -3.20
C ARG C 246 6.64 -41.33 -3.22
N VAL C 247 6.23 -42.15 -4.17
CA VAL C 247 6.94 -43.40 -4.43
C VAL C 247 7.45 -43.26 -5.84
N ARG C 248 8.77 -43.05 -5.98
CA ARG C 248 9.39 -42.92 -7.29
C ARG C 248 10.07 -44.22 -7.67
N ASP C 249 10.53 -44.32 -8.92
CA ASP C 249 11.30 -45.50 -9.33
C ASP C 249 12.62 -45.59 -8.54
N GLY C 250 12.92 -46.76 -8.02
CA GLY C 250 14.23 -47.00 -7.46
C GLY C 250 14.26 -47.72 -6.12
N GLY C 251 15.47 -47.94 -5.62
CA GLY C 251 15.65 -48.63 -4.36
C GLY C 251 16.43 -47.85 -3.34
N HIS C 252 17.10 -48.59 -2.45
CA HIS C 252 17.81 -48.02 -1.32
C HIS C 252 19.18 -47.60 -1.81
N ASP C 253 19.25 -46.53 -2.60
CA ASP C 253 20.51 -46.20 -3.25
C ASP C 253 20.72 -44.70 -3.40
N TRP C 254 21.94 -44.31 -3.73
CA TRP C 254 22.30 -42.89 -3.75
C TRP C 254 21.75 -42.13 -4.94
N GLU C 255 21.37 -42.81 -6.01
CA GLU C 255 20.67 -42.09 -7.07
C GLU C 255 19.32 -41.62 -6.53
N TYR C 256 18.69 -42.43 -5.69
CA TYR C 256 17.43 -42.02 -5.09
C TYR C 256 17.60 -40.81 -4.15
N TRP C 257 18.70 -40.78 -3.41
CA TRP C 257 18.87 -39.79 -2.34
C TRP C 257 19.41 -38.49 -2.91
N HIS C 258 20.29 -38.59 -3.91
CA HIS C 258 20.72 -37.38 -4.61
C HIS C 258 19.53 -36.70 -5.34
N SER C 259 18.75 -37.47 -6.08
CA SER C 259 17.61 -36.90 -6.80
C SER C 259 16.57 -36.36 -5.80
N ALA C 260 16.48 -36.96 -4.61
CA ALA C 260 15.56 -36.48 -3.58
C ALA C 260 15.88 -35.04 -3.16
N LEU C 261 17.15 -34.66 -3.19
CA LEU C 261 17.53 -33.29 -2.87
C LEU C 261 16.82 -32.25 -3.70
N TYR C 262 16.56 -32.58 -4.96
CA TYR C 262 15.91 -31.66 -5.88
C TYR C 262 14.45 -31.41 -5.50
N GLN C 263 13.88 -32.30 -4.69
CA GLN C 263 12.55 -32.04 -4.12
C GLN C 263 12.65 -31.46 -2.71
N CYS C 264 13.62 -31.98 -1.95
CA CYS C 264 13.80 -31.59 -0.55
C CYS C 264 14.17 -30.13 -0.37
N LEU C 265 15.17 -29.67 -1.11
CA LEU C 265 15.65 -28.31 -0.90
C LEU C 265 14.62 -27.23 -1.26
N PRO C 266 13.92 -27.39 -2.40
CA PRO C 266 12.83 -26.43 -2.65
C PRO C 266 11.69 -26.54 -1.64
N PHE C 267 11.42 -27.74 -1.17
CA PHE C 267 10.37 -27.98 -0.18
C PHE C 267 10.61 -27.23 1.12
N VAL C 268 11.77 -27.40 1.75
CA VAL C 268 12.01 -26.68 3.01
C VAL C 268 12.07 -25.17 2.76
N THR C 269 12.57 -24.78 1.60
CA THR C 269 12.62 -23.36 1.26
C THR C 269 11.22 -22.76 1.27
N ARG C 270 10.25 -23.50 0.74
CA ARG C 270 8.86 -23.08 0.80
C ARG C 270 8.36 -22.91 2.23
N ILE C 271 8.66 -23.89 3.09
CA ILE C 271 8.16 -23.84 4.46
C ILE C 271 8.85 -22.75 5.30
N PHE C 272 10.13 -22.48 5.04
CA PHE C 272 10.84 -21.46 5.81
C PHE C 272 10.07 -20.14 5.76
N ASN D 7 -27.89 37.33 -14.21
CA ASN D 7 -27.55 36.47 -13.08
C ASN D 7 -26.37 35.53 -13.36
N PHE D 8 -25.21 36.11 -13.61
CA PHE D 8 -24.00 35.32 -13.80
C PHE D 8 -23.55 34.74 -12.45
N GLN D 9 -22.98 33.54 -12.47
CA GLN D 9 -22.45 32.93 -11.25
C GLN D 9 -21.06 32.36 -11.50
N SER D 10 -20.24 32.33 -10.46
CA SER D 10 -18.96 31.63 -10.56
C SER D 10 -19.26 30.16 -10.75
N LYS D 11 -18.35 29.46 -11.44
CA LYS D 11 -18.53 28.07 -11.80
C LYS D 11 -17.27 27.26 -11.54
N VAL D 12 -17.46 25.98 -11.24
CA VAL D 12 -16.36 25.03 -11.24
C VAL D 12 -16.51 24.09 -12.42
N VAL D 13 -15.44 23.96 -13.19
CA VAL D 13 -15.42 23.17 -14.41
C VAL D 13 -14.34 22.10 -14.32
N THR D 14 -14.65 20.90 -14.81
CA THR D 14 -13.68 19.82 -14.84
C THR D 14 -13.51 19.41 -16.30
N ASP D 15 -12.27 19.31 -16.74
CA ASP D 15 -12.01 18.94 -18.13
C ASP D 15 -10.70 18.18 -18.23
N THR D 16 -10.24 17.95 -19.45
CA THR D 16 -8.99 17.22 -19.65
C THR D 16 -8.17 17.83 -20.78
N LEU D 17 -6.87 17.56 -20.76
CA LEU D 17 -6.06 17.77 -21.94
C LEU D 17 -5.15 16.56 -22.12
N PHE D 18 -4.70 16.34 -23.35
CA PHE D 18 -3.76 15.27 -23.60
C PHE D 18 -2.33 15.75 -23.43
N SER D 19 -1.57 15.01 -22.63
CA SER D 19 -0.16 15.31 -22.45
C SER D 19 0.72 14.38 -23.27
N LYS D 20 1.47 14.96 -24.21
CA LYS D 20 2.49 14.22 -24.96
C LYS D 20 3.61 13.74 -24.03
N VAL D 21 4.03 14.62 -23.12
CA VAL D 21 5.10 14.31 -22.18
C VAL D 21 4.77 13.08 -21.34
N LEU D 22 3.52 12.98 -20.88
CA LEU D 22 3.12 11.92 -19.99
C LEU D 22 2.44 10.80 -20.76
N ASN D 23 2.19 11.04 -22.04
CA ASN D 23 1.45 10.11 -22.88
C ASN D 23 0.17 9.70 -22.19
N SER D 24 -0.60 10.69 -21.80
CA SER D 24 -1.69 10.45 -20.85
C SER D 24 -2.71 11.58 -20.95
N LYS D 25 -3.98 11.23 -20.87
CA LYS D 25 -5.05 12.21 -20.80
C LYS D 25 -5.11 12.75 -19.36
N ARG D 26 -4.83 14.04 -19.17
CA ARG D 26 -4.72 14.60 -17.82
C ARG D 26 -5.93 15.44 -17.46
N ALA D 27 -6.56 15.10 -16.34
CA ALA D 27 -7.74 15.84 -15.88
C ALA D 27 -7.35 17.06 -15.04
N TYR D 28 -8.22 18.04 -14.99
CA TYR D 28 -8.03 19.18 -14.09
C TYR D 28 -9.38 19.79 -13.72
N THR D 29 -9.37 20.58 -12.66
CA THR D 29 -10.59 21.23 -12.21
C THR D 29 -10.29 22.71 -12.05
N VAL D 30 -11.17 23.55 -12.58
CA VAL D 30 -10.90 24.99 -12.54
C VAL D 30 -12.08 25.80 -12.00
N PHE D 31 -11.79 26.81 -11.18
CA PHE D 31 -12.79 27.77 -10.72
C PHE D 31 -12.77 28.99 -11.62
N LEU D 32 -13.96 29.38 -12.10
CA LEU D 32 -14.09 30.55 -12.96
C LEU D 32 -14.94 31.61 -12.28
N PRO D 33 -14.41 32.84 -12.18
CA PRO D 33 -15.09 33.93 -11.46
C PRO D 33 -16.47 34.27 -12.05
N LYS D 34 -17.30 34.91 -11.22
CA LYS D 34 -18.65 35.28 -11.60
C LYS D 34 -18.69 36.10 -12.91
N SER D 35 -17.67 36.93 -13.12
CA SER D 35 -17.69 37.81 -14.27
C SER D 35 -17.13 37.17 -15.54
N PHE D 36 -16.69 35.91 -15.44
CA PHE D 36 -16.00 35.26 -16.56
C PHE D 36 -16.79 35.25 -17.87
N GLU D 37 -18.06 34.87 -17.81
CA GLU D 37 -18.93 34.83 -18.99
C GLU D 37 -19.55 36.19 -19.31
N GLN D 38 -19.52 37.09 -18.34
CA GLN D 38 -20.18 38.39 -18.48
C GLN D 38 -19.31 39.41 -19.21
N ASN D 39 -18.03 39.43 -18.86
CA ASN D 39 -17.07 40.31 -19.49
C ASN D 39 -16.01 39.47 -20.20
N LYS D 40 -16.25 39.18 -21.48
CA LYS D 40 -15.42 38.26 -22.24
C LYS D 40 -14.01 38.78 -22.50
N GLU D 41 -13.77 40.05 -22.16
CA GLU D 41 -12.45 40.64 -22.40
C GLU D 41 -11.58 40.72 -21.14
N LYS D 42 -12.19 40.51 -19.97
CA LYS D 42 -11.44 40.59 -18.73
C LYS D 42 -10.39 39.47 -18.62
N LYS D 43 -9.18 39.83 -18.19
CA LYS D 43 -8.13 38.87 -17.81
C LYS D 43 -8.04 38.80 -16.28
N TYR D 44 -7.49 37.70 -15.77
CA TYR D 44 -7.49 37.41 -14.33
C TYR D 44 -6.14 36.93 -13.81
N PRO D 45 -5.85 37.21 -12.54
CA PRO D 45 -4.73 36.47 -11.92
C PRO D 45 -5.10 35.00 -11.77
N VAL D 46 -4.11 34.17 -11.48
CA VAL D 46 -4.35 32.75 -11.32
C VAL D 46 -3.66 32.24 -10.05
N LEU D 47 -4.34 31.33 -9.37
CA LEU D 47 -3.78 30.56 -8.27
C LEU D 47 -3.78 29.09 -8.65
N TYR D 48 -2.61 28.45 -8.73
CA TYR D 48 -2.53 27.00 -8.84
C TYR D 48 -2.67 26.41 -7.43
N LEU D 49 -3.67 25.54 -7.25
CA LEU D 49 -4.03 25.04 -5.93
C LEU D 49 -3.95 23.53 -5.92
N LEU D 50 -2.84 23.02 -5.39
CA LEU D 50 -2.45 21.61 -5.56
C LEU D 50 -3.00 20.68 -4.47
N HIS D 51 -3.40 19.48 -4.86
CA HIS D 51 -3.94 18.51 -3.91
C HIS D 51 -2.86 17.60 -3.29
N GLY D 52 -3.26 16.78 -2.34
CA GLY D 52 -2.32 15.88 -1.67
C GLY D 52 -2.21 14.48 -2.28
N MET D 53 -1.37 13.63 -1.68
CA MET D 53 -1.24 12.25 -2.13
C MET D 53 -2.58 11.50 -2.01
N TRP D 54 -2.79 10.50 -2.88
CA TRP D 54 -4.03 9.72 -2.95
C TRP D 54 -5.21 10.47 -3.59
N GLU D 55 -5.28 11.78 -3.36
CA GLU D 55 -6.38 12.60 -3.89
C GLU D 55 -6.24 12.85 -5.39
N THR D 56 -7.31 13.34 -6.02
CA THR D 56 -7.26 13.81 -7.40
C THR D 56 -7.87 15.22 -7.55
N ASN D 57 -7.95 15.72 -8.79
CA ASN D 57 -8.21 17.14 -9.03
C ASN D 57 -9.50 17.73 -8.41
N PRO D 58 -10.58 16.94 -8.28
CA PRO D 58 -11.83 17.58 -7.82
C PRO D 58 -11.89 17.91 -6.34
N VAL D 59 -10.90 17.48 -5.56
CA VAL D 59 -11.06 17.50 -4.10
C VAL D 59 -11.13 18.91 -3.52
N TRP D 60 -10.42 19.87 -4.13
CA TRP D 60 -10.46 21.24 -3.64
C TRP D 60 -11.84 21.87 -3.83
N ALA D 61 -12.48 21.58 -4.95
CA ALA D 61 -13.84 22.07 -5.19
C ALA D 61 -14.83 21.36 -4.26
N GLU D 62 -14.74 20.05 -4.18
CA GLU D 62 -15.78 19.26 -3.50
C GLU D 62 -15.65 19.18 -1.96
N ARG D 63 -14.42 19.16 -1.44
CA ARG D 63 -14.23 19.15 0.02
C ARG D 63 -13.68 20.47 0.54
N GLY D 64 -12.89 21.15 -0.28
CA GLY D 64 -12.39 22.47 0.08
C GLY D 64 -13.44 23.55 -0.08
N HIS D 65 -14.50 23.28 -0.86
CA HIS D 65 -15.57 24.26 -1.13
C HIS D 65 -15.05 25.59 -1.68
N VAL D 66 -14.09 25.52 -2.58
CA VAL D 66 -13.42 26.69 -3.15
C VAL D 66 -14.41 27.72 -3.72
N LYS D 67 -15.43 27.25 -4.43
CA LYS D 67 -16.41 28.16 -5.00
C LYS D 67 -17.13 28.96 -3.91
N ASP D 68 -17.57 28.27 -2.84
CA ASP D 68 -18.29 28.94 -1.77
C ASP D 68 -17.42 29.93 -1.00
N VAL D 69 -16.15 29.57 -0.80
CA VAL D 69 -15.24 30.47 -0.11
C VAL D 69 -14.95 31.69 -0.98
N MET D 70 -14.67 31.49 -2.26
CA MET D 70 -14.46 32.61 -3.17
C MET D 70 -15.69 33.52 -3.27
N ASP D 71 -16.89 32.95 -3.35
CA ASP D 71 -18.08 33.78 -3.48
C ASP D 71 -18.17 34.72 -2.28
N ARG D 72 -17.85 34.20 -1.09
CA ARG D 72 -17.86 34.99 0.14
C ARG D 72 -16.81 36.10 0.08
N LEU D 73 -15.57 35.73 -0.19
CA LEU D 73 -14.47 36.69 -0.07
C LEU D 73 -14.41 37.66 -1.25
N VAL D 74 -14.89 37.26 -2.42
CA VAL D 74 -15.01 38.21 -3.53
C VAL D 74 -16.07 39.29 -3.20
N ALA D 75 -17.19 38.87 -2.62
CA ALA D 75 -18.26 39.80 -2.27
C ALA D 75 -17.83 40.82 -1.19
N SER D 76 -16.99 40.42 -0.25
CA SER D 76 -16.56 41.35 0.80
C SER D 76 -15.34 42.16 0.39
N GLY D 77 -14.73 41.82 -0.74
CA GLY D 77 -13.54 42.50 -1.21
C GLY D 77 -12.23 41.92 -0.67
N GLU D 78 -12.31 40.93 0.20
CA GLU D 78 -11.08 40.36 0.77
C GLU D 78 -10.25 39.57 -0.25
N ALA D 79 -10.92 39.00 -1.24
CA ALA D 79 -10.23 38.34 -2.35
C ALA D 79 -10.65 39.00 -3.65
N CYS D 80 -9.73 39.06 -4.61
CA CYS D 80 -10.06 39.51 -5.96
C CYS D 80 -10.54 38.32 -6.77
N GLU D 81 -11.26 38.58 -7.85
CA GLU D 81 -11.61 37.49 -8.77
C GLU D 81 -10.33 36.92 -9.34
N MET D 82 -10.23 35.60 -9.40
CA MET D 82 -9.05 34.95 -9.94
C MET D 82 -9.42 33.60 -10.50
N ILE D 83 -8.62 33.12 -11.45
CA ILE D 83 -8.74 31.74 -11.89
C ILE D 83 -8.07 30.86 -10.82
N ILE D 84 -8.71 29.76 -10.43
CA ILE D 84 -8.08 28.80 -9.52
C ILE D 84 -8.06 27.45 -10.19
N VAL D 85 -6.92 26.79 -10.22
CA VAL D 85 -6.84 25.54 -10.98
C VAL D 85 -6.11 24.43 -10.22
N THR D 86 -6.67 23.23 -10.31
CA THR D 86 -6.14 22.04 -9.66
C THR D 86 -5.97 20.93 -10.68
N PRO D 87 -4.72 20.65 -11.07
CA PRO D 87 -4.46 19.54 -12.01
C PRO D 87 -4.47 18.22 -11.26
N ASN D 88 -4.81 17.13 -11.94
CA ASN D 88 -4.64 15.83 -11.31
C ASN D 88 -3.15 15.44 -11.26
N ALA D 89 -2.67 15.11 -10.05
CA ALA D 89 -1.31 14.62 -9.86
C ALA D 89 -1.33 13.44 -8.90
N GLY D 90 -2.48 12.78 -8.80
CA GLY D 90 -2.68 11.78 -7.75
C GLY D 90 -3.49 10.56 -8.14
N GLY D 91 -4.23 10.02 -7.19
CA GLY D 91 -4.97 8.80 -7.37
C GLY D 91 -4.31 7.72 -6.53
N ASN D 92 -4.82 6.50 -6.62
CA ASN D 92 -4.26 5.35 -5.93
C ASN D 92 -2.75 5.28 -6.17
N ILE D 93 -1.94 5.44 -5.13
CA ILE D 93 -0.48 5.47 -5.27
C ILE D 93 0.12 4.19 -5.87
N HIS D 94 -0.61 3.08 -5.81
CA HIS D 94 -0.09 1.83 -6.38
C HIS D 94 -0.40 1.71 -7.88
N LEU D 95 -1.43 2.42 -8.33
CA LEU D 95 -1.93 2.29 -9.70
C LEU D 95 -1.68 3.53 -10.56
N GLU D 96 -1.52 4.68 -9.93
CA GLU D 96 -1.35 5.97 -10.62
C GLU D 96 -0.14 6.73 -10.07
N TRP D 97 0.58 7.44 -10.93
CA TRP D 97 1.73 8.22 -10.48
C TRP D 97 1.33 9.44 -9.62
N ASN D 98 1.79 9.47 -8.37
CA ASN D 98 1.61 10.62 -7.51
C ASN D 98 2.83 11.53 -7.53
N GLY D 99 2.62 12.85 -7.57
CA GLY D 99 3.75 13.77 -7.44
C GLY D 99 3.83 14.90 -8.45
N TYR D 100 4.70 15.85 -8.17
CA TYR D 100 4.77 17.12 -8.92
C TYR D 100 6.11 17.34 -9.62
N PHE D 101 7.10 16.51 -9.32
CA PHE D 101 8.45 16.71 -9.88
C PHE D 101 8.70 15.69 -10.99
N ASP D 102 9.67 15.96 -11.87
CA ASP D 102 10.04 14.98 -12.90
C ASP D 102 10.66 13.76 -12.24
N MET D 103 10.04 12.61 -12.44
CA MET D 103 10.57 11.37 -11.90
C MET D 103 10.84 10.42 -13.08
N PRO D 104 11.72 9.43 -12.89
CA PRO D 104 11.97 8.52 -14.01
C PRO D 104 10.69 7.79 -14.44
N GLY D 105 10.30 7.97 -15.70
CA GLY D 105 9.08 7.38 -16.20
C GLY D 105 7.83 8.23 -16.01
N TRP D 106 7.98 9.40 -15.37
CA TRP D 106 6.85 10.28 -15.13
C TRP D 106 7.29 11.73 -14.96
N LYS D 107 7.39 12.47 -16.07
CA LYS D 107 7.93 13.81 -16.05
C LYS D 107 6.82 14.82 -15.81
N TYR D 108 6.28 14.81 -14.60
CA TYR D 108 5.11 15.63 -14.31
C TYR D 108 5.42 17.12 -14.40
N GLU D 109 6.60 17.53 -13.93
CA GLU D 109 6.92 18.95 -13.91
C GLU D 109 7.08 19.48 -15.34
N THR D 110 7.72 18.70 -16.20
CA THR D 110 7.84 19.07 -17.60
C THR D 110 6.44 19.27 -18.17
N PHE D 111 5.52 18.36 -17.86
CA PHE D 111 4.10 18.52 -18.24
C PHE D 111 3.51 19.84 -17.75
N PHE D 112 3.72 20.12 -16.47
CA PHE D 112 3.11 21.28 -15.84
C PHE D 112 3.52 22.59 -16.51
N TYR D 113 4.82 22.75 -16.76
CA TYR D 113 5.34 24.00 -17.30
C TYR D 113 5.26 24.09 -18.83
N THR D 114 5.51 22.98 -19.54
CA THR D 114 5.53 23.06 -21.01
C THR D 114 4.18 22.78 -21.67
N GLU D 115 3.27 22.08 -20.99
CA GLU D 115 1.97 21.79 -21.56
C GLU D 115 0.80 22.40 -20.78
N PHE D 116 0.75 22.14 -19.49
CA PHE D 116 -0.43 22.50 -18.69
C PHE D 116 -0.60 24.00 -18.53
N LEU D 117 0.43 24.67 -18.03
CA LEU D 117 0.33 26.10 -17.74
C LEU D 117 -0.01 26.94 -18.98
N PRO D 118 0.74 26.74 -20.09
CA PRO D 118 0.43 27.53 -21.30
C PRO D 118 -1.00 27.32 -21.78
N TYR D 119 -1.49 26.08 -21.73
CA TYR D 119 -2.84 25.74 -22.14
C TYR D 119 -3.89 26.41 -21.27
N ILE D 120 -3.76 26.20 -19.97
CA ILE D 120 -4.67 26.80 -18.99
C ILE D 120 -4.74 28.32 -19.09
N GLU D 121 -3.58 28.96 -19.19
CA GLU D 121 -3.56 30.40 -19.05
C GLU D 121 -4.09 31.07 -20.32
N LYS D 122 -3.94 30.40 -21.46
CA LYS D 122 -4.56 30.91 -22.67
C LYS D 122 -6.08 30.68 -22.64
N LYS D 123 -6.48 29.45 -22.31
CA LYS D 123 -7.90 29.10 -22.33
C LYS D 123 -8.74 29.89 -21.33
N TYR D 124 -8.23 30.12 -20.14
CA TYR D 124 -9.07 30.75 -19.12
C TYR D 124 -8.68 32.21 -18.82
N ARG D 125 -8.06 32.85 -19.81
CA ARG D 125 -7.82 34.29 -19.80
C ARG D 125 -7.05 34.78 -18.57
N VAL D 126 -5.97 34.07 -18.27
CA VAL D 126 -5.05 34.47 -17.20
C VAL D 126 -4.14 35.58 -17.73
N ILE D 127 -3.88 36.59 -16.90
CA ILE D 127 -3.06 37.73 -17.30
C ILE D 127 -1.72 37.25 -17.88
N GLY D 128 -1.03 36.36 -17.14
CA GLY D 128 0.10 35.65 -17.71
C GLY D 128 1.47 36.06 -17.25
N ASP D 129 1.54 37.02 -16.33
CA ASP D 129 2.83 37.37 -15.76
C ASP D 129 3.00 36.90 -14.31
N ARG D 130 4.24 37.01 -13.86
CA ARG D 130 4.67 36.63 -12.53
C ARG D 130 3.84 37.32 -11.44
N GLN D 131 3.61 38.61 -11.64
CA GLN D 131 2.90 39.45 -10.69
C GLN D 131 1.46 39.00 -10.43
N HIS D 132 0.91 38.21 -11.34
CA HIS D 132 -0.47 37.73 -11.19
C HIS D 132 -0.57 36.19 -11.24
N ARG D 133 0.48 35.52 -10.76
CA ARG D 133 0.48 34.06 -10.68
C ARG D 133 0.98 33.60 -9.31
N ALA D 134 0.15 32.87 -8.58
CA ALA D 134 0.53 32.36 -7.26
C ALA D 134 0.30 30.84 -7.20
N ILE D 135 0.82 30.19 -6.18
CA ILE D 135 0.67 28.75 -6.07
C ILE D 135 0.58 28.36 -4.60
N ALA D 136 -0.26 27.37 -4.32
CA ALA D 136 -0.56 26.92 -2.96
C ALA D 136 -0.88 25.45 -3.05
N GLY D 137 -0.89 24.75 -1.91
CA GLY D 137 -1.28 23.36 -1.92
C GLY D 137 -1.17 22.71 -0.56
N LEU D 138 -1.72 21.51 -0.42
CA LEU D 138 -1.66 20.84 0.87
C LEU D 138 -0.86 19.53 0.80
N SER D 139 -0.13 19.25 1.87
CA SER D 139 0.64 18.02 2.00
C SER D 139 1.62 17.88 0.83
N MET D 140 1.54 16.78 0.08
CA MET D 140 2.38 16.61 -1.11
C MET D 140 2.29 17.84 -2.03
N GLY D 141 1.11 18.44 -2.12
CA GLY D 141 0.91 19.63 -2.94
C GLY D 141 1.50 20.89 -2.33
N GLY D 142 1.66 20.89 -1.01
CA GLY D 142 2.28 22.01 -0.33
C GLY D 142 3.78 22.00 -0.60
N GLY D 143 4.35 20.80 -0.63
CA GLY D 143 5.75 20.63 -0.97
C GLY D 143 5.97 20.95 -2.44
N GLY D 144 5.05 20.52 -3.29
CA GLY D 144 5.11 20.85 -4.72
C GLY D 144 5.05 22.35 -4.95
N ALA D 145 4.10 23.03 -4.29
CA ALA D 145 3.96 24.47 -4.42
C ALA D 145 5.24 25.19 -3.99
N THR D 146 5.78 24.77 -2.85
CA THR D 146 6.96 25.39 -2.29
C THR D 146 8.18 25.21 -3.19
N ASN D 147 8.45 23.97 -3.63
CA ASN D 147 9.63 23.74 -4.46
C ASN D 147 9.47 24.38 -5.86
N TYR D 148 8.23 24.43 -6.39
CA TYR D 148 7.98 25.14 -7.66
C TYR D 148 8.31 26.61 -7.48
N GLY D 149 7.85 27.20 -6.37
CA GLY D 149 8.15 28.59 -6.10
C GLY D 149 9.64 28.84 -5.89
N GLN D 150 10.34 27.85 -5.36
CA GLN D 150 11.78 27.97 -5.13
C GLN D 150 12.57 27.95 -6.44
N ARG D 151 12.26 26.97 -7.29
CA ARG D 151 13.05 26.75 -8.51
C ARG D 151 12.48 27.50 -9.70
N HIS D 152 11.28 28.04 -9.54
CA HIS D 152 10.67 28.88 -10.59
C HIS D 152 10.21 30.21 -10.00
N SER D 153 11.09 30.86 -9.24
CA SER D 153 10.73 32.12 -8.59
C SER D 153 10.39 33.19 -9.63
N ASP D 154 10.88 33.01 -10.86
CA ASP D 154 10.54 33.94 -11.94
C ASP D 154 9.10 33.76 -12.42
N MET D 155 8.43 32.70 -11.95
CA MET D 155 7.05 32.43 -12.38
C MET D 155 5.99 32.80 -11.34
N PHE D 156 6.34 32.78 -10.05
CA PHE D 156 5.35 33.00 -9.00
C PHE D 156 5.68 34.17 -8.08
N CYS D 157 4.67 34.94 -7.69
CA CYS D 157 4.85 36.05 -6.77
C CYS D 157 4.58 35.62 -5.33
N ALA D 158 3.85 34.53 -5.14
CA ALA D 158 3.46 34.11 -3.80
C ALA D 158 3.27 32.60 -3.70
N VAL D 159 3.64 32.06 -2.53
CA VAL D 159 3.47 30.65 -2.22
C VAL D 159 2.76 30.53 -0.88
N TYR D 160 1.71 29.70 -0.82
CA TYR D 160 1.05 29.40 0.45
C TYR D 160 1.09 27.89 0.68
N ALA D 161 1.92 27.45 1.63
CA ALA D 161 2.13 26.02 1.88
C ALA D 161 1.33 25.52 3.09
N MET D 162 0.37 24.63 2.85
CA MET D 162 -0.51 24.08 3.89
C MET D 162 -0.09 22.68 4.28
N SER D 163 0.23 22.48 5.57
CA SER D 163 0.61 21.17 6.07
C SER D 163 1.56 20.49 5.09
N ALA D 164 2.58 21.23 4.67
CA ALA D 164 3.36 20.86 3.50
C ALA D 164 4.39 19.76 3.69
N LEU D 165 4.49 18.92 2.68
CA LEU D 165 5.52 17.90 2.63
C LEU D 165 6.85 18.56 2.26
N MET D 166 7.40 19.36 3.17
CA MET D 166 8.64 20.10 2.91
C MET D 166 9.79 19.13 2.70
N SER D 167 9.69 18.00 3.39
CA SER D 167 10.50 16.82 3.10
C SER D 167 9.80 15.63 3.73
N ILE D 168 10.41 14.46 3.58
CA ILE D 168 9.90 13.25 4.20
C ILE D 168 10.08 13.32 5.72
N PRO D 169 9.01 13.08 6.49
CA PRO D 169 9.09 13.19 7.95
C PRO D 169 9.89 12.04 8.54
N GLU D 170 10.56 12.25 9.66
CA GLU D 170 11.31 11.16 10.28
C GLU D 170 10.36 10.08 10.81
N GLN D 171 9.19 10.51 11.26
CA GLN D 171 8.19 9.57 11.79
C GLN D 171 6.88 9.70 11.03
N GLY D 172 6.27 8.55 10.73
CA GLY D 172 5.08 8.52 9.91
C GLY D 172 5.42 8.43 8.43
N PRO D 175 5.20 4.28 4.24
CA PRO D 175 6.20 3.22 4.11
C PRO D 175 6.46 2.84 2.65
N ALA D 176 7.72 2.94 2.24
CA ALA D 176 8.11 2.76 0.85
C ALA D 176 9.31 1.83 0.73
N ASP D 177 9.11 0.58 1.14
CA ASP D 177 10.22 -0.37 1.23
C ASP D 177 10.51 -1.11 -0.08
N ASP D 178 9.60 -1.01 -1.04
CA ASP D 178 9.89 -1.56 -2.38
C ASP D 178 10.44 -0.44 -3.24
N PRO D 179 11.75 -0.45 -3.45
CA PRO D 179 12.50 0.64 -4.09
C PRO D 179 12.07 0.91 -5.54
N ASN D 180 11.31 0.00 -6.14
CA ASN D 180 10.85 0.20 -7.52
C ASN D 180 9.36 0.48 -7.62
N SER D 181 8.74 0.74 -6.47
CA SER D 181 7.34 1.10 -6.43
C SER D 181 7.19 2.60 -6.68
N LYS D 182 6.02 3.02 -7.14
CA LYS D 182 5.80 4.45 -7.40
C LYS D 182 5.92 5.25 -6.09
N ILE D 183 5.48 4.66 -4.97
CA ILE D 183 5.57 5.39 -3.71
C ILE D 183 7.04 5.61 -3.28
N ALA D 184 7.91 4.62 -3.54
CA ALA D 184 9.32 4.77 -3.22
C ALA D 184 9.98 5.77 -4.16
N ILE D 185 9.58 5.74 -5.43
CA ILE D 185 10.13 6.66 -6.41
C ILE D 185 9.77 8.10 -6.01
N LEU D 186 8.52 8.32 -5.61
CA LEU D 186 8.09 9.61 -5.08
C LEU D 186 8.88 10.01 -3.85
N THR D 187 9.04 9.07 -2.91
CA THR D 187 9.77 9.33 -1.68
C THR D 187 11.18 9.86 -1.98
N ARG D 188 11.89 9.21 -2.90
CA ARG D 188 13.23 9.66 -3.25
C ARG D 188 13.24 11.02 -3.94
N SER D 189 12.25 11.24 -4.81
CA SER D 189 12.06 12.51 -5.47
C SER D 189 11.88 13.66 -4.47
N VAL D 190 11.06 13.42 -3.45
CA VAL D 190 10.77 14.44 -2.43
C VAL D 190 12.01 14.74 -1.59
N ILE D 191 12.74 13.71 -1.18
CA ILE D 191 14.01 13.89 -0.46
C ILE D 191 15.00 14.70 -1.30
N GLU D 192 15.13 14.29 -2.55
CA GLU D 192 16.06 14.90 -3.50
C GLU D 192 15.76 16.38 -3.72
N ASN D 193 14.48 16.74 -3.71
CA ASN D 193 14.07 18.12 -3.87
C ASN D 193 13.60 18.77 -2.55
N SER D 194 14.17 18.32 -1.45
CA SER D 194 13.79 18.84 -0.12
C SER D 194 13.70 20.36 -0.12
N CYS D 195 12.55 20.86 0.30
CA CYS D 195 12.34 22.31 0.40
C CYS D 195 13.24 22.93 1.48
N VAL D 196 13.52 22.15 2.51
CA VAL D 196 14.38 22.63 3.58
C VAL D 196 15.82 22.76 3.05
N LYS D 197 16.31 21.73 2.39
CA LYS D 197 17.68 21.72 1.89
C LYS D 197 17.93 22.87 0.92
N TYR D 198 16.97 23.14 0.05
CA TYR D 198 17.10 24.20 -0.94
C TYR D 198 17.41 25.55 -0.30
N VAL D 199 16.79 25.84 0.84
CA VAL D 199 17.04 27.10 1.53
C VAL D 199 18.37 27.01 2.29
N MET D 200 18.58 25.89 2.96
CA MET D 200 19.81 25.65 3.74
C MET D 200 21.07 25.86 2.91
N GLU D 201 21.03 25.41 1.65
CA GLU D 201 22.19 25.47 0.78
C GLU D 201 22.26 26.70 -0.12
N ALA D 202 21.37 27.65 0.08
CA ALA D 202 21.32 28.82 -0.80
C ALA D 202 22.56 29.70 -0.65
N ASP D 203 23.14 30.10 -1.79
CA ASP D 203 24.12 31.18 -1.78
C ASP D 203 23.38 32.52 -1.85
N GLU D 204 24.12 33.61 -1.96
CA GLU D 204 23.52 34.93 -1.90
C GLU D 204 22.57 35.20 -3.06
N ASP D 205 22.88 34.66 -4.23
CA ASP D 205 22.02 34.84 -5.40
C ASP D 205 20.69 34.14 -5.20
N ARG D 206 20.74 32.91 -4.69
CA ARG D 206 19.51 32.17 -4.43
C ARG D 206 18.69 32.83 -3.34
N LYS D 207 19.35 33.30 -2.29
CA LYS D 207 18.66 34.00 -1.23
C LYS D 207 17.93 35.23 -1.78
N ALA D 208 18.58 35.97 -2.68
CA ALA D 208 17.94 37.12 -3.30
C ALA D 208 16.72 36.71 -4.13
N ASP D 209 16.87 35.61 -4.88
CA ASP D 209 15.74 35.11 -5.66
C ASP D 209 14.57 34.69 -4.77
N LEU D 210 14.86 34.03 -3.66
CA LEU D 210 13.82 33.58 -2.73
C LEU D 210 13.08 34.79 -2.15
N ARG D 211 13.81 35.87 -1.91
CA ARG D 211 13.22 37.09 -1.36
C ARG D 211 12.27 37.76 -2.33
N SER D 212 12.35 37.42 -3.62
CA SER D 212 11.44 38.04 -4.58
C SER D 212 10.02 37.43 -4.49
N VAL D 213 9.91 36.35 -3.71
CA VAL D 213 8.63 35.64 -3.53
C VAL D 213 8.07 35.88 -2.12
N ALA D 214 6.74 36.02 -2.00
CA ALA D 214 6.09 36.09 -0.68
C ALA D 214 5.72 34.69 -0.21
N TRP D 215 6.08 34.35 1.02
CA TRP D 215 5.90 33.00 1.56
C TRP D 215 5.01 32.94 2.80
N PHE D 216 4.11 31.97 2.83
CA PHE D 216 3.20 31.75 3.94
C PHE D 216 3.13 30.24 4.23
N VAL D 217 3.46 29.86 5.46
CA VAL D 217 3.52 28.47 5.88
C VAL D 217 2.53 28.23 7.02
N ASP D 218 1.62 27.27 6.82
CA ASP D 218 0.47 27.08 7.70
C ASP D 218 0.36 25.59 8.02
N CYS D 219 0.60 25.21 9.27
CA CYS D 219 0.65 23.78 9.62
C CYS D 219 0.17 23.55 11.06
N GLY D 220 -0.73 22.56 11.25
CA GLY D 220 -1.39 22.34 12.53
C GLY D 220 -0.49 21.73 13.60
N ASP D 221 -0.81 21.98 14.88
CA ASP D 221 0.08 21.55 15.95
C ASP D 221 0.08 20.03 16.12
N ASP D 222 -0.95 19.38 15.58
CA ASP D 222 -1.04 17.92 15.67
C ASP D 222 -0.62 17.21 14.38
N ASP D 223 -0.01 17.95 13.47
CA ASP D 223 0.36 17.39 12.17
C ASP D 223 1.70 16.65 12.20
N PHE D 224 1.75 15.44 11.63
CA PHE D 224 3.00 14.70 11.57
C PHE D 224 4.05 15.41 10.69
N LEU D 225 3.62 16.37 9.87
CA LEU D 225 4.59 17.12 9.09
C LEU D 225 5.02 18.43 9.76
N LEU D 226 4.56 18.67 11.00
CA LEU D 226 4.92 19.93 11.66
C LEU D 226 6.43 20.14 11.75
N ASP D 227 7.19 19.12 12.15
CA ASP D 227 8.62 19.28 12.37
C ASP D 227 9.36 19.73 11.10
N ARG D 228 8.99 19.17 9.94
CA ARG D 228 9.60 19.58 8.68
C ARG D 228 9.25 21.01 8.31
N ASN D 229 8.03 21.43 8.63
CA ASN D 229 7.64 22.82 8.37
C ASN D 229 8.35 23.80 9.31
N ILE D 230 8.53 23.37 10.55
CA ILE D 230 9.36 24.13 11.48
C ILE D 230 10.78 24.28 10.92
N GLU D 231 11.36 23.18 10.45
CA GLU D 231 12.70 23.23 9.88
C GLU D 231 12.76 24.18 8.67
N PHE D 232 11.76 24.14 7.82
CA PHE D 232 11.70 25.07 6.70
C PHE D 232 11.70 26.52 7.19
N TYR D 233 10.83 26.83 8.14
CA TYR D 233 10.70 28.20 8.64
C TYR D 233 12.01 28.68 9.27
N GLN D 234 12.64 27.83 10.07
CA GLN D 234 13.91 28.18 10.71
C GLN D 234 15.00 28.40 9.68
N ALA D 235 14.98 27.61 8.60
CA ALA D 235 15.95 27.77 7.53
C ALA D 235 15.74 29.11 6.85
N MET D 236 14.48 29.46 6.59
CA MET D 236 14.15 30.75 5.99
C MET D 236 14.58 31.93 6.88
N ARG D 237 14.23 31.88 8.16
CA ARG D 237 14.68 32.91 9.10
C ARG D 237 16.21 33.04 9.05
N ASN D 238 16.90 31.91 9.19
CA ASN D 238 18.37 31.89 9.18
C ASN D 238 18.95 32.40 7.85
N ALA D 239 18.16 32.34 6.77
CA ALA D 239 18.59 32.84 5.46
C ALA D 239 18.16 34.29 5.23
N GLY D 240 17.50 34.89 6.21
CA GLY D 240 16.98 36.24 6.04
C GLY D 240 15.99 36.35 4.89
N VAL D 241 15.16 35.33 4.71
CA VAL D 241 14.08 35.38 3.72
C VAL D 241 12.75 35.50 4.43
N PRO D 242 12.09 36.67 4.33
CA PRO D 242 10.83 36.89 5.04
C PRO D 242 9.78 35.81 4.78
N CYS D 243 9.08 35.41 5.83
CA CYS D 243 8.13 34.31 5.70
C CYS D 243 7.11 34.39 6.84
N GLN D 244 5.83 34.21 6.54
CA GLN D 244 4.84 34.10 7.62
C GLN D 244 4.71 32.64 8.04
N PHE D 245 4.60 32.40 9.35
CA PHE D 245 4.44 31.05 9.88
C PHE D 245 3.25 31.04 10.84
N ARG D 246 2.31 30.13 10.62
CA ARG D 246 1.19 29.94 11.55
C ARG D 246 1.12 28.49 11.94
N VAL D 247 0.99 28.25 13.24
CA VAL D 247 0.65 26.94 13.71
C VAL D 247 -0.69 27.07 14.40
N ARG D 248 -1.72 26.49 13.77
CA ARG D 248 -3.05 26.57 14.33
C ARG D 248 -3.42 25.22 14.92
N ASP D 249 -4.55 25.17 15.60
CA ASP D 249 -5.02 23.90 16.14
C ASP D 249 -5.37 22.94 15.02
N GLY D 250 -4.95 21.69 15.12
CA GLY D 250 -5.43 20.66 14.21
C GLY D 250 -4.37 19.80 13.57
N GLY D 251 -4.80 18.93 12.67
CA GLY D 251 -3.91 17.93 12.11
C GLY D 251 -3.98 17.91 10.60
N HIS D 252 -3.70 16.72 10.07
CA HIS D 252 -3.58 16.54 8.62
C HIS D 252 -4.95 16.24 8.08
N ASP D 253 -5.83 17.24 8.03
CA ASP D 253 -7.24 17.02 7.68
C ASP D 253 -7.84 18.19 6.92
N TRP D 254 -9.03 17.97 6.36
CA TRP D 254 -9.66 18.93 5.45
C TRP D 254 -10.33 20.13 6.15
N GLU D 255 -10.57 20.03 7.46
CA GLU D 255 -10.94 21.26 8.18
C GLU D 255 -9.74 22.20 8.21
N TYR D 256 -8.54 21.65 8.31
CA TYR D 256 -7.35 22.51 8.33
C TYR D 256 -7.18 23.21 6.99
N TRP D 257 -7.38 22.45 5.90
CA TRP D 257 -7.12 22.94 4.55
C TRP D 257 -8.25 23.84 4.05
N HIS D 258 -9.49 23.51 4.38
CA HIS D 258 -10.60 24.41 4.06
C HIS D 258 -10.41 25.75 4.78
N SER D 259 -10.09 25.70 6.06
CA SER D 259 -10.01 26.95 6.82
C SER D 259 -8.79 27.76 6.36
N ALA D 260 -7.78 27.07 5.83
CA ALA D 260 -6.59 27.75 5.35
C ALA D 260 -6.91 28.64 4.14
N LEU D 261 -7.99 28.32 3.43
CA LEU D 261 -8.37 29.13 2.27
C LEU D 261 -8.69 30.55 2.65
N TYR D 262 -9.24 30.72 3.84
CA TYR D 262 -9.66 32.04 4.30
C TYR D 262 -8.46 32.94 4.61
N GLN D 263 -7.31 32.33 4.79
CA GLN D 263 -6.07 33.10 4.93
C GLN D 263 -5.35 33.19 3.60
N CYS D 264 -5.40 32.10 2.82
CA CYS D 264 -4.66 31.99 1.56
C CYS D 264 -5.18 32.93 0.47
N LEU D 265 -6.49 32.92 0.24
CA LEU D 265 -7.06 33.72 -0.84
C LEU D 265 -6.86 35.23 -0.60
N PRO D 266 -7.06 35.73 0.64
CA PRO D 266 -6.75 37.16 0.83
C PRO D 266 -5.25 37.46 0.74
N PHE D 267 -4.42 36.52 1.18
CA PHE D 267 -2.98 36.67 1.09
C PHE D 267 -2.49 36.86 -0.35
N VAL D 268 -2.89 35.97 -1.25
CA VAL D 268 -2.40 36.07 -2.62
C VAL D 268 -3.02 37.29 -3.30
N THR D 269 -4.24 37.66 -2.90
CA THR D 269 -4.85 38.89 -3.39
C THR D 269 -4.01 40.14 -3.04
N ARG D 270 -3.50 40.19 -1.81
CA ARG D 270 -2.61 41.29 -1.43
C ARG D 270 -1.34 41.30 -2.27
N ILE D 271 -0.75 40.14 -2.52
CA ILE D 271 0.51 40.08 -3.26
C ILE D 271 0.34 40.43 -4.76
N PHE D 272 -0.76 39.97 -5.38
CA PHE D 272 -1.05 40.25 -6.79
C PHE D 272 -0.92 41.72 -7.18
N TRP E 6 -24.56 54.07 41.94
CA TRP E 6 -23.72 53.09 41.25
C TRP E 6 -24.22 51.65 41.41
N ASN E 7 -23.31 50.70 41.30
CA ASN E 7 -23.65 49.28 41.46
C ASN E 7 -22.39 48.41 41.53
N PHE E 8 -22.55 47.13 41.87
CA PHE E 8 -21.41 46.24 42.02
C PHE E 8 -20.76 45.94 40.67
N GLN E 9 -19.44 46.02 40.63
CA GLN E 9 -18.69 45.68 39.43
C GLN E 9 -17.32 45.09 39.76
N SER E 10 -16.69 44.51 38.75
CA SER E 10 -15.34 43.99 38.88
C SER E 10 -14.38 45.15 39.15
N LYS E 11 -13.32 44.88 39.88
CA LYS E 11 -12.33 45.91 40.21
C LYS E 11 -10.93 45.36 40.11
N VAL E 12 -9.97 46.23 39.83
CA VAL E 12 -8.57 45.87 40.00
C VAL E 12 -8.02 46.56 41.25
N VAL E 13 -7.45 45.78 42.16
CA VAL E 13 -6.85 46.33 43.39
C VAL E 13 -5.35 46.04 43.44
N THR E 14 -4.58 47.00 43.94
CA THR E 14 -3.15 46.77 44.19
C THR E 14 -2.85 46.95 45.69
N ASP E 15 -2.10 46.01 46.26
CA ASP E 15 -1.80 46.09 47.68
C ASP E 15 -0.41 45.50 47.91
N THR E 16 0.05 45.55 49.16
CA THR E 16 1.41 45.18 49.48
C THR E 16 1.51 44.35 50.75
N LEU E 17 2.32 43.30 50.67
CA LEU E 17 2.56 42.36 51.76
C LEU E 17 4.06 42.31 52.01
N PHE E 18 4.47 42.45 53.27
CA PHE E 18 5.87 42.28 53.59
C PHE E 18 6.24 40.80 53.65
N SER E 19 7.25 40.40 52.88
CA SER E 19 7.67 39.01 52.86
C SER E 19 8.76 38.75 53.87
N LYS E 20 8.51 37.84 54.79
CA LYS E 20 9.52 37.49 55.79
C LYS E 20 10.58 36.56 55.16
N VAL E 21 10.17 35.79 54.15
CA VAL E 21 11.10 34.92 53.44
C VAL E 21 12.13 35.74 52.65
N LEU E 22 11.67 36.80 52.00
CA LEU E 22 12.52 37.62 51.15
C LEU E 22 13.13 38.79 51.89
N ASN E 23 12.56 39.11 53.05
CA ASN E 23 12.96 40.29 53.79
C ASN E 23 12.71 41.54 52.96
N SER E 24 11.53 41.62 52.36
CA SER E 24 11.24 42.68 51.42
C SER E 24 9.73 42.78 51.20
N LYS E 25 9.25 44.00 50.97
CA LYS E 25 7.85 44.17 50.65
C LYS E 25 7.58 43.63 49.25
N ARG E 26 6.39 43.06 49.05
CA ARG E 26 5.98 42.57 47.75
C ARG E 26 4.60 43.11 47.43
N ALA E 27 4.51 44.00 46.44
CA ALA E 27 3.22 44.44 45.94
C ALA E 27 2.63 43.36 45.03
N TYR E 28 1.32 43.39 44.87
CA TYR E 28 0.63 42.51 43.95
C TYR E 28 -0.59 43.23 43.43
N THR E 29 -1.10 42.78 42.29
CA THR E 29 -2.28 43.36 41.67
C THR E 29 -3.30 42.27 41.40
N VAL E 30 -4.53 42.48 41.84
CA VAL E 30 -5.53 41.43 41.80
C VAL E 30 -6.82 41.88 41.11
N PHE E 31 -7.36 41.01 40.27
CA PHE E 31 -8.67 41.24 39.66
C PHE E 31 -9.74 40.60 40.53
N LEU E 32 -10.76 41.37 40.90
CA LEU E 32 -11.86 40.85 41.69
C LEU E 32 -13.17 40.88 40.89
N PRO E 33 -13.86 39.73 40.79
CA PRO E 33 -15.08 39.62 40.00
C PRO E 33 -16.19 40.55 40.51
N LYS E 34 -17.18 40.78 39.67
CA LYS E 34 -18.30 41.68 39.97
C LYS E 34 -19.04 41.25 41.24
N SER E 35 -19.16 39.94 41.43
CA SER E 35 -19.92 39.39 42.55
C SER E 35 -19.17 39.40 43.87
N PHE E 36 -17.92 39.86 43.86
CA PHE E 36 -17.08 39.72 45.05
C PHE E 36 -17.68 40.42 46.28
N GLU E 37 -18.12 41.67 46.11
CA GLU E 37 -18.70 42.45 47.21
C GLU E 37 -20.17 42.11 47.45
N GLN E 38 -20.79 41.45 46.48
CA GLN E 38 -22.22 41.20 46.50
C GLN E 38 -22.59 39.87 47.17
N ASN E 39 -21.83 38.84 46.84
CA ASN E 39 -22.05 37.51 47.39
C ASN E 39 -20.84 37.12 48.23
N LYS E 40 -20.83 37.54 49.49
CA LYS E 40 -19.66 37.37 50.35
C LYS E 40 -19.43 35.91 50.71
N GLU E 41 -20.34 35.03 50.31
CA GLU E 41 -20.19 33.60 50.59
C GLU E 41 -19.57 32.83 49.42
N LYS E 42 -19.51 33.47 48.25
CA LYS E 42 -18.99 32.80 47.06
C LYS E 42 -17.47 32.60 47.17
N LYS E 43 -17.02 31.44 46.71
CA LYS E 43 -15.60 31.16 46.56
C LYS E 43 -15.27 30.99 45.07
N TYR E 44 -14.01 31.21 44.71
CA TYR E 44 -13.64 31.33 43.29
C TYR E 44 -12.40 30.52 42.92
N PRO E 45 -12.34 30.06 41.67
CA PRO E 45 -11.06 29.54 41.19
C PRO E 45 -10.08 30.70 41.05
N VAL E 46 -8.79 30.42 40.91
CA VAL E 46 -7.79 31.47 40.80
C VAL E 46 -6.81 31.24 39.64
N LEU E 47 -6.45 32.32 38.97
CA LEU E 47 -5.39 32.30 37.96
C LEU E 47 -4.24 33.18 38.44
N TYR E 48 -3.08 32.57 38.65
CA TYR E 48 -1.87 33.35 38.86
C TYR E 48 -1.31 33.73 37.48
N LEU E 49 -1.12 35.02 37.27
CA LEU E 49 -0.81 35.56 35.95
C LEU E 49 0.47 36.39 36.04
N LEU E 50 1.58 35.82 35.57
CA LEU E 50 2.90 36.37 35.86
C LEU E 50 3.41 37.31 34.77
N HIS E 51 4.16 38.34 35.19
CA HIS E 51 4.71 39.33 34.26
C HIS E 51 6.11 38.90 33.80
N GLY E 52 6.68 39.67 32.88
CA GLY E 52 7.98 39.36 32.33
C GLY E 52 9.12 40.10 33.00
N MET E 53 10.34 39.86 32.51
CA MET E 53 11.52 40.56 33.02
C MET E 53 11.40 42.07 32.83
N TRP E 54 11.98 42.84 33.76
CA TRP E 54 11.90 44.30 33.76
C TRP E 54 10.55 44.86 34.26
N GLU E 55 9.50 44.05 34.21
CA GLU E 55 8.18 44.57 34.56
C GLU E 55 7.87 44.40 36.06
N THR E 56 6.74 44.97 36.49
CA THR E 56 6.27 44.79 37.86
C THR E 56 4.77 44.47 37.85
N ASN E 57 4.21 44.25 39.02
CA ASN E 57 2.87 43.70 39.16
C ASN E 57 1.71 44.39 38.42
N PRO E 58 1.75 45.72 38.22
CA PRO E 58 0.58 46.38 37.60
C PRO E 58 0.39 46.19 36.08
N VAL E 59 1.36 45.56 35.42
CA VAL E 59 1.40 45.59 33.95
C VAL E 59 0.25 44.81 33.28
N TRP E 60 -0.18 43.69 33.88
CA TRP E 60 -1.28 42.92 33.30
C TRP E 60 -2.60 43.70 33.34
N ALA E 61 -2.83 44.43 34.43
CA ALA E 61 -4.02 45.29 34.49
C ALA E 61 -3.93 46.49 33.55
N GLU E 62 -2.75 47.13 33.49
CA GLU E 62 -2.63 48.41 32.79
C GLU E 62 -2.43 48.31 31.26
N ARG E 63 -1.60 47.35 30.84
CA ARG E 63 -1.33 47.16 29.42
C ARG E 63 -2.08 45.92 28.91
N GLY E 64 -2.27 44.92 29.77
CA GLY E 64 -3.02 43.74 29.39
C GLY E 64 -4.53 43.93 29.41
N HIS E 65 -5.00 45.01 30.02
CA HIS E 65 -6.42 45.31 30.14
C HIS E 65 -7.24 44.15 30.68
N VAL E 66 -6.69 43.46 31.69
CA VAL E 66 -7.31 42.26 32.25
C VAL E 66 -8.77 42.47 32.63
N LYS E 67 -9.06 43.58 33.31
CA LYS E 67 -10.43 43.86 33.73
C LYS E 67 -11.37 43.93 32.53
N ASP E 68 -10.96 44.65 31.50
CA ASP E 68 -11.81 44.82 30.32
C ASP E 68 -12.08 43.48 29.61
N VAL E 69 -11.05 42.65 29.54
CA VAL E 69 -11.19 41.35 28.86
C VAL E 69 -12.10 40.43 29.67
N MET E 70 -11.86 40.35 30.97
CA MET E 70 -12.76 39.59 31.85
C MET E 70 -14.21 40.08 31.75
N ASP E 71 -14.42 41.39 31.81
CA ASP E 71 -15.77 41.94 31.75
C ASP E 71 -16.48 41.44 30.49
N ARG E 72 -15.77 41.43 29.37
CA ARG E 72 -16.31 40.90 28.12
C ARG E 72 -16.59 39.39 28.23
N LEU E 73 -15.59 38.60 28.59
CA LEU E 73 -15.73 37.15 28.54
C LEU E 73 -16.64 36.59 29.63
N VAL E 74 -16.71 37.26 30.78
CA VAL E 74 -17.63 36.84 31.82
C VAL E 74 -19.07 37.04 31.34
N ALA E 75 -19.32 38.15 30.69
CA ALA E 75 -20.68 38.49 30.26
C ALA E 75 -21.16 37.52 29.15
N SER E 76 -20.22 37.02 28.35
CA SER E 76 -20.57 36.12 27.25
C SER E 76 -20.57 34.68 27.73
N GLY E 77 -20.06 34.45 28.93
CA GLY E 77 -19.97 33.12 29.49
C GLY E 77 -18.72 32.34 29.10
N GLU E 78 -17.86 32.91 28.25
CA GLU E 78 -16.66 32.18 27.80
C GLU E 78 -15.63 32.04 28.92
N ALA E 79 -15.66 32.98 29.87
CA ALA E 79 -14.85 32.82 31.07
C ALA E 79 -15.77 32.83 32.29
N CYS E 80 -15.38 32.10 33.32
CA CYS E 80 -16.08 32.14 34.61
C CYS E 80 -15.51 33.26 35.49
N GLU E 81 -16.22 33.63 36.52
CA GLU E 81 -15.64 34.56 37.48
C GLU E 81 -14.48 33.86 38.18
N MET E 82 -13.36 34.54 38.28
CA MET E 82 -12.20 34.01 38.97
C MET E 82 -11.40 35.15 39.54
N ILE E 83 -10.62 34.84 40.57
CA ILE E 83 -9.57 35.74 41.05
C ILE E 83 -8.36 35.66 40.13
N ILE E 84 -7.84 36.81 39.71
CA ILE E 84 -6.61 36.83 38.91
C ILE E 84 -5.55 37.65 39.65
N VAL E 85 -4.37 37.07 39.81
CA VAL E 85 -3.35 37.57 40.72
C VAL E 85 -2.00 37.74 40.06
N THR E 86 -1.46 38.95 40.09
CA THR E 86 -0.10 39.16 39.60
C THR E 86 0.81 39.70 40.71
N PRO E 87 1.77 38.88 41.18
CA PRO E 87 2.73 39.32 42.20
C PRO E 87 3.87 40.11 41.58
N ASN E 88 4.49 41.01 42.34
CA ASN E 88 5.69 41.66 41.83
C ASN E 88 6.87 40.71 41.89
N ALA E 89 7.50 40.48 40.73
CA ALA E 89 8.70 39.65 40.68
C ALA E 89 9.77 40.27 39.78
N GLY E 90 9.73 41.59 39.62
CA GLY E 90 10.69 42.24 38.75
C GLY E 90 11.00 43.69 39.09
N GLY E 91 11.14 44.50 38.03
CA GLY E 91 11.68 45.84 38.13
C GLY E 91 13.01 45.90 37.38
N ASN E 92 13.68 47.05 37.44
CA ASN E 92 15.00 47.25 36.85
C ASN E 92 15.94 46.11 37.23
N ILE E 93 16.39 45.36 36.22
CA ILE E 93 17.19 44.15 36.46
C ILE E 93 18.53 44.43 37.17
N HIS E 94 19.02 45.66 37.07
CA HIS E 94 20.30 46.01 37.70
C HIS E 94 20.12 46.33 39.19
N LEU E 95 18.93 46.75 39.57
CA LEU E 95 18.66 47.21 40.94
C LEU E 95 17.70 46.31 41.70
N GLU E 96 16.82 45.61 40.99
CA GLU E 96 15.78 44.80 41.62
C GLU E 96 15.88 43.33 41.21
N TRP E 97 15.46 42.45 42.11
CA TRP E 97 15.49 41.02 41.81
C TRP E 97 14.40 40.62 40.80
N ASN E 98 14.81 40.01 39.70
CA ASN E 98 13.87 39.41 38.74
C ASN E 98 13.92 37.89 38.82
N GLY E 99 12.76 37.25 38.78
CA GLY E 99 12.72 35.79 38.68
C GLY E 99 11.73 35.14 39.61
N TYR E 100 11.41 33.87 39.34
CA TYR E 100 10.36 33.18 40.07
C TYR E 100 10.86 31.99 40.88
N PHE E 101 12.11 31.61 40.70
CA PHE E 101 12.65 30.44 41.41
C PHE E 101 13.47 30.87 42.63
N ASP E 102 13.85 29.90 43.46
CA ASP E 102 14.72 30.18 44.61
C ASP E 102 16.14 30.40 44.14
N MET E 103 16.62 31.62 44.34
CA MET E 103 17.98 32.00 43.97
C MET E 103 18.76 32.41 45.22
N PRO E 104 20.10 32.38 45.14
CA PRO E 104 20.90 32.75 46.31
C PRO E 104 20.65 34.20 46.72
N GLY E 105 20.14 34.40 47.93
CA GLY E 105 19.82 35.73 48.42
C GLY E 105 18.39 36.16 48.10
N TRP E 106 17.63 35.30 47.43
CA TRP E 106 16.29 35.69 47.00
C TRP E 106 15.43 34.46 46.71
N LYS E 107 14.76 33.97 47.74
CA LYS E 107 14.04 32.71 47.64
C LYS E 107 12.59 32.96 47.21
N TYR E 108 12.40 33.41 45.97
CA TYR E 108 11.09 33.83 45.53
C TYR E 108 10.07 32.70 45.56
N GLU E 109 10.50 31.48 45.25
CA GLU E 109 9.56 30.37 45.14
C GLU E 109 9.06 29.98 46.53
N THR E 110 9.94 30.04 47.51
CA THR E 110 9.53 29.74 48.88
C THR E 110 8.54 30.81 49.37
N PHE E 111 8.81 32.07 49.00
CA PHE E 111 7.87 33.15 49.25
C PHE E 111 6.52 32.86 48.58
N PHE E 112 6.57 32.43 47.33
CA PHE E 112 5.33 32.22 46.59
C PHE E 112 4.46 31.14 47.24
N TYR E 113 5.05 30.00 47.58
CA TYR E 113 4.25 28.89 48.09
C TYR E 113 3.99 28.92 49.59
N THR E 114 4.92 29.45 50.39
CA THR E 114 4.74 29.42 51.85
C THR E 114 4.11 30.71 52.40
N GLU E 115 4.25 31.82 51.68
CA GLU E 115 3.67 33.09 52.13
C GLU E 115 2.53 33.63 51.24
N PHE E 116 2.84 33.86 49.96
CA PHE E 116 1.95 34.59 49.07
C PHE E 116 0.64 33.85 48.79
N LEU E 117 0.76 32.61 48.32
CA LEU E 117 -0.41 31.83 47.92
C LEU E 117 -1.39 31.63 49.09
N PRO E 118 -0.88 31.23 50.27
CA PRO E 118 -1.79 31.09 51.43
C PRO E 118 -2.50 32.40 51.79
N TYR E 119 -1.75 33.49 51.84
CA TYR E 119 -2.30 34.81 52.10
C TYR E 119 -3.39 35.18 51.08
N ILE E 120 -3.02 35.13 49.80
CA ILE E 120 -3.93 35.47 48.72
C ILE E 120 -5.21 34.65 48.75
N GLU E 121 -5.08 33.33 48.90
CA GLU E 121 -6.23 32.46 48.71
C GLU E 121 -7.23 32.57 49.88
N LYS E 122 -6.73 32.76 51.09
CA LYS E 122 -7.59 33.10 52.23
C LYS E 122 -8.27 34.45 52.04
N LYS E 123 -7.48 35.46 51.71
CA LYS E 123 -7.98 36.82 51.63
C LYS E 123 -9.05 37.02 50.56
N TYR E 124 -8.88 36.39 49.40
CA TYR E 124 -9.80 36.61 48.30
C TYR E 124 -10.69 35.40 48.01
N ARG E 125 -10.88 34.57 49.03
CA ARG E 125 -11.90 33.52 49.03
C ARG E 125 -11.71 32.55 47.86
N VAL E 126 -10.47 32.11 47.68
CA VAL E 126 -10.17 31.15 46.63
C VAL E 126 -10.53 29.74 47.13
N ILE E 127 -11.16 28.95 46.26
CA ILE E 127 -11.63 27.62 46.65
C ILE E 127 -10.51 26.80 47.27
N GLY E 128 -9.34 26.80 46.65
CA GLY E 128 -8.15 26.27 47.29
C GLY E 128 -7.66 24.88 46.91
N ASP E 129 -8.32 24.22 45.97
CA ASP E 129 -7.79 22.94 45.48
C ASP E 129 -7.16 23.10 44.08
N ARG E 130 -6.43 22.08 43.63
CA ARG E 130 -5.71 22.19 42.35
C ARG E 130 -6.70 22.32 41.18
N GLN E 131 -7.86 21.70 41.32
CA GLN E 131 -8.92 21.75 40.31
C GLN E 131 -9.38 23.17 40.00
N HIS E 132 -9.13 24.10 40.93
CA HIS E 132 -9.54 25.48 40.71
C HIS E 132 -8.37 26.44 40.82
N ARG E 133 -7.18 25.95 40.49
CA ARG E 133 -5.98 26.78 40.49
C ARG E 133 -5.21 26.61 39.18
N ALA E 134 -4.98 27.71 38.46
CA ALA E 134 -4.24 27.67 37.21
C ALA E 134 -3.16 28.74 37.23
N ILE E 135 -2.22 28.66 36.28
CA ILE E 135 -1.12 29.61 36.24
C ILE E 135 -0.75 29.90 34.79
N ALA E 136 -0.40 31.16 34.54
CA ALA E 136 -0.07 31.60 33.19
C ALA E 136 1.00 32.68 33.29
N GLY E 137 1.65 33.00 32.18
CA GLY E 137 2.59 34.11 32.21
C GLY E 137 3.26 34.38 30.88
N LEU E 138 3.86 35.57 30.75
CA LEU E 138 4.59 35.93 29.55
C LEU E 138 6.10 35.95 29.81
N SER E 139 6.86 35.46 28.83
CA SER E 139 8.32 35.57 28.85
C SER E 139 8.89 34.92 30.11
N MET E 140 9.63 35.67 30.93
CA MET E 140 10.14 35.13 32.19
C MET E 140 9.02 34.48 33.01
N GLY E 141 7.85 35.11 33.02
CA GLY E 141 6.72 34.59 33.76
C GLY E 141 6.07 33.40 33.07
N GLY E 142 6.31 33.24 31.77
CA GLY E 142 5.85 32.06 31.04
C GLY E 142 6.67 30.83 31.42
N GLY E 143 7.96 31.03 31.60
CA GLY E 143 8.83 29.97 32.07
C GLY E 143 8.57 29.67 33.54
N GLY E 144 8.31 30.73 34.30
CA GLY E 144 7.93 30.57 35.69
C GLY E 144 6.67 29.74 35.81
N ALA E 145 5.64 30.09 35.05
CA ALA E 145 4.38 29.34 35.10
C ALA E 145 4.59 27.90 34.71
N THR E 146 5.39 27.66 33.67
CA THR E 146 5.62 26.31 33.17
C THR E 146 6.37 25.42 34.17
N ASN E 147 7.47 25.92 34.72
CA ASN E 147 8.27 25.12 35.65
C ASN E 147 7.56 24.96 37.00
N TYR E 148 6.79 25.96 37.41
CA TYR E 148 5.90 25.80 38.58
C TYR E 148 4.91 24.66 38.37
N GLY E 149 4.30 24.63 37.19
CA GLY E 149 3.38 23.54 36.85
C GLY E 149 4.07 22.20 36.82
N GLN E 150 5.29 22.17 36.30
CA GLN E 150 6.07 20.94 36.22
C GLN E 150 6.39 20.38 37.61
N ARG E 151 6.93 21.22 38.48
CA ARG E 151 7.41 20.75 39.78
C ARG E 151 6.34 20.81 40.85
N HIS E 152 5.23 21.51 40.57
CA HIS E 152 4.08 21.52 41.49
C HIS E 152 2.78 21.11 40.80
N SER E 153 2.80 19.94 40.17
CA SER E 153 1.64 19.48 39.40
C SER E 153 0.48 19.18 40.35
N ASP E 154 0.77 18.92 41.62
CA ASP E 154 -0.29 18.73 42.61
C ASP E 154 -0.99 20.05 42.99
N MET E 155 -0.45 21.19 42.55
CA MET E 155 -1.04 22.50 42.83
C MET E 155 -1.85 23.13 41.67
N PHE E 156 -1.56 22.73 40.43
CA PHE E 156 -2.18 23.41 39.29
C PHE E 156 -2.84 22.44 38.32
N CYS E 157 -4.01 22.83 37.81
CA CYS E 157 -4.73 22.02 36.83
C CYS E 157 -4.40 22.43 35.40
N ALA E 158 -3.87 23.64 35.23
CA ALA E 158 -3.64 24.19 33.90
C ALA E 158 -2.51 25.21 33.89
N VAL E 159 -1.76 25.20 32.80
CA VAL E 159 -0.66 26.14 32.55
C VAL E 159 -0.81 26.76 31.18
N TYR E 160 -0.72 28.07 31.10
CA TYR E 160 -0.78 28.75 29.79
C TYR E 160 0.50 29.59 29.63
N ALA E 161 1.42 29.10 28.83
CA ALA E 161 2.71 29.76 28.63
C ALA E 161 2.73 30.65 27.39
N MET E 162 2.92 31.96 27.58
CA MET E 162 2.99 32.93 26.48
C MET E 162 4.41 33.38 26.19
N SER E 163 4.87 33.15 24.97
CA SER E 163 6.19 33.64 24.55
C SER E 163 7.21 33.33 25.64
N ALA E 164 7.14 32.11 26.15
CA ALA E 164 7.78 31.75 27.41
C ALA E 164 9.31 31.55 27.33
N LEU E 165 9.99 32.00 28.38
CA LEU E 165 11.41 31.75 28.57
C LEU E 165 11.60 30.30 29.03
N MET E 166 11.43 29.35 28.11
CA MET E 166 11.48 27.92 28.46
C MET E 166 12.89 27.51 28.87
N SER E 167 13.87 28.20 28.29
CA SER E 167 15.26 27.99 28.65
C SER E 167 16.08 29.14 28.08
N ILE E 168 17.39 29.08 28.20
CA ILE E 168 18.22 30.14 27.63
C ILE E 168 18.56 29.80 26.17
N PRO E 169 18.17 30.69 25.24
CA PRO E 169 18.45 30.61 23.78
C PRO E 169 19.88 31.03 23.42
N GLU E 170 20.44 30.41 22.37
CA GLU E 170 21.75 30.76 21.82
C GLU E 170 22.91 30.46 22.78
N VAL E 174 29.42 35.07 25.79
CA VAL E 174 30.39 35.41 26.84
C VAL E 174 29.83 35.12 28.23
N PRO E 175 30.62 34.42 29.07
CA PRO E 175 30.22 34.22 30.47
C PRO E 175 30.14 35.54 31.23
N ALA E 176 29.57 35.52 32.42
CA ALA E 176 29.27 36.73 33.16
C ALA E 176 30.47 37.29 33.92
N ASP E 177 30.78 38.56 33.67
CA ASP E 177 31.63 39.32 34.59
C ASP E 177 30.81 39.46 35.86
N ASP E 178 31.33 38.96 36.98
CA ASP E 178 30.60 38.96 38.22
C ASP E 178 29.39 38.03 38.14
N PRO E 179 29.60 36.75 38.46
CA PRO E 179 28.53 35.76 38.45
C PRO E 179 27.54 35.97 39.59
N ASN E 180 27.75 37.01 40.39
CA ASN E 180 26.89 37.25 41.55
C ASN E 180 25.97 38.45 41.36
N SER E 181 25.89 38.95 40.13
CA SER E 181 24.89 39.97 39.83
C SER E 181 23.50 39.34 39.80
N LYS E 182 22.47 40.15 40.02
CA LYS E 182 21.11 39.65 39.99
C LYS E 182 20.78 39.04 38.63
N ILE E 183 21.30 39.65 37.57
CA ILE E 183 21.00 39.21 36.21
C ILE E 183 21.70 37.88 35.89
N ALA E 184 22.95 37.72 36.34
CA ALA E 184 23.67 36.48 36.09
C ALA E 184 23.08 35.35 36.91
N ILE E 185 22.58 35.69 38.09
CA ILE E 185 22.00 34.72 39.00
C ILE E 185 20.67 34.21 38.43
N LEU E 186 19.85 35.11 37.91
CA LEU E 186 18.63 34.72 37.21
C LEU E 186 18.95 33.78 36.04
N THR E 187 19.93 34.17 35.24
CA THR E 187 20.33 33.38 34.09
C THR E 187 20.66 31.94 34.47
N ARG E 188 21.54 31.75 35.47
CA ARG E 188 21.87 30.41 35.90
C ARG E 188 20.65 29.66 36.43
N SER E 189 19.76 30.38 37.09
CA SER E 189 18.54 29.78 37.63
C SER E 189 17.63 29.20 36.53
N VAL E 190 17.48 29.96 35.46
CA VAL E 190 16.69 29.55 34.30
C VAL E 190 17.33 28.33 33.61
N ILE E 191 18.66 28.33 33.53
CA ILE E 191 19.38 27.20 32.96
C ILE E 191 19.21 25.93 33.81
N GLU E 192 19.41 26.05 35.12
CA GLU E 192 19.22 24.94 36.04
C GLU E 192 17.80 24.38 36.00
N ASN E 193 16.83 25.26 35.79
CA ASN E 193 15.43 24.86 35.81
C ASN E 193 14.80 24.86 34.43
N SER E 194 15.61 24.56 33.41
CA SER E 194 15.10 24.48 32.03
C SER E 194 13.79 23.69 31.95
N CYS E 195 12.76 24.31 31.39
CA CYS E 195 11.50 23.60 31.18
C CYS E 195 11.63 22.51 30.13
N VAL E 196 12.48 22.75 29.14
CA VAL E 196 12.73 21.75 28.11
C VAL E 196 13.43 20.54 28.73
N LYS E 197 14.48 20.79 29.52
CA LYS E 197 15.22 19.70 30.16
C LYS E 197 14.31 18.82 31.02
N TYR E 198 13.43 19.45 31.81
CA TYR E 198 12.54 18.74 32.73
C TYR E 198 11.71 17.69 32.00
N VAL E 199 11.21 18.04 30.82
CA VAL E 199 10.45 17.07 30.03
C VAL E 199 11.38 16.03 29.41
N MET E 200 12.51 16.47 28.86
CA MET E 200 13.36 15.56 28.11
C MET E 200 14.02 14.50 28.99
N GLU E 201 14.23 14.81 30.26
CA GLU E 201 14.86 13.85 31.17
C GLU E 201 13.80 12.98 31.87
N ALA E 202 12.53 13.16 31.54
CA ALA E 202 11.45 12.54 32.29
C ALA E 202 11.43 11.00 32.20
N ASP E 203 11.20 10.35 33.34
CA ASP E 203 10.93 8.91 33.36
C ASP E 203 9.42 8.73 33.29
N GLU E 204 8.94 7.50 33.33
CA GLU E 204 7.52 7.26 33.16
C GLU E 204 6.70 7.91 34.29
N ASP E 205 7.19 7.89 35.52
CA ASP E 205 6.49 8.49 36.65
C ASP E 205 6.30 9.98 36.45
N ARG E 206 7.33 10.65 35.95
CA ARG E 206 7.24 12.08 35.71
C ARG E 206 6.29 12.40 34.55
N LYS E 207 6.30 11.57 33.51
CA LYS E 207 5.37 11.77 32.38
C LYS E 207 3.94 11.66 32.86
N ALA E 208 3.64 10.67 33.69
CA ALA E 208 2.30 10.52 34.22
C ALA E 208 1.89 11.74 35.06
N ASP E 209 2.83 12.34 35.79
CA ASP E 209 2.50 13.55 36.56
C ASP E 209 2.21 14.73 35.64
N LEU E 210 3.02 14.89 34.60
CA LEU E 210 2.83 16.00 33.66
C LEU E 210 1.48 15.89 32.95
N ARG E 211 1.05 14.65 32.71
CA ARG E 211 -0.22 14.40 32.05
C ARG E 211 -1.43 14.80 32.90
N SER E 212 -1.21 15.02 34.20
CA SER E 212 -2.31 15.46 35.08
C SER E 212 -2.59 16.95 34.91
N VAL E 213 -1.71 17.65 34.20
CA VAL E 213 -1.83 19.08 33.97
C VAL E 213 -2.23 19.36 32.52
N ALA E 214 -3.07 20.37 32.31
CA ALA E 214 -3.42 20.83 30.95
C ALA E 214 -2.42 21.89 30.49
N TRP E 215 -1.85 21.74 29.30
CA TRP E 215 -0.80 22.65 28.84
C TRP E 215 -1.18 23.36 27.56
N PHE E 216 -0.88 24.66 27.51
CA PHE E 216 -1.14 25.51 26.35
C PHE E 216 0.08 26.40 26.16
N VAL E 217 0.72 26.29 25.00
CA VAL E 217 1.91 27.04 24.67
C VAL E 217 1.60 27.95 23.47
N ASP E 218 1.88 29.25 23.60
CA ASP E 218 1.43 30.27 22.64
C ASP E 218 2.58 31.26 22.40
N CYS E 219 3.15 31.24 21.19
CA CYS E 219 4.33 32.05 20.90
C CYS E 219 4.36 32.52 19.42
N GLY E 220 4.69 33.80 19.19
CA GLY E 220 4.60 34.41 17.86
C GLY E 220 5.67 33.98 16.86
N ASP E 221 5.37 34.06 15.57
CA ASP E 221 6.32 33.56 14.56
C ASP E 221 7.57 34.44 14.47
N ASP E 222 7.47 35.69 14.94
CA ASP E 222 8.64 36.57 14.95
C ASP E 222 9.28 36.73 16.33
N ASP E 223 8.90 35.88 17.27
CA ASP E 223 9.46 35.96 18.63
C ASP E 223 10.84 35.32 18.70
N PHE E 224 11.78 35.99 19.36
CA PHE E 224 13.12 35.42 19.49
C PHE E 224 13.13 34.19 20.38
N LEU E 225 12.05 33.99 21.13
CA LEU E 225 11.98 32.81 21.99
C LEU E 225 11.22 31.65 21.34
N LEU E 226 10.86 31.81 20.06
CA LEU E 226 10.09 30.79 19.35
C LEU E 226 10.79 29.42 19.33
N ASP E 227 12.08 29.38 19.02
CA ASP E 227 12.77 28.10 18.90
C ASP E 227 12.78 27.28 20.17
N ARG E 228 12.84 27.96 21.32
CA ARG E 228 12.86 27.26 22.59
C ARG E 228 11.46 26.77 22.96
N ASN E 229 10.43 27.50 22.55
CA ASN E 229 9.07 27.05 22.75
C ASN E 229 8.74 25.87 21.83
N ILE E 230 9.24 25.91 20.60
CA ILE E 230 9.14 24.76 19.71
C ILE E 230 9.78 23.51 20.34
N GLU E 231 10.99 23.65 20.89
CA GLU E 231 11.65 22.52 21.55
C GLU E 231 10.82 21.94 22.69
N PHE E 232 10.26 22.82 23.51
CA PHE E 232 9.39 22.41 24.61
C PHE E 232 8.22 21.59 24.10
N TYR E 233 7.54 22.11 23.07
CA TYR E 233 6.40 21.39 22.52
C TYR E 233 6.80 20.05 21.92
N GLN E 234 7.87 20.02 21.13
CA GLN E 234 8.32 18.76 20.56
C GLN E 234 8.64 17.73 21.66
N ALA E 235 9.26 18.19 22.75
CA ALA E 235 9.58 17.29 23.85
C ALA E 235 8.29 16.74 24.46
N MET E 236 7.32 17.62 24.66
CA MET E 236 6.02 17.24 25.22
C MET E 236 5.30 16.23 24.31
N ARG E 237 5.16 16.60 23.05
CA ARG E 237 4.50 15.74 22.06
C ARG E 237 5.19 14.37 22.01
N ASN E 238 6.52 14.36 21.90
CA ASN E 238 7.24 13.08 21.81
C ASN E 238 7.13 12.24 23.09
N ALA E 239 6.90 12.90 24.23
CA ALA E 239 6.76 12.17 25.49
C ALA E 239 5.33 11.72 25.72
N GLY E 240 4.45 11.97 24.75
CA GLY E 240 3.04 11.65 24.91
C GLY E 240 2.34 12.43 26.03
N VAL E 241 2.75 13.67 26.24
CA VAL E 241 2.05 14.56 27.16
C VAL E 241 1.21 15.57 26.39
N PRO E 242 -0.13 15.41 26.42
CA PRO E 242 -0.98 16.31 25.63
C PRO E 242 -0.69 17.80 25.91
N CYS E 243 -0.66 18.59 24.85
CA CYS E 243 -0.28 20.00 24.94
C CYS E 243 -0.80 20.71 23.70
N GLN E 244 -1.45 21.85 23.89
CA GLN E 244 -1.85 22.68 22.76
C GLN E 244 -0.68 23.60 22.38
N PHE E 245 -0.47 23.79 21.08
CA PHE E 245 0.60 24.67 20.60
C PHE E 245 0.03 25.61 19.53
N ARG E 246 0.19 26.91 19.75
CA ARG E 246 -0.22 27.91 18.75
C ARG E 246 0.94 28.83 18.45
N VAL E 247 1.17 29.04 17.15
CA VAL E 247 2.12 30.02 16.69
C VAL E 247 1.34 31.02 15.87
N ARG E 248 1.09 32.20 16.46
CA ARG E 248 0.33 33.24 15.81
C ARG E 248 1.24 34.30 15.23
N ASP E 249 0.70 35.19 14.42
CA ASP E 249 1.47 36.31 13.90
C ASP E 249 1.93 37.22 15.05
N GLY E 250 3.21 37.59 15.06
CA GLY E 250 3.65 38.64 15.96
C GLY E 250 4.90 38.29 16.71
N GLY E 251 5.30 39.18 17.61
CA GLY E 251 6.57 39.04 18.29
C GLY E 251 6.43 39.13 19.80
N HIS E 252 7.52 39.57 20.42
CA HIS E 252 7.63 39.63 21.88
C HIS E 252 7.07 40.97 22.34
N ASP E 253 5.75 41.14 22.25
CA ASP E 253 5.12 42.43 22.50
C ASP E 253 3.77 42.26 23.17
N TRP E 254 3.21 43.38 23.64
CA TRP E 254 1.99 43.33 24.45
C TRP E 254 0.71 43.15 23.65
N GLU E 255 0.73 43.43 22.35
CA GLU E 255 -0.40 43.03 21.51
C GLU E 255 -0.53 41.49 21.53
N TYR E 256 0.60 40.81 21.52
CA TYR E 256 0.58 39.33 21.58
C TYR E 256 0.02 38.86 22.93
N TRP E 257 0.42 39.53 24.01
CA TRP E 257 0.05 39.06 25.35
C TRP E 257 -1.37 39.46 25.71
N HIS E 258 -1.80 40.65 25.28
CA HIS E 258 -3.21 41.02 25.44
C HIS E 258 -4.13 40.09 24.65
N SER E 259 -3.82 39.83 23.39
CA SER E 259 -4.68 38.94 22.60
C SER E 259 -4.64 37.51 23.18
N ALA E 260 -3.50 37.10 23.77
CA ALA E 260 -3.42 35.74 24.32
C ALA E 260 -4.48 35.53 25.42
N LEU E 261 -4.86 36.60 26.11
CA LEU E 261 -5.84 36.49 27.20
C LEU E 261 -7.18 35.93 26.71
N TYR E 262 -7.51 36.25 25.46
CA TYR E 262 -8.76 35.79 24.87
C TYR E 262 -8.77 34.29 24.61
N GLN E 263 -7.60 33.68 24.58
CA GLN E 263 -7.50 32.22 24.52
C GLN E 263 -7.25 31.64 25.91
N CYS E 264 -6.45 32.34 26.71
CA CYS E 264 -6.09 31.83 28.02
C CYS E 264 -7.27 31.78 29.00
N LEU E 265 -8.07 32.84 29.07
CA LEU E 265 -9.14 32.90 30.08
C LEU E 265 -10.24 31.84 29.80
N PRO E 266 -10.64 31.67 28.54
CA PRO E 266 -11.59 30.56 28.27
C PRO E 266 -10.96 29.19 28.47
N PHE E 267 -9.68 29.04 28.17
CA PHE E 267 -8.97 27.77 28.39
C PHE E 267 -8.97 27.33 29.86
N VAL E 268 -8.50 28.18 30.77
CA VAL E 268 -8.48 27.76 32.18
C VAL E 268 -9.91 27.59 32.70
N THR E 269 -10.84 28.40 32.20
CA THR E 269 -12.25 28.21 32.56
C THR E 269 -12.75 26.80 32.24
N ARG E 270 -12.44 26.29 31.05
CA ARG E 270 -12.81 24.90 30.71
C ARG E 270 -12.15 23.87 31.62
N ILE E 271 -10.89 24.10 32.01
CA ILE E 271 -10.22 23.10 32.83
C ILE E 271 -10.75 23.12 34.27
N PHE E 272 -11.11 24.31 34.78
CA PHE E 272 -11.63 24.43 36.15
C PHE E 272 -12.81 23.49 36.40
N ASN F 7 -0.37 -32.69 -46.33
CA ASN F 7 -0.75 -32.32 -44.96
C ASN F 7 -1.63 -33.38 -44.29
N PHE F 8 -1.03 -34.51 -43.95
CA PHE F 8 -1.74 -35.53 -43.19
C PHE F 8 -1.74 -35.19 -41.70
N GLN F 9 -2.83 -35.50 -41.02
CA GLN F 9 -2.94 -35.21 -39.60
C GLN F 9 -3.50 -36.40 -38.84
N SER F 10 -3.03 -36.62 -37.63
CA SER F 10 -3.66 -37.61 -36.77
C SER F 10 -5.07 -37.13 -36.48
N LYS F 11 -5.99 -38.05 -36.21
CA LYS F 11 -7.37 -37.67 -36.01
C LYS F 11 -8.02 -38.50 -34.95
N VAL F 12 -9.07 -37.95 -34.36
CA VAL F 12 -9.91 -38.68 -33.44
C VAL F 12 -11.28 -38.87 -34.11
N VAL F 13 -11.77 -40.10 -34.11
CA VAL F 13 -13.03 -40.45 -34.75
C VAL F 13 -13.94 -41.12 -33.74
N THR F 14 -15.21 -40.71 -33.71
CA THR F 14 -16.20 -41.40 -32.88
C THR F 14 -17.20 -42.11 -33.80
N ASP F 15 -17.48 -43.37 -33.50
CA ASP F 15 -18.37 -44.15 -34.34
C ASP F 15 -19.10 -45.15 -33.45
N THR F 16 -19.81 -46.07 -34.07
CA THR F 16 -20.72 -46.92 -33.32
C THR F 16 -20.71 -48.34 -33.90
N LEU F 17 -20.97 -49.32 -33.04
CA LEU F 17 -21.01 -50.70 -33.45
C LEU F 17 -22.20 -51.34 -32.77
N PHE F 18 -22.93 -52.19 -33.47
CA PHE F 18 -24.05 -52.85 -32.82
C PHE F 18 -23.63 -54.19 -32.24
N SER F 19 -23.96 -54.39 -30.96
CA SER F 19 -23.59 -55.62 -30.27
C SER F 19 -24.80 -56.54 -30.09
N LYS F 20 -24.71 -57.73 -30.66
CA LYS F 20 -25.71 -58.77 -30.48
C LYS F 20 -25.67 -59.29 -29.04
N VAL F 21 -24.47 -59.48 -28.50
CA VAL F 21 -24.29 -59.94 -27.14
C VAL F 21 -25.03 -59.05 -26.13
N LEU F 22 -25.01 -57.75 -26.36
CA LEU F 22 -25.65 -56.81 -25.45
C LEU F 22 -27.00 -56.34 -25.94
N ASN F 23 -27.28 -56.56 -27.23
CA ASN F 23 -28.51 -56.08 -27.85
C ASN F 23 -28.60 -54.56 -27.71
N SER F 24 -27.47 -53.90 -27.91
CA SER F 24 -27.35 -52.46 -27.72
C SER F 24 -26.34 -51.87 -28.69
N LYS F 25 -26.58 -50.62 -29.07
CA LYS F 25 -25.62 -49.87 -29.86
C LYS F 25 -24.45 -49.45 -28.96
N ARG F 26 -23.23 -49.69 -29.41
CA ARG F 26 -22.05 -49.37 -28.60
C ARG F 26 -21.17 -48.34 -29.28
N ALA F 27 -21.08 -47.17 -28.66
CA ALA F 27 -20.23 -46.11 -29.16
C ALA F 27 -18.78 -46.38 -28.78
N TYR F 28 -17.86 -45.85 -29.59
CA TYR F 28 -16.44 -45.93 -29.29
C TYR F 28 -15.75 -44.73 -29.91
N THR F 29 -14.61 -44.37 -29.34
CA THR F 29 -13.82 -43.25 -29.85
C THR F 29 -12.41 -43.76 -30.13
N VAL F 30 -11.87 -43.48 -31.32
CA VAL F 30 -10.57 -44.03 -31.67
C VAL F 30 -9.63 -42.92 -32.12
N PHE F 31 -8.35 -43.04 -31.74
CA PHE F 31 -7.30 -42.17 -32.25
C PHE F 31 -6.62 -42.83 -33.47
N LEU F 32 -6.50 -42.09 -34.57
CA LEU F 32 -5.85 -42.60 -35.76
C LEU F 32 -4.60 -41.81 -36.08
N PRO F 33 -3.47 -42.50 -36.27
CA PRO F 33 -2.14 -41.91 -36.48
C PRO F 33 -2.08 -41.00 -37.69
N LYS F 34 -1.10 -40.11 -37.68
CA LYS F 34 -0.92 -39.19 -38.78
C LYS F 34 -0.78 -39.90 -40.13
N SER F 35 -0.15 -41.07 -40.12
CA SER F 35 0.13 -41.81 -41.35
C SER F 35 -1.02 -42.68 -41.82
N PHE F 36 -2.10 -42.75 -41.05
CA PHE F 36 -3.20 -43.68 -41.33
C PHE F 36 -3.79 -43.57 -42.74
N GLU F 37 -4.02 -42.35 -43.21
CA GLU F 37 -4.60 -42.14 -44.54
C GLU F 37 -3.51 -42.04 -45.62
N GLN F 38 -2.25 -42.09 -45.18
CA GLN F 38 -1.12 -41.84 -46.06
C GLN F 38 -0.63 -43.12 -46.72
N ASN F 39 -0.48 -44.17 -45.94
CA ASN F 39 -0.24 -45.48 -46.50
C ASN F 39 -1.30 -46.42 -45.96
N LYS F 40 -2.26 -46.73 -46.82
CA LYS F 40 -3.46 -47.40 -46.37
C LYS F 40 -3.23 -48.89 -46.21
N GLU F 41 -1.99 -49.31 -46.40
CA GLU F 41 -1.63 -50.70 -46.13
C GLU F 41 -0.79 -50.85 -44.86
N LYS F 42 -0.47 -49.75 -44.19
CA LYS F 42 0.30 -49.84 -42.94
C LYS F 42 -0.56 -50.37 -41.78
N LYS F 43 -0.01 -51.29 -41.00
CA LYS F 43 -0.66 -51.82 -39.79
C LYS F 43 -0.03 -51.24 -38.52
N TYR F 44 -0.77 -51.22 -37.42
CA TYR F 44 -0.34 -50.53 -36.19
C TYR F 44 -0.52 -51.37 -34.93
N PRO F 45 0.29 -51.11 -33.89
CA PRO F 45 -0.10 -51.72 -32.62
C PRO F 45 -1.32 -50.97 -32.07
N VAL F 46 -1.94 -51.52 -31.03
CA VAL F 46 -3.12 -50.88 -30.46
C VAL F 46 -3.05 -50.79 -28.94
N LEU F 47 -3.52 -49.67 -28.42
CA LEU F 47 -3.75 -49.51 -26.99
C LEU F 47 -5.22 -49.34 -26.73
N TYR F 48 -5.78 -50.24 -25.91
CA TYR F 48 -7.14 -50.06 -25.42
C TYR F 48 -7.04 -49.20 -24.17
N LEU F 49 -7.77 -48.08 -24.18
CA LEU F 49 -7.64 -47.06 -23.15
C LEU F 49 -9.02 -46.78 -22.55
N LEU F 50 -9.23 -47.32 -21.35
CA LEU F 50 -10.55 -47.41 -20.73
C LEU F 50 -10.90 -46.23 -19.83
N HIS F 51 -12.17 -45.84 -19.83
CA HIS F 51 -12.61 -44.71 -19.00
C HIS F 51 -13.14 -45.19 -17.64
N GLY F 52 -13.45 -44.25 -16.76
CA GLY F 52 -13.94 -44.59 -15.44
C GLY F 52 -15.45 -44.56 -15.34
N MET F 53 -15.96 -44.84 -14.15
CA MET F 53 -17.39 -44.83 -13.88
C MET F 53 -18.00 -43.44 -14.13
N TRP F 54 -19.24 -43.41 -14.62
CA TRP F 54 -19.96 -42.19 -14.97
C TRP F 54 -19.58 -41.65 -16.34
N GLU F 55 -18.35 -41.94 -16.77
CA GLU F 55 -17.85 -41.40 -18.03
C GLU F 55 -18.31 -42.23 -19.22
N THR F 56 -18.09 -41.70 -20.41
CA THR F 56 -18.37 -42.42 -21.65
C THR F 56 -17.16 -42.30 -22.57
N ASN F 57 -17.24 -42.92 -23.74
CA ASN F 57 -16.09 -43.09 -24.61
C ASN F 57 -15.29 -41.83 -25.01
N PRO F 58 -15.94 -40.66 -25.17
CA PRO F 58 -15.12 -39.56 -25.70
C PRO F 58 -14.23 -38.82 -24.68
N VAL F 59 -14.29 -39.19 -23.40
CA VAL F 59 -13.61 -38.41 -22.37
C VAL F 59 -12.07 -38.41 -22.52
N TRP F 60 -11.50 -39.51 -23.01
CA TRP F 60 -10.03 -39.56 -23.17
C TRP F 60 -9.52 -38.60 -24.26
N ALA F 61 -10.25 -38.47 -25.37
CA ALA F 61 -9.88 -37.49 -26.38
C ALA F 61 -10.14 -36.06 -25.90
N GLU F 62 -11.25 -35.85 -25.20
CA GLU F 62 -11.70 -34.49 -24.90
C GLU F 62 -11.02 -33.88 -23.67
N ARG F 63 -10.83 -34.66 -22.61
CA ARG F 63 -10.20 -34.16 -21.40
C ARG F 63 -8.77 -34.71 -21.21
N GLY F 64 -8.52 -35.90 -21.76
CA GLY F 64 -7.20 -36.50 -21.70
C GLY F 64 -6.29 -35.95 -22.78
N HIS F 65 -6.89 -35.28 -23.76
CA HIS F 65 -6.16 -34.69 -24.88
C HIS F 65 -5.22 -35.69 -25.56
N VAL F 66 -5.72 -36.91 -25.75
CA VAL F 66 -4.92 -38.00 -26.30
C VAL F 66 -4.22 -37.67 -27.62
N LYS F 67 -4.93 -36.99 -28.54
CA LYS F 67 -4.30 -36.63 -29.81
C LYS F 67 -3.13 -35.67 -29.62
N ASP F 68 -3.30 -34.66 -28.77
CA ASP F 68 -2.25 -33.66 -28.58
C ASP F 68 -1.01 -34.30 -27.93
N VAL F 69 -1.24 -35.21 -26.99
CA VAL F 69 -0.13 -35.92 -26.33
C VAL F 69 0.58 -36.86 -27.30
N MET F 70 -0.19 -37.64 -28.05
CA MET F 70 0.39 -38.46 -29.11
C MET F 70 1.17 -37.63 -30.14
N ASP F 71 0.61 -36.51 -30.59
CA ASP F 71 1.32 -35.70 -31.58
C ASP F 71 2.70 -35.28 -31.05
N ARG F 72 2.77 -34.93 -29.76
CA ARG F 72 4.04 -34.62 -29.12
C ARG F 72 4.98 -35.83 -29.11
N LEU F 73 4.53 -36.94 -28.54
CA LEU F 73 5.45 -38.05 -28.26
C LEU F 73 5.82 -38.80 -29.54
N VAL F 74 4.95 -38.78 -30.54
CA VAL F 74 5.30 -39.40 -31.82
C VAL F 74 6.40 -38.58 -32.50
N ALA F 75 6.28 -37.25 -32.45
CA ALA F 75 7.28 -36.38 -33.05
C ALA F 75 8.66 -36.53 -32.43
N SER F 76 8.72 -36.81 -31.13
CA SER F 76 10.01 -36.92 -30.45
C SER F 76 10.54 -38.33 -30.48
N GLY F 77 9.72 -39.26 -30.97
CA GLY F 77 10.10 -40.67 -30.98
C GLY F 77 9.82 -41.41 -29.68
N GLU F 78 9.31 -40.75 -28.65
CA GLU F 78 9.07 -41.41 -27.38
C GLU F 78 7.88 -42.37 -27.41
N ALA F 79 6.93 -42.13 -28.30
CA ALA F 79 5.87 -43.12 -28.57
C ALA F 79 5.87 -43.49 -30.04
N CYS F 80 5.46 -44.71 -30.36
CA CYS F 80 5.30 -45.09 -31.75
C CYS F 80 3.87 -44.75 -32.17
N GLU F 81 3.63 -44.71 -33.47
CA GLU F 81 2.26 -44.59 -33.94
C GLU F 81 1.47 -45.82 -33.55
N MET F 82 0.32 -45.62 -32.93
CA MET F 82 -0.52 -46.73 -32.54
C MET F 82 -1.98 -46.32 -32.68
N ILE F 83 -2.86 -47.30 -32.85
CA ILE F 83 -4.30 -47.06 -32.68
C ILE F 83 -4.62 -46.99 -31.20
N ILE F 84 -5.43 -46.01 -30.82
CA ILE F 84 -5.89 -45.95 -29.45
C ILE F 84 -7.42 -45.92 -29.46
N VAL F 85 -8.02 -46.76 -28.63
CA VAL F 85 -9.48 -46.86 -28.68
C VAL F 85 -10.12 -46.95 -27.31
N THR F 86 -11.22 -46.22 -27.15
CA THR F 86 -11.98 -46.18 -25.92
C THR F 86 -13.42 -46.57 -26.23
N PRO F 87 -13.87 -47.73 -25.75
CA PRO F 87 -15.27 -48.10 -25.93
C PRO F 87 -16.12 -47.49 -24.82
N ASN F 88 -17.41 -47.27 -25.10
CA ASN F 88 -18.31 -46.82 -24.07
C ASN F 88 -18.63 -47.97 -23.13
N ALA F 89 -18.38 -47.78 -21.84
CA ALA F 89 -18.70 -48.77 -20.84
C ALA F 89 -19.34 -48.10 -19.63
N GLY F 90 -19.99 -46.96 -19.87
CA GLY F 90 -20.52 -46.18 -18.78
C GLY F 90 -21.66 -45.25 -19.13
N GLY F 91 -21.64 -44.07 -18.51
CA GLY F 91 -22.75 -43.15 -18.54
C GLY F 91 -23.31 -43.00 -17.14
N ASN F 92 -24.45 -42.35 -17.03
CA ASN F 92 -25.14 -42.21 -15.75
C ASN F 92 -25.38 -43.56 -15.09
N ILE F 93 -24.77 -43.79 -13.93
CA ILE F 93 -24.81 -45.11 -13.31
C ILE F 93 -26.22 -45.53 -12.91
N HIS F 94 -27.12 -44.56 -12.75
CA HIS F 94 -28.51 -44.87 -12.43
C HIS F 94 -29.30 -45.32 -13.67
N LEU F 95 -28.86 -44.92 -14.85
CA LEU F 95 -29.61 -45.21 -16.07
C LEU F 95 -28.86 -46.13 -17.03
N GLU F 96 -27.54 -46.11 -16.97
CA GLU F 96 -26.73 -46.82 -17.96
C GLU F 96 -25.79 -47.83 -17.30
N TRP F 97 -25.57 -48.95 -17.98
CA TRP F 97 -24.67 -49.98 -17.47
C TRP F 97 -23.21 -49.51 -17.43
N ASN F 98 -22.61 -49.60 -16.24
CA ASN F 98 -21.20 -49.31 -16.04
C ASN F 98 -20.41 -50.58 -15.70
N GLY F 99 -19.30 -50.81 -16.39
CA GLY F 99 -18.47 -51.96 -16.03
C GLY F 99 -17.87 -52.67 -17.23
N TYR F 100 -16.87 -53.51 -16.97
CA TYR F 100 -16.12 -54.15 -18.05
C TYR F 100 -16.22 -55.68 -18.03
N PHE F 101 -16.79 -56.23 -16.96
CA PHE F 101 -16.90 -57.68 -16.81
C PHE F 101 -18.30 -58.17 -17.20
N ASP F 102 -18.44 -59.47 -17.44
CA ASP F 102 -19.76 -60.06 -17.72
C ASP F 102 -20.63 -60.03 -16.47
N MET F 103 -21.75 -59.33 -16.56
CA MET F 103 -22.66 -59.19 -15.44
C MET F 103 -24.04 -59.72 -15.82
N PRO F 104 -24.83 -60.12 -14.83
CA PRO F 104 -26.21 -60.57 -15.04
C PRO F 104 -27.03 -59.53 -15.79
N GLY F 105 -27.31 -59.79 -17.06
CA GLY F 105 -28.07 -58.87 -17.88
C GLY F 105 -27.23 -58.00 -18.81
N TRP F 106 -25.91 -58.09 -18.68
CA TRP F 106 -25.00 -57.21 -19.42
C TRP F 106 -23.63 -57.86 -19.56
N LYS F 107 -23.43 -58.61 -20.64
CA LYS F 107 -22.19 -59.38 -20.81
C LYS F 107 -21.15 -58.58 -21.58
N TYR F 108 -20.61 -57.56 -20.93
CA TYR F 108 -19.75 -56.59 -21.59
C TYR F 108 -18.42 -57.20 -22.02
N GLU F 109 -17.83 -58.03 -21.17
CA GLU F 109 -16.54 -58.64 -21.52
C GLU F 109 -16.71 -59.52 -22.75
N THR F 110 -17.79 -60.30 -22.80
CA THR F 110 -18.08 -61.10 -23.98
C THR F 110 -18.24 -60.20 -25.20
N PHE F 111 -18.92 -59.09 -25.03
CA PHE F 111 -18.99 -58.09 -26.09
C PHE F 111 -17.58 -57.69 -26.52
N PHE F 112 -16.72 -57.39 -25.54
CA PHE F 112 -15.37 -56.88 -25.83
C PHE F 112 -14.53 -57.83 -26.68
N TYR F 113 -14.44 -59.10 -26.26
CA TYR F 113 -13.54 -60.02 -26.94
C TYR F 113 -14.15 -60.66 -28.18
N THR F 114 -15.46 -60.89 -28.21
CA THR F 114 -16.06 -61.59 -29.37
C THR F 114 -16.57 -60.66 -30.45
N GLU F 115 -16.91 -59.43 -30.08
CA GLU F 115 -17.45 -58.48 -31.06
C GLU F 115 -16.55 -57.27 -31.26
N PHE F 116 -16.25 -56.56 -30.18
CA PHE F 116 -15.57 -55.27 -30.29
C PHE F 116 -14.15 -55.38 -30.84
N LEU F 117 -13.32 -56.17 -30.18
CA LEU F 117 -11.91 -56.26 -30.52
C LEU F 117 -11.70 -56.70 -31.96
N PRO F 118 -12.35 -57.80 -32.38
CA PRO F 118 -12.19 -58.25 -33.77
C PRO F 118 -12.60 -57.17 -34.77
N TYR F 119 -13.70 -56.48 -34.49
CA TYR F 119 -14.19 -55.43 -35.38
C TYR F 119 -13.20 -54.29 -35.50
N ILE F 120 -12.79 -53.76 -34.36
CA ILE F 120 -11.80 -52.69 -34.29
C ILE F 120 -10.49 -53.02 -35.00
N GLU F 121 -9.92 -54.19 -34.70
CA GLU F 121 -8.58 -54.50 -35.20
C GLU F 121 -8.58 -54.77 -36.70
N LYS F 122 -9.69 -55.30 -37.22
CA LYS F 122 -9.83 -55.40 -38.66
C LYS F 122 -10.04 -54.01 -39.28
N LYS F 123 -11.01 -53.25 -38.75
CA LYS F 123 -11.35 -51.98 -39.36
C LYS F 123 -10.22 -50.96 -39.33
N TYR F 124 -9.43 -50.93 -38.27
CA TYR F 124 -8.41 -49.87 -38.16
C TYR F 124 -6.99 -50.39 -38.26
N ARG F 125 -6.84 -51.54 -38.93
CA ARG F 125 -5.54 -52.03 -39.38
C ARG F 125 -4.55 -52.24 -38.23
N VAL F 126 -5.02 -52.90 -37.18
CA VAL F 126 -4.20 -53.26 -36.03
C VAL F 126 -3.43 -54.53 -36.37
N ILE F 127 -2.17 -54.58 -35.98
CA ILE F 127 -1.28 -55.69 -36.38
C ILE F 127 -1.91 -57.03 -35.99
N GLY F 128 -2.43 -57.12 -34.77
CA GLY F 128 -3.29 -58.23 -34.40
C GLY F 128 -2.74 -59.30 -33.46
N ASP F 129 -1.46 -59.20 -33.10
CA ASP F 129 -0.90 -60.16 -32.14
C ASP F 129 -0.69 -59.53 -30.76
N ARG F 130 -0.41 -60.39 -29.81
CA ARG F 130 -0.20 -60.03 -28.41
C ARG F 130 0.94 -59.03 -28.20
N GLN F 131 1.99 -59.18 -29.00
CA GLN F 131 3.19 -58.36 -28.89
C GLN F 131 2.94 -56.90 -29.30
N HIS F 132 1.76 -56.63 -29.85
CA HIS F 132 1.43 -55.28 -30.30
C HIS F 132 0.07 -54.87 -29.79
N ARG F 133 -0.32 -55.46 -28.67
CA ARG F 133 -1.58 -55.09 -28.05
C ARG F 133 -1.37 -54.79 -26.57
N ALA F 134 -1.79 -53.60 -26.13
CA ALA F 134 -1.66 -53.24 -24.72
C ALA F 134 -2.97 -52.66 -24.21
N ILE F 135 -3.08 -52.51 -22.90
CA ILE F 135 -4.31 -51.99 -22.33
C ILE F 135 -4.05 -51.14 -21.09
N ALA F 136 -4.82 -50.08 -20.94
CA ALA F 136 -4.69 -49.17 -19.83
C ALA F 136 -6.05 -48.59 -19.47
N GLY F 137 -6.16 -47.95 -18.31
CA GLY F 137 -7.42 -47.36 -17.92
C GLY F 137 -7.33 -46.62 -16.61
N LEU F 138 -8.31 -45.75 -16.35
CA LEU F 138 -8.38 -45.03 -15.08
C LEU F 138 -9.57 -45.50 -14.25
N SER F 139 -9.38 -45.56 -12.94
CA SER F 139 -10.43 -45.89 -11.99
C SER F 139 -11.08 -47.25 -12.31
N MET F 140 -12.39 -47.27 -12.52
CA MET F 140 -13.09 -48.47 -13.01
C MET F 140 -12.37 -49.09 -14.21
N GLY F 141 -11.84 -48.25 -15.10
CA GLY F 141 -11.15 -48.74 -16.28
C GLY F 141 -9.76 -49.26 -15.98
N GLY F 142 -9.18 -48.82 -14.86
CA GLY F 142 -7.89 -49.33 -14.43
C GLY F 142 -8.03 -50.72 -13.85
N GLY F 143 -9.13 -50.94 -13.12
CA GLY F 143 -9.44 -52.27 -12.64
C GLY F 143 -9.80 -53.18 -13.80
N GLY F 144 -10.55 -52.64 -14.76
CA GLY F 144 -10.88 -53.40 -15.94
C GLY F 144 -9.66 -53.80 -16.75
N ALA F 145 -8.77 -52.83 -16.97
CA ALA F 145 -7.55 -53.12 -17.71
C ALA F 145 -6.72 -54.17 -16.99
N THR F 146 -6.64 -54.07 -15.66
CA THR F 146 -5.79 -54.96 -14.87
C THR F 146 -6.31 -56.40 -14.92
N ASN F 147 -7.60 -56.57 -14.68
CA ASN F 147 -8.20 -57.89 -14.68
C ASN F 147 -8.27 -58.50 -16.08
N TYR F 148 -8.45 -57.68 -17.10
CA TYR F 148 -8.36 -58.17 -18.48
C TYR F 148 -6.99 -58.76 -18.74
N GLY F 149 -5.97 -58.04 -18.29
CA GLY F 149 -4.59 -58.49 -18.47
C GLY F 149 -4.32 -59.73 -17.65
N GLN F 150 -4.95 -59.83 -16.49
CA GLN F 150 -4.76 -60.99 -15.63
C GLN F 150 -5.38 -62.26 -16.23
N ARG F 151 -6.60 -62.17 -16.73
CA ARG F 151 -7.33 -63.33 -17.19
C ARG F 151 -7.16 -63.56 -18.69
N HIS F 152 -6.61 -62.57 -19.39
CA HIS F 152 -6.28 -62.71 -20.80
C HIS F 152 -4.83 -62.35 -21.11
N SER F 153 -3.90 -62.97 -20.38
CA SER F 153 -2.47 -62.69 -20.56
C SER F 153 -1.99 -63.07 -21.95
N ASP F 154 -2.77 -63.88 -22.64
CA ASP F 154 -2.41 -64.33 -23.97
C ASP F 154 -2.70 -63.24 -25.01
N MET F 155 -3.43 -62.20 -24.59
CA MET F 155 -3.88 -61.14 -25.49
C MET F 155 -3.10 -59.81 -25.37
N PHE F 156 -2.53 -59.55 -24.19
CA PHE F 156 -1.91 -58.25 -23.88
C PHE F 156 -0.45 -58.37 -23.42
N CYS F 157 0.44 -57.57 -23.99
CA CYS F 157 1.82 -57.56 -23.55
C CYS F 157 2.04 -56.58 -22.38
N ALA F 158 1.20 -55.56 -22.27
CA ALA F 158 1.40 -54.56 -21.23
C ALA F 158 0.09 -54.05 -20.63
N VAL F 159 0.14 -53.70 -19.34
CA VAL F 159 -0.99 -53.13 -18.62
C VAL F 159 -0.53 -51.87 -17.85
N TYR F 160 -1.21 -50.74 -18.07
CA TYR F 160 -0.95 -49.52 -17.32
C TYR F 160 -2.22 -49.11 -16.57
N ALA F 161 -2.17 -49.25 -15.25
CA ALA F 161 -3.32 -49.05 -14.39
C ALA F 161 -3.25 -47.71 -13.66
N MET F 162 -4.15 -46.78 -13.98
CA MET F 162 -4.18 -45.46 -13.35
C MET F 162 -5.26 -45.35 -12.27
N SER F 163 -4.86 -44.97 -11.04
CA SER F 163 -5.81 -44.78 -9.93
C SER F 163 -6.85 -45.88 -9.98
N ALA F 164 -6.38 -47.11 -10.14
CA ALA F 164 -7.23 -48.22 -10.54
C ALA F 164 -8.16 -48.71 -9.44
N LEU F 165 -9.37 -49.10 -9.84
CA LEU F 165 -10.32 -49.74 -8.96
C LEU F 165 -9.93 -51.22 -8.80
N MET F 166 -8.79 -51.47 -8.15
CA MET F 166 -8.27 -52.83 -8.00
C MET F 166 -9.27 -53.71 -7.25
N SER F 167 -9.97 -53.10 -6.30
CA SER F 167 -11.14 -53.71 -5.69
C SER F 167 -11.90 -52.60 -5.01
N ILE F 168 -13.04 -52.94 -4.42
CA ILE F 168 -13.81 -51.97 -3.66
C ILE F 168 -13.02 -51.49 -2.45
N PRO F 169 -12.87 -50.17 -2.29
CA PRO F 169 -12.15 -49.68 -1.11
C PRO F 169 -12.99 -49.87 0.15
N GLU F 170 -12.37 -49.86 1.33
CA GLU F 170 -13.15 -50.00 2.57
C GLU F 170 -13.02 -48.76 3.45
N ASP F 178 -32.54 -52.02 -5.01
CA ASP F 178 -31.19 -51.65 -4.61
C ASP F 178 -30.20 -52.76 -4.95
N PRO F 179 -30.37 -53.94 -4.35
CA PRO F 179 -29.45 -55.05 -4.63
C PRO F 179 -29.48 -55.50 -6.09
N ASN F 180 -30.48 -55.04 -6.84
CA ASN F 180 -30.57 -55.35 -8.26
C ASN F 180 -30.41 -54.11 -9.14
N SER F 181 -29.90 -53.03 -8.56
CA SER F 181 -29.54 -51.86 -9.34
C SER F 181 -28.25 -52.13 -10.11
N LYS F 182 -28.07 -51.41 -11.21
CA LYS F 182 -26.87 -51.58 -12.03
C LYS F 182 -25.62 -51.32 -11.17
N ILE F 183 -25.72 -50.34 -10.28
CA ILE F 183 -24.61 -50.00 -9.40
C ILE F 183 -24.27 -51.14 -8.42
N ALA F 184 -25.30 -51.76 -7.85
CA ALA F 184 -25.08 -52.85 -6.90
C ALA F 184 -24.48 -54.06 -7.60
N ILE F 185 -24.96 -54.32 -8.82
CA ILE F 185 -24.45 -55.42 -9.63
C ILE F 185 -22.99 -55.20 -10.01
N LEU F 186 -22.65 -53.97 -10.39
CA LEU F 186 -21.26 -53.62 -10.67
C LEU F 186 -20.39 -53.85 -9.43
N THR F 187 -20.83 -53.33 -8.29
CA THR F 187 -20.11 -53.52 -7.03
C THR F 187 -19.80 -54.98 -6.73
N ARG F 188 -20.77 -55.87 -6.93
CA ARG F 188 -20.54 -57.29 -6.74
C ARG F 188 -19.53 -57.80 -7.76
N SER F 189 -19.64 -57.31 -8.99
CA SER F 189 -18.76 -57.77 -10.06
C SER F 189 -17.31 -57.42 -9.76
N VAL F 190 -17.07 -56.21 -9.26
CA VAL F 190 -15.72 -55.77 -8.94
C VAL F 190 -15.11 -56.60 -7.81
N ILE F 191 -15.91 -56.89 -6.79
CA ILE F 191 -15.46 -57.73 -5.69
C ILE F 191 -15.15 -59.15 -6.16
N GLU F 192 -16.03 -59.72 -6.96
CA GLU F 192 -15.84 -61.08 -7.47
C GLU F 192 -14.55 -61.18 -8.31
N ASN F 193 -14.20 -60.10 -9.01
CA ASN F 193 -13.01 -60.11 -9.85
C ASN F 193 -11.88 -59.23 -9.31
N SER F 194 -11.76 -59.17 -7.99
CA SER F 194 -10.74 -58.39 -7.33
C SER F 194 -9.37 -58.66 -7.94
N CYS F 195 -8.70 -57.60 -8.38
CA CYS F 195 -7.37 -57.71 -8.97
C CYS F 195 -6.34 -58.13 -7.93
N VAL F 196 -6.56 -57.69 -6.69
CA VAL F 196 -5.71 -58.07 -5.56
C VAL F 196 -5.84 -59.57 -5.31
N LYS F 197 -7.08 -60.02 -5.14
CA LYS F 197 -7.37 -61.43 -4.91
C LYS F 197 -6.75 -62.33 -5.97
N TYR F 198 -6.86 -61.92 -7.22
CA TYR F 198 -6.37 -62.75 -8.32
C TYR F 198 -4.89 -63.09 -8.13
N VAL F 199 -4.14 -62.13 -7.58
CA VAL F 199 -2.71 -62.30 -7.34
C VAL F 199 -2.42 -63.06 -6.04
N MET F 200 -3.15 -62.74 -4.98
CA MET F 200 -2.91 -63.36 -3.67
CA MET F 200 -2.92 -63.36 -3.67
C MET F 200 -3.20 -64.85 -3.68
N GLU F 201 -4.09 -65.28 -4.58
CA GLU F 201 -4.46 -66.69 -4.63
C GLU F 201 -3.73 -67.45 -5.73
N ALA F 202 -2.78 -66.80 -6.38
CA ALA F 202 -2.10 -67.43 -7.51
C ALA F 202 -1.24 -68.61 -7.10
N ASP F 203 -1.27 -69.67 -7.90
CA ASP F 203 -0.33 -70.77 -7.75
C ASP F 203 0.86 -70.49 -8.67
N GLU F 204 1.76 -71.45 -8.78
CA GLU F 204 3.00 -71.23 -9.50
C GLU F 204 2.75 -70.99 -11.00
N ASP F 205 1.76 -71.68 -11.56
CA ASP F 205 1.45 -71.51 -12.97
C ASP F 205 0.82 -70.16 -13.27
N ARG F 206 -0.01 -69.67 -12.35
CA ARG F 206 -0.60 -68.35 -12.56
C ARG F 206 0.50 -67.29 -12.52
N LYS F 207 1.36 -67.38 -11.49
CA LYS F 207 2.48 -66.44 -11.37
C LYS F 207 3.30 -66.35 -12.66
N ALA F 208 3.57 -67.50 -13.29
CA ALA F 208 4.29 -67.51 -14.56
C ALA F 208 3.50 -66.82 -15.68
N ASP F 209 2.19 -66.98 -15.68
CA ASP F 209 1.32 -66.29 -16.63
C ASP F 209 1.42 -64.78 -16.46
N LEU F 210 1.31 -64.35 -15.21
CA LEU F 210 1.38 -62.94 -14.84
C LEU F 210 2.71 -62.31 -15.28
N ARG F 211 3.80 -63.06 -15.12
CA ARG F 211 5.13 -62.57 -15.45
C ARG F 211 5.33 -62.37 -16.96
N SER F 212 4.40 -62.88 -17.77
CA SER F 212 4.53 -62.71 -19.20
C SER F 212 4.03 -61.33 -19.61
N VAL F 213 3.43 -60.63 -18.64
CA VAL F 213 2.89 -59.29 -18.88
C VAL F 213 3.69 -58.23 -18.15
N ALA F 214 3.89 -57.07 -18.79
CA ALA F 214 4.53 -55.93 -18.15
C ALA F 214 3.48 -55.09 -17.45
N TRP F 215 3.72 -54.77 -16.17
CA TRP F 215 2.74 -54.08 -15.34
C TRP F 215 3.25 -52.73 -14.85
N PHE F 216 2.38 -51.72 -14.88
CA PHE F 216 2.71 -50.38 -14.42
C PHE F 216 1.51 -49.85 -13.65
N VAL F 217 1.72 -49.47 -12.39
CA VAL F 217 0.65 -49.05 -11.50
C VAL F 217 0.98 -47.65 -10.98
N ASP F 218 0.05 -46.72 -11.21
CA ASP F 218 0.28 -45.29 -11.02
C ASP F 218 -0.93 -44.70 -10.28
N CYS F 219 -0.75 -44.28 -9.04
CA CYS F 219 -1.87 -43.82 -8.22
C CYS F 219 -1.38 -42.74 -7.25
N GLY F 220 -2.12 -41.64 -7.13
CA GLY F 220 -1.66 -40.49 -6.36
C GLY F 220 -1.78 -40.59 -4.84
N ASP F 221 -0.99 -39.77 -4.13
CA ASP F 221 -0.93 -39.91 -2.68
C ASP F 221 -2.23 -39.46 -1.99
N ASP F 222 -3.09 -38.72 -2.69
CA ASP F 222 -4.35 -38.27 -2.07
C ASP F 222 -5.57 -39.03 -2.59
N ASP F 223 -5.33 -40.10 -3.33
CA ASP F 223 -6.39 -40.89 -3.93
C ASP F 223 -7.06 -41.85 -2.93
N PHE F 224 -8.40 -41.90 -2.94
CA PHE F 224 -9.11 -42.81 -2.06
C PHE F 224 -8.87 -44.28 -2.42
N LEU F 225 -8.33 -44.54 -3.62
CA LEU F 225 -8.01 -45.90 -4.04
C LEU F 225 -6.53 -46.26 -3.85
N LEU F 226 -5.75 -45.37 -3.27
CA LEU F 226 -4.34 -45.62 -3.03
C LEU F 226 -4.12 -46.90 -2.23
N ASP F 227 -4.91 -47.12 -1.18
CA ASP F 227 -4.67 -48.30 -0.35
C ASP F 227 -4.90 -49.60 -1.10
N ARG F 228 -5.90 -49.67 -1.99
CA ARG F 228 -6.11 -50.89 -2.77
C ARG F 228 -5.01 -51.12 -3.80
N ASN F 229 -4.49 -50.05 -4.38
CA ASN F 229 -3.38 -50.17 -5.29
C ASN F 229 -2.09 -50.60 -4.60
N ILE F 230 -1.88 -50.10 -3.39
CA ILE F 230 -0.76 -50.54 -2.56
C ILE F 230 -0.85 -52.05 -2.29
N GLU F 231 -2.05 -52.52 -1.96
CA GLU F 231 -2.26 -53.95 -1.70
C GLU F 231 -1.94 -54.76 -2.93
N PHE F 232 -2.32 -54.23 -4.09
CA PHE F 232 -2.07 -54.91 -5.36
C PHE F 232 -0.58 -54.99 -5.65
N TYR F 233 0.11 -53.87 -5.45
CA TYR F 233 1.54 -53.86 -5.73
C TYR F 233 2.29 -54.78 -4.77
N GLN F 234 1.90 -54.75 -3.49
CA GLN F 234 2.54 -55.58 -2.48
C GLN F 234 2.35 -57.07 -2.79
N ALA F 235 1.15 -57.43 -3.23
CA ALA F 235 0.88 -58.80 -3.64
C ALA F 235 1.74 -59.21 -4.82
N MET F 236 1.83 -58.34 -5.83
CA MET F 236 2.67 -58.59 -6.99
C MET F 236 4.14 -58.77 -6.62
N ARG F 237 4.64 -57.84 -5.82
CA ARG F 237 6.05 -57.81 -5.44
C ARG F 237 6.36 -59.08 -4.64
N ASN F 238 5.48 -59.41 -3.71
CA ASN F 238 5.66 -60.57 -2.87
C ASN F 238 5.59 -61.88 -3.68
N ALA F 239 4.79 -61.90 -4.74
CA ALA F 239 4.68 -63.08 -5.60
C ALA F 239 5.80 -63.14 -6.63
N GLY F 240 6.74 -62.21 -6.55
CA GLY F 240 7.82 -62.15 -7.53
C GLY F 240 7.33 -61.89 -8.95
N VAL F 241 6.32 -61.05 -9.08
CA VAL F 241 5.86 -60.62 -10.40
C VAL F 241 6.28 -59.16 -10.60
N PRO F 242 7.26 -58.93 -11.49
CA PRO F 242 7.80 -57.58 -11.75
C PRO F 242 6.70 -56.60 -12.05
N CYS F 243 6.81 -55.42 -11.48
CA CYS F 243 5.77 -54.42 -11.58
C CYS F 243 6.38 -53.07 -11.21
N GLN F 244 6.13 -52.04 -12.01
CA GLN F 244 6.49 -50.68 -11.62
C GLN F 244 5.35 -50.07 -10.81
N PHE F 245 5.71 -49.30 -9.76
CA PHE F 245 4.75 -48.64 -8.90
C PHE F 245 5.15 -47.18 -8.78
N ARG F 246 4.24 -46.27 -9.09
CA ARG F 246 4.50 -44.86 -8.84
C ARG F 246 3.39 -44.25 -8.00
N VAL F 247 3.76 -43.53 -6.94
CA VAL F 247 2.80 -42.71 -6.24
C VAL F 247 3.24 -41.28 -6.44
N ARG F 248 2.51 -40.57 -7.29
CA ARG F 248 2.80 -39.16 -7.55
C ARG F 248 1.83 -38.26 -6.76
N ASP F 249 2.11 -36.97 -6.75
CA ASP F 249 1.22 -36.02 -6.08
C ASP F 249 -0.13 -36.02 -6.78
N GLY F 250 -1.21 -36.08 -6.01
CA GLY F 250 -2.51 -35.79 -6.58
C GLY F 250 -3.58 -36.78 -6.20
N GLY F 251 -4.77 -36.58 -6.76
CA GLY F 251 -5.90 -37.40 -6.39
C GLY F 251 -6.62 -38.04 -7.56
N HIS F 252 -7.90 -38.27 -7.37
CA HIS F 252 -8.70 -38.96 -8.36
C HIS F 252 -9.19 -37.95 -9.36
N ASP F 253 -8.30 -37.48 -10.24
CA ASP F 253 -8.67 -36.36 -11.11
C ASP F 253 -7.93 -36.38 -12.45
N TRP F 254 -8.42 -35.56 -13.39
CA TRP F 254 -7.96 -35.65 -14.77
C TRP F 254 -6.58 -35.07 -14.98
N GLU F 255 -6.10 -34.22 -14.08
CA GLU F 255 -4.71 -33.83 -14.19
C GLU F 255 -3.83 -35.06 -13.93
N TYR F 256 -4.27 -35.93 -13.03
CA TYR F 256 -3.51 -37.17 -12.77
C TYR F 256 -3.51 -38.09 -14.01
N TRP F 257 -4.68 -38.23 -14.64
CA TRP F 257 -4.84 -39.18 -15.72
C TRP F 257 -4.24 -38.64 -17.02
N HIS F 258 -4.41 -37.34 -17.26
CA HIS F 258 -3.75 -36.74 -18.42
C HIS F 258 -2.24 -36.84 -18.31
N SER F 259 -1.69 -36.53 -17.13
CA SER F 259 -0.23 -36.60 -16.97
C SER F 259 0.25 -38.05 -17.03
N ALA F 260 -0.57 -38.99 -16.58
CA ALA F 260 -0.21 -40.41 -16.64
C ALA F 260 0.06 -40.83 -18.08
N LEU F 261 -0.62 -40.21 -19.04
CA LEU F 261 -0.41 -40.55 -20.45
C LEU F 261 1.03 -40.39 -20.90
N TYR F 262 1.69 -39.38 -20.37
CA TYR F 262 3.10 -39.15 -20.71
C TYR F 262 4.03 -40.23 -20.19
N GLN F 263 3.56 -41.02 -19.23
CA GLN F 263 4.33 -42.18 -18.79
C GLN F 263 3.82 -43.45 -19.48
N CYS F 264 2.51 -43.54 -19.66
CA CYS F 264 1.87 -44.69 -20.27
C CYS F 264 2.26 -44.95 -21.74
N LEU F 265 2.23 -43.92 -22.58
CA LEU F 265 2.44 -44.14 -24.00
C LEU F 265 3.90 -44.53 -24.31
N PRO F 266 4.87 -43.86 -23.67
CA PRO F 266 6.24 -44.35 -23.89
C PRO F 266 6.47 -45.76 -23.31
N PHE F 267 5.78 -46.10 -22.23
CA PHE F 267 5.87 -47.44 -21.62
C PHE F 267 5.37 -48.52 -22.59
N VAL F 268 4.14 -48.40 -23.09
CA VAL F 268 3.65 -49.46 -23.98
C VAL F 268 4.48 -49.49 -25.27
N THR F 269 4.96 -48.33 -25.72
CA THR F 269 5.85 -48.30 -26.86
C THR F 269 7.10 -49.19 -26.64
N ARG F 270 7.68 -49.10 -25.46
CA ARG F 270 8.85 -49.90 -25.13
C ARG F 270 8.51 -51.39 -25.09
N ILE F 271 7.33 -51.72 -24.59
CA ILE F 271 6.97 -53.13 -24.51
C ILE F 271 6.61 -53.72 -25.90
N PHE F 272 5.96 -52.92 -26.75
CA PHE F 272 5.61 -53.38 -28.10
C PHE F 272 6.83 -53.99 -28.81
N GLY F 273 6.63 -55.15 -29.40
CA GLY F 273 7.70 -55.89 -30.05
C GLY F 273 7.91 -55.46 -31.49
N ASN G 7 -7.76 2.72 17.13
CA ASN G 7 -8.89 1.90 17.55
C ASN G 7 -10.23 2.60 17.34
N PHE G 8 -10.67 3.35 18.34
CA PHE G 8 -12.01 3.95 18.35
C PHE G 8 -12.11 5.23 17.53
N GLN G 9 -13.26 5.44 16.90
CA GLN G 9 -13.50 6.64 16.08
C GLN G 9 -14.92 7.12 16.29
N SER G 10 -15.12 8.43 16.27
CA SER G 10 -16.47 8.96 16.24
C SER G 10 -17.09 8.54 14.91
N LYS G 11 -18.41 8.46 14.86
CA LYS G 11 -19.10 7.96 13.66
C LYS G 11 -20.37 8.73 13.38
N VAL G 12 -20.75 8.74 12.11
CA VAL G 12 -22.05 9.24 11.71
C VAL G 12 -22.87 8.06 11.21
N VAL G 13 -24.07 7.92 11.77
CA VAL G 13 -24.94 6.83 11.38
C VAL G 13 -26.28 7.39 10.92
N THR G 14 -26.80 6.83 9.83
CA THR G 14 -28.14 7.17 9.39
C THR G 14 -29.04 5.96 9.60
N ASP G 15 -30.23 6.20 10.15
CA ASP G 15 -31.18 5.11 10.37
C ASP G 15 -32.61 5.63 10.23
N THR G 16 -33.56 4.80 10.62
CA THR G 16 -34.96 5.10 10.40
C THR G 16 -35.82 4.67 11.59
N LEU G 17 -36.91 5.40 11.79
CA LEU G 17 -37.87 5.14 12.85
C LEU G 17 -39.27 5.27 12.27
N PHE G 18 -40.20 4.38 12.64
CA PHE G 18 -41.56 4.52 12.12
C PHE G 18 -42.43 5.35 13.06
N SER G 19 -42.95 6.46 12.55
CA SER G 19 -43.83 7.32 13.31
C SER G 19 -45.30 6.93 13.14
N LYS G 20 -45.95 6.59 14.25
CA LYS G 20 -47.38 6.32 14.23
C LYS G 20 -48.15 7.62 14.03
N VAL G 21 -47.67 8.69 14.65
CA VAL G 21 -48.29 10.01 14.52
C VAL G 21 -48.34 10.50 13.08
N LEU G 22 -47.31 10.16 12.31
CA LEU G 22 -47.22 10.62 10.93
C LEU G 22 -47.58 9.51 9.95
N ASN G 23 -47.77 8.30 10.46
CA ASN G 23 -48.00 7.09 9.65
C ASN G 23 -46.96 7.00 8.55
N SER G 24 -45.72 7.30 8.91
CA SER G 24 -44.65 7.41 7.93
C SER G 24 -43.32 7.04 8.54
N LYS G 25 -42.44 6.48 7.73
CA LYS G 25 -41.06 6.22 8.14
C LYS G 25 -40.31 7.56 8.16
N ARG G 26 -39.52 7.77 9.21
CA ARG G 26 -38.75 8.99 9.33
C ARG G 26 -37.27 8.64 9.50
N ALA G 27 -36.44 9.14 8.59
CA ALA G 27 -35.00 8.90 8.67
C ALA G 27 -34.36 9.97 9.54
N TYR G 28 -33.23 9.63 10.15
CA TYR G 28 -32.47 10.58 10.94
C TYR G 28 -30.99 10.29 10.80
N THR G 29 -30.16 11.28 11.12
CA THR G 29 -28.72 11.13 11.07
C THR G 29 -28.11 11.56 12.41
N VAL G 30 -27.35 10.66 13.03
CA VAL G 30 -26.78 10.93 14.34
C VAL G 30 -25.26 10.86 14.36
N PHE G 31 -24.65 11.78 15.10
CA PHE G 31 -23.22 11.71 15.38
C PHE G 31 -23.01 10.97 16.70
N LEU G 32 -22.12 9.98 16.68
CA LEU G 32 -21.77 9.25 17.90
C LEU G 32 -20.30 9.49 18.25
N PRO G 33 -20.05 9.98 19.48
CA PRO G 33 -18.71 10.31 19.99
C PRO G 33 -17.73 9.15 19.88
N LYS G 34 -16.45 9.48 19.91
CA LYS G 34 -15.39 8.50 19.80
C LYS G 34 -15.43 7.44 20.91
N SER G 35 -15.94 7.81 22.09
CA SER G 35 -15.94 6.88 23.22
C SER G 35 -17.17 5.97 23.26
N PHE G 36 -18.11 6.16 22.34
CA PHE G 36 -19.41 5.48 22.40
C PHE G 36 -19.30 3.95 22.49
N GLU G 37 -18.41 3.36 21.71
CA GLU G 37 -18.23 1.91 21.74
C GLU G 37 -17.08 1.50 22.67
N GLN G 38 -16.40 2.49 23.24
CA GLN G 38 -15.26 2.22 24.11
C GLN G 38 -15.69 2.11 25.57
N ASN G 39 -16.49 3.07 26.01
CA ASN G 39 -17.08 3.06 27.35
C ASN G 39 -18.59 2.92 27.23
N LYS G 40 -19.06 1.67 27.31
CA LYS G 40 -20.47 1.35 27.01
C LYS G 40 -21.44 1.88 28.05
N GLU G 41 -20.93 2.28 29.21
CA GLU G 41 -21.77 2.78 30.29
C GLU G 41 -21.96 4.31 30.28
N LYS G 42 -21.17 5.01 29.47
CA LYS G 42 -21.20 6.48 29.46
C LYS G 42 -22.50 7.05 28.86
N LYS G 43 -23.06 8.06 29.52
CA LYS G 43 -24.21 8.80 28.98
C LYS G 43 -23.75 10.18 28.52
N TYR G 44 -24.44 10.76 27.55
CA TYR G 44 -23.98 11.99 26.94
C TYR G 44 -25.05 13.07 26.91
N PRO G 45 -24.62 14.33 26.83
CA PRO G 45 -25.58 15.39 26.49
C PRO G 45 -25.98 15.27 25.02
N VAL G 46 -27.06 15.94 24.63
CA VAL G 46 -27.53 15.83 23.26
C VAL G 46 -27.76 17.20 22.64
N LEU G 47 -27.43 17.31 21.37
CA LEU G 47 -27.78 18.48 20.59
C LEU G 47 -28.65 18.05 19.41
N TYR G 48 -29.86 18.60 19.37
CA TYR G 48 -30.74 18.42 18.22
C TYR G 48 -30.41 19.51 17.21
N LEU G 49 -29.96 19.10 16.03
CA LEU G 49 -29.44 20.04 15.05
C LEU G 49 -30.30 19.96 13.79
N LEU G 50 -31.11 21.00 13.55
CA LEU G 50 -32.16 20.95 12.54
C LEU G 50 -31.77 21.56 11.19
N HIS G 51 -32.16 20.91 10.09
CA HIS G 51 -31.88 21.41 8.75
C HIS G 51 -32.93 22.43 8.26
N GLY G 52 -32.71 22.98 7.07
CA GLY G 52 -33.59 24.00 6.53
C GLY G 52 -34.58 23.45 5.51
N MET G 53 -35.37 24.34 4.92
CA MET G 53 -36.33 23.93 3.89
C MET G 53 -35.63 23.31 2.68
N TRP G 54 -36.29 22.32 2.07
CA TRP G 54 -35.79 21.62 0.88
C TRP G 54 -34.78 20.55 1.26
N GLU G 55 -34.18 20.69 2.44
CA GLU G 55 -33.12 19.77 2.85
C GLU G 55 -33.67 18.54 3.56
N THR G 56 -32.83 17.53 3.72
CA THR G 56 -33.19 16.36 4.51
C THR G 56 -32.08 16.09 5.54
N ASN G 57 -32.23 15.00 6.29
CA ASN G 57 -31.43 14.76 7.50
C ASN G 57 -29.90 14.64 7.36
N PRO G 58 -29.39 14.17 6.20
CA PRO G 58 -27.93 13.98 6.21
C PRO G 58 -27.11 15.25 5.90
N VAL G 59 -27.76 16.38 5.70
CA VAL G 59 -27.05 17.57 5.23
C VAL G 59 -26.03 18.12 6.25
N TRP G 60 -26.35 18.02 7.54
CA TRP G 60 -25.43 18.53 8.57
C TRP G 60 -24.14 17.71 8.63
N ALA G 61 -24.23 16.41 8.36
CA ALA G 61 -23.04 15.58 8.34
C ALA G 61 -22.26 15.75 7.03
N GLU G 62 -22.99 15.87 5.93
CA GLU G 62 -22.38 15.82 4.63
C GLU G 62 -21.82 17.16 4.18
N ARG G 63 -22.56 18.23 4.45
CA ARG G 63 -22.11 19.56 4.05
C ARG G 63 -21.63 20.38 5.26
N GLY G 64 -22.21 20.11 6.43
CA GLY G 64 -21.80 20.82 7.63
C GLY G 64 -20.53 20.22 8.22
N HIS G 65 -20.21 18.99 7.81
CA HIS G 65 -19.01 18.28 8.26
C HIS G 65 -18.98 18.17 9.78
N VAL G 66 -20.12 17.87 10.37
CA VAL G 66 -20.24 17.79 11.82
C VAL G 66 -19.21 16.88 12.47
N LYS G 67 -18.95 15.70 11.89
CA LYS G 67 -17.97 14.80 12.50
C LYS G 67 -16.59 15.44 12.54
N ASP G 68 -16.19 16.09 11.45
CA ASP G 68 -14.86 16.70 11.39
C ASP G 68 -14.74 17.87 12.37
N VAL G 69 -15.81 18.64 12.50
CA VAL G 69 -15.80 19.76 13.44
C VAL G 69 -15.75 19.24 14.88
N MET G 70 -16.57 18.24 15.19
CA MET G 70 -16.54 17.63 16.52
C MET G 70 -15.21 16.97 16.83
N ASP G 71 -14.57 16.33 15.85
CA ASP G 71 -13.29 15.70 16.12
C ASP G 71 -12.22 16.75 16.50
N ARG G 72 -12.23 17.89 15.80
CA ARG G 72 -11.37 19.03 16.16
C ARG G 72 -11.65 19.53 17.57
N LEU G 73 -12.91 19.87 17.85
CA LEU G 73 -13.25 20.57 19.07
C LEU G 73 -13.21 19.68 20.33
N VAL G 74 -13.54 18.39 20.16
CA VAL G 74 -13.42 17.45 21.28
C VAL G 74 -11.95 17.30 21.67
N ALA G 75 -11.07 17.23 20.67
CA ALA G 75 -9.64 17.02 20.92
C ALA G 75 -9.01 18.22 21.63
N SER G 76 -9.51 19.43 21.38
CA SER G 76 -8.95 20.61 22.04
C SER G 76 -9.68 20.94 23.35
N GLY G 77 -10.77 20.23 23.62
CA GLY G 77 -11.58 20.48 24.80
C GLY G 77 -12.60 21.60 24.67
N GLU G 78 -12.63 22.26 23.52
CA GLU G 78 -13.60 23.32 23.32
C GLU G 78 -15.03 22.81 23.25
N ALA G 79 -15.20 21.53 22.88
CA ALA G 79 -16.50 20.89 22.96
C ALA G 79 -16.42 19.60 23.76
N CYS G 80 -17.49 19.27 24.48
CA CYS G 80 -17.55 17.97 25.12
C CYS G 80 -18.09 16.95 24.15
N GLU G 81 -17.87 15.67 24.43
CA GLU G 81 -18.54 14.64 23.65
C GLU G 81 -20.04 14.73 23.88
N MET G 82 -20.78 14.71 22.79
CA MET G 82 -22.23 14.83 22.86
C MET G 82 -22.83 14.05 21.70
N ILE G 83 -24.09 13.64 21.85
CA ILE G 83 -24.83 13.07 20.75
C ILE G 83 -25.38 14.25 19.96
N ILE G 84 -25.24 14.20 18.63
CA ILE G 84 -25.84 15.22 17.76
C ILE G 84 -26.75 14.52 16.76
N VAL G 85 -27.98 14.98 16.63
CA VAL G 85 -28.97 14.29 15.83
C VAL G 85 -29.76 15.24 14.95
N THR G 86 -29.99 14.83 13.72
CA THR G 86 -30.78 15.59 12.77
C THR G 86 -31.87 14.70 12.19
N PRO G 87 -33.14 14.99 12.55
CA PRO G 87 -34.27 14.25 11.98
C PRO G 87 -34.64 14.79 10.60
N ASN G 88 -35.21 13.96 9.74
CA ASN G 88 -35.72 14.47 8.47
C ASN G 88 -37.03 15.22 8.67
N ALA G 89 -37.05 16.48 8.24
CA ALA G 89 -38.26 17.29 8.30
C ALA G 89 -38.47 18.01 6.99
N GLY G 90 -37.92 17.47 5.91
CA GLY G 90 -37.97 18.16 4.63
C GLY G 90 -37.96 17.28 3.40
N GLY G 91 -37.34 17.81 2.35
CA GLY G 91 -37.36 17.21 1.02
C GLY G 91 -37.97 18.21 0.07
N ASN G 92 -38.20 17.80 -1.17
CA ASN G 92 -38.87 18.63 -2.17
C ASN G 92 -40.18 19.19 -1.64
N ILE G 93 -40.26 20.51 -1.51
CA ILE G 93 -41.42 21.16 -0.88
C ILE G 93 -42.73 20.95 -1.64
N HIS G 94 -42.65 20.46 -2.87
CA HIS G 94 -43.84 20.18 -3.65
C HIS G 94 -44.38 18.78 -3.36
N LEU G 95 -43.49 17.89 -2.95
CA LEU G 95 -43.82 16.47 -2.78
C LEU G 95 -43.74 16.00 -1.33
N GLU G 96 -42.95 16.71 -0.51
CA GLU G 96 -42.68 16.28 0.85
C GLU G 96 -43.00 17.36 1.88
N TRP G 97 -43.40 16.95 3.07
CA TRP G 97 -43.74 17.89 4.15
C TRP G 97 -42.48 18.56 4.70
N ASN G 98 -42.51 19.89 4.72
CA ASN G 98 -41.46 20.68 5.37
C ASN G 98 -42.02 21.39 6.59
N GLY G 99 -41.33 21.30 7.72
CA GLY G 99 -41.73 22.03 8.91
C GLY G 99 -41.55 21.26 10.20
N TYR G 100 -41.51 21.99 11.33
CA TYR G 100 -41.29 21.35 12.62
C TYR G 100 -42.51 21.44 13.55
N PHE G 101 -43.48 22.27 13.20
CA PHE G 101 -44.66 22.45 14.03
C PHE G 101 -45.79 21.52 13.59
N ASP G 102 -46.78 21.30 14.45
CA ASP G 102 -47.95 20.51 14.08
C ASP G 102 -48.79 21.25 13.03
N MET G 103 -48.99 20.61 11.89
CA MET G 103 -49.77 21.20 10.82
C MET G 103 -50.93 20.27 10.45
N PRO G 104 -51.99 20.83 9.83
CA PRO G 104 -53.10 20.01 9.34
C PRO G 104 -52.61 18.89 8.44
N GLY G 105 -52.72 17.64 8.91
CA GLY G 105 -52.30 16.50 8.13
C GLY G 105 -50.87 16.06 8.39
N TRP G 106 -50.15 16.79 9.24
CA TRP G 106 -48.75 16.48 9.51
C TRP G 106 -48.32 17.04 10.87
N LYS G 107 -48.51 16.24 11.92
CA LYS G 107 -48.24 16.69 13.28
C LYS G 107 -46.79 16.38 13.66
N TYR G 108 -45.87 17.11 13.03
CA TYR G 108 -44.45 16.82 13.19
C TYR G 108 -44.00 17.01 14.64
N GLU G 109 -44.48 18.07 15.28
CA GLU G 109 -44.03 18.38 16.64
C GLU G 109 -44.45 17.31 17.62
N THR G 110 -45.66 16.77 17.42
CA THR G 110 -46.11 15.65 18.25
C THR G 110 -45.21 14.44 18.02
N PHE G 111 -44.83 14.24 16.75
CA PHE G 111 -43.87 13.19 16.42
C PHE G 111 -42.57 13.42 17.19
N PHE G 112 -42.07 14.65 17.11
CA PHE G 112 -40.78 14.97 17.73
C PHE G 112 -40.75 14.64 19.22
N TYR G 113 -41.70 15.17 19.99
CA TYR G 113 -41.64 15.04 21.44
C TYR G 113 -42.18 13.72 21.99
N THR G 114 -43.20 13.15 21.36
CA THR G 114 -43.78 11.91 21.89
C THR G 114 -43.16 10.64 21.33
N GLU G 115 -42.52 10.73 20.17
CA GLU G 115 -41.95 9.55 19.52
C GLU G 115 -40.44 9.61 19.32
N PHE G 116 -39.98 10.68 18.67
CA PHE G 116 -38.58 10.77 18.26
C PHE G 116 -37.63 10.96 19.44
N LEU G 117 -37.88 11.99 20.23
CA LEU G 117 -36.99 12.32 21.34
C LEU G 117 -36.78 11.11 22.26
N PRO G 118 -37.89 10.52 22.75
CA PRO G 118 -37.73 9.38 23.66
C PRO G 118 -36.97 8.23 23.00
N TYR G 119 -37.23 7.98 21.72
CA TYR G 119 -36.54 6.92 20.98
C TYR G 119 -35.03 7.15 20.94
N ILE G 120 -34.64 8.32 20.47
CA ILE G 120 -33.23 8.69 20.34
C ILE G 120 -32.49 8.64 21.69
N GLU G 121 -33.03 9.32 22.69
CA GLU G 121 -32.33 9.46 23.96
C GLU G 121 -32.11 8.12 24.67
N LYS G 122 -33.02 7.17 24.46
CA LYS G 122 -32.82 5.83 25.00
C LYS G 122 -31.80 5.01 24.19
N LYS G 123 -31.91 5.06 22.87
CA LYS G 123 -31.05 4.24 22.02
C LYS G 123 -29.60 4.72 22.06
N TYR G 124 -29.40 6.04 22.15
CA TYR G 124 -28.05 6.59 22.02
C TYR G 124 -27.52 7.15 23.34
N ARG G 125 -28.10 6.69 24.45
CA ARG G 125 -27.57 6.91 25.78
C ARG G 125 -27.43 8.39 26.13
N VAL G 126 -28.49 9.14 25.87
CA VAL G 126 -28.53 10.54 26.23
C VAL G 126 -28.90 10.63 27.71
N ILE G 127 -28.25 11.54 28.43
CA ILE G 127 -28.47 11.68 29.88
C ILE G 127 -29.95 11.84 30.21
N GLY G 128 -30.61 12.79 29.56
CA GLY G 128 -32.07 12.85 29.62
C GLY G 128 -32.72 14.03 30.32
N ASP G 129 -31.93 14.95 30.87
CA ASP G 129 -32.53 16.11 31.52
C ASP G 129 -32.30 17.37 30.67
N ARG G 130 -32.97 18.45 31.02
CA ARG G 130 -32.88 19.69 30.24
C ARG G 130 -31.49 20.29 30.34
N GLN G 131 -30.80 20.01 31.46
CA GLN G 131 -29.46 20.53 31.70
C GLN G 131 -28.47 20.01 30.65
N HIS G 132 -28.77 18.85 30.06
CA HIS G 132 -27.92 18.27 29.04
C HIS G 132 -28.65 18.08 27.71
N ARG G 133 -29.63 18.94 27.43
CA ARG G 133 -30.32 18.93 26.14
C ARG G 133 -30.35 20.32 25.52
N ALA G 134 -29.82 20.42 24.30
CA ALA G 134 -29.80 21.71 23.60
C ALA G 134 -30.34 21.55 22.16
N ILE G 135 -30.69 22.66 21.52
CA ILE G 135 -31.23 22.57 20.17
C ILE G 135 -30.72 23.73 19.33
N ALA G 136 -30.54 23.47 18.04
CA ALA G 136 -30.01 24.45 17.12
C ALA G 136 -30.48 24.14 15.70
N GLY G 137 -30.44 25.12 14.82
CA GLY G 137 -30.78 24.85 13.43
C GLY G 137 -30.57 26.03 12.52
N LEU G 138 -30.66 25.78 11.21
CA LEU G 138 -30.48 26.81 10.21
C LEU G 138 -31.81 27.07 9.47
N SER G 139 -32.08 28.35 9.20
CA SER G 139 -33.23 28.73 8.39
C SER G 139 -34.52 28.25 9.04
N MET G 140 -35.30 27.46 8.30
CA MET G 140 -36.50 26.82 8.84
C MET G 140 -36.19 26.06 10.14
N GLY G 141 -35.03 25.41 10.17
CA GLY G 141 -34.57 24.72 11.37
C GLY G 141 -34.22 25.66 12.52
N GLY G 142 -33.78 26.87 12.19
CA GLY G 142 -33.49 27.89 13.18
C GLY G 142 -34.75 28.41 13.87
N GLY G 143 -35.79 28.65 13.07
CA GLY G 143 -37.08 29.04 13.61
C GLY G 143 -37.67 27.92 14.44
N GLY G 144 -37.51 26.69 13.95
CA GLY G 144 -37.99 25.52 14.66
C GLY G 144 -37.33 25.39 16.00
N ALA G 145 -35.99 25.43 16.02
CA ALA G 145 -35.22 25.38 17.26
C ALA G 145 -35.67 26.46 18.23
N THR G 146 -35.82 27.68 17.72
CA THR G 146 -36.16 28.82 18.58
C THR G 146 -37.55 28.67 19.21
N ASN G 147 -38.55 28.35 18.39
CA ASN G 147 -39.91 28.19 18.89
C ASN G 147 -40.04 26.94 19.76
N TYR G 148 -39.31 25.89 19.44
CA TYR G 148 -39.26 24.73 20.32
C TYR G 148 -38.76 25.16 21.70
N GLY G 149 -37.74 26.00 21.73
CA GLY G 149 -37.18 26.44 23.00
C GLY G 149 -38.14 27.35 23.76
N GLN G 150 -38.88 28.16 23.02
CA GLN G 150 -39.84 29.09 23.61
C GLN G 150 -40.98 28.35 24.31
N ARG G 151 -41.56 27.36 23.64
CA ARG G 151 -42.74 26.69 24.17
C ARG G 151 -42.41 25.44 24.96
N HIS G 152 -41.15 25.01 24.90
CA HIS G 152 -40.72 23.84 25.66
C HIS G 152 -39.48 24.17 26.46
N SER G 153 -39.53 25.27 27.21
CA SER G 153 -38.37 25.75 27.96
C SER G 153 -37.95 24.77 29.05
N ASP G 154 -38.85 23.87 29.43
CA ASP G 154 -38.50 22.84 30.42
C ASP G 154 -37.73 21.67 29.80
N MET G 155 -37.53 21.71 28.48
CA MET G 155 -36.84 20.61 27.78
C MET G 155 -35.40 20.95 27.35
N PHE G 156 -35.12 22.23 27.13
CA PHE G 156 -33.83 22.66 26.60
C PHE G 156 -33.14 23.72 27.47
N CYS G 157 -31.81 23.62 27.58
CA CYS G 157 -31.03 24.59 28.34
C CYS G 157 -30.45 25.69 27.44
N ALA G 158 -30.37 25.41 26.15
CA ALA G 158 -29.72 26.33 25.22
C ALA G 158 -30.28 26.21 23.81
N VAL G 159 -30.33 27.35 23.12
CA VAL G 159 -30.79 27.43 21.75
C VAL G 159 -29.78 28.21 20.93
N TYR G 160 -29.39 27.66 19.80
CA TYR G 160 -28.52 28.38 18.87
C TYR G 160 -29.23 28.47 17.51
N ALA G 161 -29.59 29.69 17.11
CA ALA G 161 -30.40 29.88 15.92
C ALA G 161 -29.58 30.49 14.81
N MET G 162 -29.39 29.73 13.74
CA MET G 162 -28.60 30.19 12.60
C MET G 162 -29.48 30.68 11.46
N SER G 163 -29.28 31.92 11.03
CA SER G 163 -29.99 32.48 9.88
C SER G 163 -31.47 32.11 9.94
N ALA G 164 -32.06 32.28 11.13
CA ALA G 164 -33.29 31.59 11.48
C ALA G 164 -34.55 32.23 10.89
N LEU G 165 -35.49 31.36 10.51
CA LEU G 165 -36.82 31.78 10.07
C LEU G 165 -37.66 32.16 11.31
N MET G 166 -37.34 33.30 11.92
CA MET G 166 -38.02 33.73 13.13
C MET G 166 -39.49 34.05 12.82
N SER G 167 -39.71 34.50 11.61
CA SER G 167 -41.04 34.71 11.04
C SER G 167 -40.87 34.91 9.55
N ILE G 168 -41.98 34.99 8.82
CA ILE G 168 -41.91 35.24 7.40
C ILE G 168 -41.40 36.66 7.14
N PRO G 169 -40.41 36.80 6.26
CA PRO G 169 -39.83 38.11 5.92
C PRO G 169 -40.72 38.90 4.94
N GLU G 170 -40.64 40.24 4.99
CA GLU G 170 -41.45 41.10 4.12
C GLU G 170 -40.90 41.18 2.69
N PRO G 179 -52.63 27.04 -1.96
CA PRO G 179 -53.67 27.34 -0.96
C PRO G 179 -53.79 26.24 0.08
N ASN G 180 -53.98 24.99 -0.38
CA ASN G 180 -53.91 23.83 0.49
C ASN G 180 -52.62 23.06 0.25
N SER G 181 -51.67 23.71 -0.39
CA SER G 181 -50.35 23.10 -0.67
C SER G 181 -49.53 22.97 0.60
N LYS G 182 -48.54 22.09 0.57
CA LYS G 182 -47.63 21.92 1.72
C LYS G 182 -46.93 23.23 2.05
N ILE G 183 -46.48 23.94 1.02
CA ILE G 183 -45.75 25.18 1.23
C ILE G 183 -46.64 26.28 1.82
N ALA G 184 -47.90 26.33 1.38
CA ALA G 184 -48.84 27.32 1.89
C ALA G 184 -49.21 27.02 3.35
N ILE G 185 -49.30 25.74 3.68
CA ILE G 185 -49.60 25.32 5.05
C ILE G 185 -48.44 25.62 6.01
N LEU G 186 -47.21 25.40 5.55
CA LEU G 186 -46.03 25.74 6.32
C LEU G 186 -46.00 27.23 6.61
N THR G 187 -46.25 28.02 5.58
CA THR G 187 -46.20 29.47 5.67
C THR G 187 -47.14 30.00 6.74
N ARG G 188 -48.36 29.46 6.80
CA ARG G 188 -49.31 29.86 7.84
C ARG G 188 -48.84 29.38 9.21
N SER G 189 -48.25 28.18 9.24
CA SER G 189 -47.72 27.61 10.47
C SER G 189 -46.62 28.49 11.06
N VAL G 190 -45.72 28.96 10.19
CA VAL G 190 -44.62 29.81 10.61
C VAL G 190 -45.12 31.18 11.10
N ILE G 191 -46.12 31.73 10.42
CA ILE G 191 -46.72 33.01 10.85
C ILE G 191 -47.43 32.84 12.20
N GLU G 192 -48.17 31.74 12.34
CA GLU G 192 -48.90 31.45 13.56
C GLU G 192 -47.98 31.29 14.77
N ASN G 193 -46.80 30.73 14.54
CA ASN G 193 -45.85 30.48 15.62
C ASN G 193 -44.65 31.41 15.61
N SER G 194 -44.85 32.61 15.08
CA SER G 194 -43.80 33.61 15.00
C SER G 194 -42.99 33.72 16.29
N CYS G 195 -41.68 33.54 16.17
CA CYS G 195 -40.77 33.65 17.30
C CYS G 195 -40.71 35.08 17.82
N VAL G 196 -40.84 36.06 16.92
CA VAL G 196 -40.88 37.47 17.30
C VAL G 196 -42.13 37.79 18.11
N LYS G 197 -43.28 37.31 17.66
CA LYS G 197 -44.54 37.58 18.34
C LYS G 197 -44.57 36.96 19.73
N TYR G 198 -44.08 35.73 19.84
CA TYR G 198 -44.05 35.03 21.13
C TYR G 198 -43.38 35.87 22.21
N VAL G 199 -42.34 36.60 21.82
CA VAL G 199 -41.58 37.39 22.77
C VAL G 199 -42.29 38.70 23.06
N MET G 200 -42.74 39.38 22.01
CA MET G 200 -43.37 40.68 22.14
C MET G 200 -44.66 40.63 22.94
N GLU G 201 -45.37 39.50 22.85
CA GLU G 201 -46.65 39.36 23.54
C GLU G 201 -46.46 38.80 24.94
N ALA G 202 -45.20 38.58 25.32
CA ALA G 202 -44.90 37.93 26.59
C ALA G 202 -45.33 38.76 27.80
N ASP G 203 -45.89 38.07 28.78
CA ASP G 203 -46.15 38.67 30.09
C ASP G 203 -44.98 38.34 31.01
N GLU G 204 -45.04 38.77 32.26
CA GLU G 204 -43.94 38.61 33.20
C GLU G 204 -43.57 37.16 33.45
N ASP G 205 -44.58 36.28 33.48
CA ASP G 205 -44.32 34.87 33.69
C ASP G 205 -43.58 34.26 32.50
N ARG G 206 -44.00 34.60 31.28
CA ARG G 206 -43.36 34.09 30.08
C ARG G 206 -41.90 34.51 30.01
N LYS G 207 -41.66 35.80 30.27
CA LYS G 207 -40.31 36.33 30.30
C LYS G 207 -39.44 35.54 31.27
N ALA G 208 -40.00 35.20 32.43
CA ALA G 208 -39.29 34.39 33.42
C ALA G 208 -38.85 33.06 32.82
N ASP G 209 -39.75 32.42 32.08
CA ASP G 209 -39.44 31.11 31.50
C ASP G 209 -38.38 31.22 30.42
N LEU G 210 -38.46 32.29 29.63
CA LEU G 210 -37.50 32.51 28.57
C LEU G 210 -36.11 32.72 29.15
N ARG G 211 -36.04 33.36 30.31
CA ARG G 211 -34.76 33.66 30.95
C ARG G 211 -34.08 32.38 31.45
N SER G 212 -34.83 31.29 31.55
CA SER G 212 -34.26 30.01 31.98
C SER G 212 -33.49 29.32 30.86
N VAL G 213 -33.54 29.89 29.66
CA VAL G 213 -32.84 29.31 28.52
C VAL G 213 -31.70 30.24 28.07
N ALA G 214 -30.58 29.66 27.66
CA ALA G 214 -29.51 30.43 27.02
C ALA G 214 -29.76 30.56 25.51
N TRP G 215 -29.71 31.80 25.00
CA TRP G 215 -30.05 32.07 23.60
C TRP G 215 -28.88 32.66 22.82
N PHE G 216 -28.66 32.16 21.61
CA PHE G 216 -27.62 32.66 20.74
C PHE G 216 -28.19 32.81 19.33
N VAL G 217 -28.12 34.02 18.79
CA VAL G 217 -28.67 34.32 17.47
C VAL G 217 -27.54 34.76 16.53
N ASP G 218 -27.44 34.08 15.39
CA ASP G 218 -26.33 34.21 14.46
C ASP G 218 -26.86 34.31 13.02
N CYS G 219 -26.71 35.47 12.40
CA CYS G 219 -27.29 35.71 11.07
C CYS G 219 -26.48 36.72 10.29
N GLY G 220 -26.20 36.42 9.02
CA GLY G 220 -25.29 37.21 8.19
C GLY G 220 -25.82 38.54 7.69
N ASP G 221 -24.91 39.47 7.40
CA ASP G 221 -25.34 40.82 7.04
C ASP G 221 -26.01 40.87 5.68
N ASP G 222 -25.76 39.86 4.84
CA ASP G 222 -26.37 39.78 3.51
C ASP G 222 -27.57 38.83 3.48
N ASP G 223 -28.02 38.40 4.65
CA ASP G 223 -29.11 37.44 4.72
C ASP G 223 -30.47 38.13 4.60
N PHE G 224 -31.38 37.51 3.84
CA PHE G 224 -32.70 38.10 3.65
C PHE G 224 -33.55 37.94 4.92
N LEU G 225 -33.13 37.05 5.81
CA LEU G 225 -33.82 36.88 7.09
C LEU G 225 -33.23 37.75 8.21
N LEU G 226 -32.26 38.61 7.88
CA LEU G 226 -31.60 39.42 8.90
C LEU G 226 -32.59 40.30 9.66
N ASP G 227 -33.50 40.93 8.91
CA ASP G 227 -34.45 41.86 9.51
C ASP G 227 -35.31 41.18 10.58
N ARG G 228 -35.81 39.98 10.29
CA ARG G 228 -36.58 39.25 11.27
C ARG G 228 -35.76 38.88 12.51
N ASN G 229 -34.49 38.55 12.31
CA ASN G 229 -33.63 38.18 13.44
C ASN G 229 -33.31 39.39 14.29
N ILE G 230 -33.08 40.53 13.64
CA ILE G 230 -32.94 41.80 14.34
C ILE G 230 -34.16 42.09 15.19
N GLU G 231 -35.35 41.93 14.63
CA GLU G 231 -36.60 42.10 15.39
C GLU G 231 -36.64 41.18 16.60
N PHE G 232 -36.30 39.91 16.39
CA PHE G 232 -36.30 38.94 17.48
C PHE G 232 -35.33 39.36 18.58
N TYR G 233 -34.16 39.85 18.21
CA TYR G 233 -33.16 40.19 19.22
C TYR G 233 -33.58 41.44 19.97
N GLN G 234 -34.14 42.41 19.25
CA GLN G 234 -34.57 43.65 19.87
C GLN G 234 -35.69 43.38 20.86
N ALA G 235 -36.60 42.47 20.49
CA ALA G 235 -37.65 42.01 21.39
C ALA G 235 -37.08 41.38 22.67
N MET G 236 -36.12 40.47 22.49
CA MET G 236 -35.49 39.82 23.65
C MET G 236 -34.78 40.82 24.54
N ARG G 237 -33.91 41.64 23.95
CA ARG G 237 -33.15 42.62 24.72
C ARG G 237 -34.08 43.58 25.47
N ASN G 238 -35.12 44.07 24.80
CA ASN G 238 -36.05 44.99 25.41
C ASN G 238 -36.91 44.34 26.51
N ALA G 239 -37.07 43.02 26.46
CA ALA G 239 -37.82 42.30 27.49
C ALA G 239 -36.91 41.80 28.61
N GLY G 240 -35.67 42.25 28.61
CA GLY G 240 -34.70 41.82 29.59
C GLY G 240 -34.49 40.30 29.63
N VAL G 241 -34.53 39.67 28.45
CA VAL G 241 -34.14 38.26 28.32
C VAL G 241 -32.75 38.17 27.68
N PRO G 242 -31.74 37.74 28.46
CA PRO G 242 -30.35 37.64 28.02
C PRO G 242 -30.20 36.85 26.72
N CYS G 243 -29.50 37.45 25.77
CA CYS G 243 -29.37 36.86 24.43
C CYS G 243 -28.09 37.33 23.76
N GLN G 244 -27.35 36.40 23.16
CA GLN G 244 -26.21 36.75 22.33
C GLN G 244 -26.68 36.96 20.89
N PHE G 245 -26.16 38.00 20.25
CA PHE G 245 -26.47 38.30 18.85
C PHE G 245 -25.16 38.55 18.09
N ARG G 246 -24.99 37.84 16.98
CA ARG G 246 -23.84 38.04 16.10
C ARG G 246 -24.31 38.25 14.69
N VAL G 247 -23.82 39.32 14.07
CA VAL G 247 -24.01 39.48 12.64
C VAL G 247 -22.63 39.40 11.99
N ARG G 248 -22.40 38.32 11.25
CA ARG G 248 -21.10 38.08 10.65
C ARG G 248 -21.24 38.30 9.15
N ASP G 249 -20.12 38.32 8.44
CA ASP G 249 -20.16 38.46 6.99
C ASP G 249 -20.88 37.26 6.37
N GLY G 250 -21.76 37.52 5.40
CA GLY G 250 -22.31 36.44 4.61
C GLY G 250 -23.82 36.38 4.48
N GLY G 251 -24.29 35.35 3.79
CA GLY G 251 -25.69 35.22 3.46
C GLY G 251 -26.26 33.88 3.88
N HIS G 252 -27.31 33.47 3.18
CA HIS G 252 -28.05 32.25 3.46
C HIS G 252 -27.37 31.04 2.80
N ASP G 253 -26.25 30.61 3.36
CA ASP G 253 -25.42 29.61 2.67
C ASP G 253 -24.63 28.74 3.65
N TRP G 254 -24.18 27.58 3.17
CA TRP G 254 -23.55 26.59 4.04
C TRP G 254 -22.17 26.97 4.60
N GLU G 255 -21.50 27.94 4.00
CA GLU G 255 -20.29 28.45 4.63
C GLU G 255 -20.68 29.15 5.94
N TYR G 256 -21.81 29.84 5.94
CA TYR G 256 -22.28 30.51 7.14
C TYR G 256 -22.65 29.50 8.23
N TRP G 257 -23.26 28.40 7.81
CA TRP G 257 -23.78 27.40 8.75
C TRP G 257 -22.70 26.44 9.23
N HIS G 258 -21.80 26.04 8.33
CA HIS G 258 -20.64 25.28 8.76
C HIS G 258 -19.81 26.09 9.77
N SER G 259 -19.56 27.36 9.48
CA SER G 259 -18.74 28.15 10.41
C SER G 259 -19.46 28.40 11.73
N ALA G 260 -20.79 28.46 11.69
CA ALA G 260 -21.58 28.66 12.91
C ALA G 260 -21.36 27.53 13.92
N LEU G 261 -21.09 26.31 13.44
CA LEU G 261 -20.81 25.17 14.32
C LEU G 261 -19.66 25.44 15.26
N TYR G 262 -18.67 26.20 14.80
CA TYR G 262 -17.50 26.44 15.63
C TYR G 262 -17.83 27.37 16.80
N GLN G 263 -18.97 28.06 16.72
CA GLN G 263 -19.46 28.87 17.84
C GLN G 263 -20.50 28.09 18.62
N CYS G 264 -21.35 27.39 17.88
CA CYS G 264 -22.47 26.65 18.47
C CYS G 264 -22.02 25.52 19.38
N LEU G 265 -21.10 24.68 18.92
CA LEU G 265 -20.71 23.50 19.70
C LEU G 265 -20.04 23.89 21.05
N PRO G 266 -19.09 24.84 21.03
CA PRO G 266 -18.53 25.30 22.33
C PRO G 266 -19.58 26.01 23.21
N PHE G 267 -20.51 26.73 22.57
CA PHE G 267 -21.55 27.42 23.31
C PHE G 267 -22.39 26.44 24.13
N VAL G 268 -22.90 25.39 23.48
CA VAL G 268 -23.79 24.48 24.17
C VAL G 268 -23.01 23.68 25.21
N THR G 269 -21.76 23.35 24.87
CA THR G 269 -20.86 22.73 25.81
C THR G 269 -20.72 23.53 27.12
N ARG G 270 -20.63 24.85 27.02
CA ARG G 270 -20.54 25.71 28.21
C ARG G 270 -21.83 25.68 29.02
N ILE G 271 -22.97 25.69 28.33
CA ILE G 271 -24.25 25.70 29.04
C ILE G 271 -24.52 24.36 29.71
N PHE G 272 -24.16 23.25 29.06
CA PHE G 272 -24.35 21.90 29.60
C PHE G 272 -23.90 21.79 31.06
N PHE H 8 15.26 52.56 12.57
CA PHE H 8 14.00 53.14 12.12
C PHE H 8 12.80 52.53 12.81
N GLN H 9 11.93 53.40 13.32
CA GLN H 9 10.74 52.99 14.05
C GLN H 9 9.57 53.88 13.68
N SER H 10 8.36 53.34 13.73
CA SER H 10 7.16 54.14 13.61
C SER H 10 7.02 54.99 14.87
N LYS H 11 6.29 56.11 14.80
CA LYS H 11 6.20 57.00 15.95
C LYS H 11 4.81 57.56 16.11
N VAL H 12 4.46 57.90 17.35
CA VAL H 12 3.26 58.69 17.59
C VAL H 12 3.72 60.06 18.05
N VAL H 13 3.19 61.09 17.42
CA VAL H 13 3.58 62.45 17.73
C VAL H 13 2.36 63.27 18.05
N THR H 14 2.47 64.09 19.08
CA THR H 14 1.42 65.03 19.43
C THR H 14 1.94 66.43 19.22
N ASP H 15 1.21 67.21 18.42
CA ASP H 15 1.61 68.58 18.14
C ASP H 15 0.37 69.46 18.11
N THR H 16 0.57 70.74 17.81
CA THR H 16 -0.53 71.69 17.85
C THR H 16 -0.56 72.60 16.63
N LEU H 17 -1.78 72.92 16.19
CA LEU H 17 -2.01 73.86 15.11
C LEU H 17 -2.93 74.97 15.61
N PHE H 18 -2.81 76.19 15.08
CA PHE H 18 -3.72 77.25 15.48
C PHE H 18 -4.82 77.50 14.44
N SER H 19 -6.06 77.32 14.86
CA SER H 19 -7.21 77.55 14.00
C SER H 19 -7.70 78.99 14.12
N LYS H 20 -7.81 79.66 12.97
CA LYS H 20 -8.41 80.99 12.92
C LYS H 20 -9.93 80.91 12.91
N VAL H 21 -10.46 79.85 12.29
CA VAL H 21 -11.90 79.63 12.21
C VAL H 21 -12.53 79.45 13.59
N LEU H 22 -11.74 78.93 14.52
CA LEU H 22 -12.25 78.64 15.86
C LEU H 22 -11.59 79.57 16.87
N ASN H 23 -10.58 80.29 16.40
CA ASN H 23 -9.84 81.23 17.24
C ASN H 23 -9.22 80.49 18.43
N SER H 24 -8.85 79.24 18.19
CA SER H 24 -8.34 78.38 19.25
C SER H 24 -7.16 77.53 18.80
N LYS H 25 -6.31 77.17 19.75
CA LYS H 25 -5.26 76.20 19.50
C LYS H 25 -5.88 74.80 19.42
N ARG H 26 -5.47 74.00 18.45
CA ARG H 26 -6.00 72.65 18.28
C ARG H 26 -4.91 71.59 18.35
N ALA H 27 -5.01 70.73 19.36
CA ALA H 27 -4.09 69.61 19.51
C ALA H 27 -4.48 68.47 18.57
N TYR H 28 -3.50 67.69 18.16
CA TYR H 28 -3.77 66.51 17.35
C TYR H 28 -2.69 65.48 17.60
N THR H 29 -3.00 64.22 17.30
CA THR H 29 -2.06 63.13 17.48
C THR H 29 -1.92 62.37 16.17
N VAL H 30 -0.69 62.09 15.77
CA VAL H 30 -0.46 61.52 14.45
C VAL H 30 0.50 60.34 14.52
N PHE H 31 0.14 59.27 13.79
CA PHE H 31 1.01 58.12 13.64
C PHE H 31 1.85 58.28 12.39
N LEU H 32 3.16 58.16 12.53
CA LEU H 32 4.07 58.24 11.40
C LEU H 32 4.71 56.88 11.14
N PRO H 33 4.56 56.37 9.90
CA PRO H 33 5.10 55.09 9.42
C PRO H 33 6.61 54.94 9.67
N LYS H 34 7.05 53.69 9.80
CA LYS H 34 8.45 53.38 10.08
C LYS H 34 9.41 53.99 9.06
N SER H 35 8.94 54.17 7.83
CA SER H 35 9.79 54.63 6.74
C SER H 35 9.78 56.15 6.58
N PHE H 36 9.03 56.85 7.44
CA PHE H 36 8.86 58.29 7.32
C PHE H 36 10.19 59.06 7.33
N GLU H 37 11.10 58.64 8.20
CA GLU H 37 12.43 59.25 8.30
C GLU H 37 13.42 58.62 7.32
N GLN H 38 13.11 57.41 6.86
CA GLN H 38 14.01 56.65 5.98
C GLN H 38 13.94 57.11 4.52
N ASN H 39 12.73 57.32 4.02
CA ASN H 39 12.54 57.79 2.66
C ASN H 39 11.76 59.11 2.66
N LYS H 40 12.49 60.21 2.71
CA LYS H 40 11.90 61.53 2.91
C LYS H 40 11.04 61.98 1.73
N GLU H 41 11.13 61.28 0.62
CA GLU H 41 10.38 61.68 -0.57
C GLU H 41 9.09 60.88 -0.75
N LYS H 42 8.89 59.85 0.05
CA LYS H 42 7.72 58.98 -0.06
C LYS H 42 6.43 59.66 0.42
N LYS H 43 5.35 59.46 -0.34
CA LYS H 43 4.03 59.98 0.05
C LYS H 43 3.16 58.84 0.57
N TYR H 44 2.19 59.17 1.41
CA TYR H 44 1.39 58.14 2.09
C TYR H 44 -0.11 58.39 1.97
N PRO H 45 -0.90 57.32 1.98
CA PRO H 45 -2.33 57.51 2.15
C PRO H 45 -2.62 57.95 3.58
N VAL H 46 -3.84 58.37 3.86
CA VAL H 46 -4.14 58.87 5.20
C VAL H 46 -5.45 58.31 5.70
N LEU H 47 -5.47 57.97 6.98
CA LEU H 47 -6.71 57.63 7.67
C LEU H 47 -6.96 58.67 8.76
N TYR H 48 -8.09 59.36 8.68
CA TYR H 48 -8.52 60.22 9.76
C TYR H 48 -9.31 59.36 10.74
N LEU H 49 -8.83 59.31 11.99
CA LEU H 49 -9.37 58.40 13.01
C LEU H 49 -9.90 59.17 14.22
N LEU H 50 -11.23 59.32 14.27
CA LEU H 50 -11.89 60.24 15.20
C LEU H 50 -12.27 59.60 16.53
N HIS H 51 -12.13 60.36 17.62
CA HIS H 51 -12.49 59.89 18.95
C HIS H 51 -13.96 60.21 19.29
N GLY H 52 -14.40 59.75 20.46
CA GLY H 52 -15.76 59.95 20.88
C GLY H 52 -15.92 61.14 21.83
N MET H 53 -17.11 61.29 22.36
CA MET H 53 -17.43 62.37 23.29
C MET H 53 -16.65 62.20 24.60
N TRP H 54 -16.31 63.31 25.24
CA TRP H 54 -15.53 63.33 26.48
C TRP H 54 -14.03 63.12 26.25
N GLU H 55 -13.68 62.47 25.14
CA GLU H 55 -12.29 62.14 24.88
C GLU H 55 -11.56 63.24 24.13
N THR H 56 -10.24 63.14 24.08
CA THR H 56 -9.39 64.03 23.29
C THR H 56 -8.47 63.24 22.36
N ASN H 57 -7.57 63.96 21.68
CA ASN H 57 -6.81 63.38 20.57
C ASN H 57 -5.89 62.18 20.89
N PRO H 58 -5.28 62.14 22.09
CA PRO H 58 -4.29 61.08 22.32
C PRO H 58 -4.87 59.69 22.65
N VAL H 59 -6.20 59.56 22.69
CA VAL H 59 -6.82 58.34 23.18
C VAL H 59 -6.62 57.13 22.23
N TRP H 60 -6.59 57.37 20.92
CA TRP H 60 -6.36 56.27 19.97
C TRP H 60 -4.96 55.70 20.08
N ALA H 61 -3.97 56.55 20.34
CA ALA H 61 -2.62 56.06 20.56
C ALA H 61 -2.47 55.36 21.91
N GLU H 62 -3.11 55.89 22.95
CA GLU H 62 -2.85 55.42 24.32
C GLU H 62 -3.71 54.24 24.78
N ARG H 63 -4.97 54.20 24.35
CA ARG H 63 -5.88 53.10 24.70
C ARG H 63 -6.15 52.21 23.49
N GLY H 64 -6.20 52.83 22.31
CA GLY H 64 -6.38 52.10 21.06
C GLY H 64 -5.13 51.35 20.62
N HIS H 65 -3.98 51.80 21.12
CA HIS H 65 -2.67 51.22 20.78
C HIS H 65 -2.43 51.19 19.26
N VAL H 66 -2.87 52.24 18.57
CA VAL H 66 -2.77 52.32 17.12
C VAL H 66 -1.37 51.99 16.59
N LYS H 67 -0.34 52.48 17.25
CA LYS H 67 1.02 52.19 16.80
C LYS H 67 1.34 50.69 16.85
N ASP H 68 0.97 50.04 17.96
CA ASP H 68 1.27 48.62 18.12
C ASP H 68 0.52 47.78 17.09
N VAL H 69 -0.72 48.16 16.83
CA VAL H 69 -1.56 47.47 15.86
C VAL H 69 -0.97 47.64 14.45
N MET H 70 -0.56 48.86 14.13
CA MET H 70 0.03 49.15 12.82
C MET H 70 1.36 48.43 12.62
N ASP H 71 2.20 48.38 13.65
CA ASP H 71 3.47 47.68 13.53
C ASP H 71 3.23 46.20 13.20
N ARG H 72 2.20 45.64 13.81
CA ARG H 72 1.83 44.25 13.53
C ARG H 72 1.37 44.06 12.08
N LEU H 73 0.37 44.84 11.68
CA LEU H 73 -0.30 44.62 10.40
C LEU H 73 0.54 45.07 9.21
N VAL H 74 1.33 46.13 9.38
CA VAL H 74 2.28 46.50 8.34
C VAL H 74 3.28 45.37 8.12
N ALA H 75 3.80 44.80 9.20
CA ALA H 75 4.81 43.75 9.08
C ALA H 75 4.26 42.48 8.42
N SER H 76 2.98 42.18 8.61
CA SER H 76 2.40 40.98 7.98
C SER H 76 1.91 41.31 6.59
N GLY H 77 1.81 42.60 6.27
CA GLY H 77 1.31 43.04 4.99
C GLY H 77 -0.20 43.24 4.91
N GLU H 78 -0.91 43.07 6.01
CA GLU H 78 -2.37 43.19 5.98
C GLU H 78 -2.81 44.65 5.91
N ALA H 79 -1.92 45.54 6.34
CA ALA H 79 -2.14 46.98 6.25
C ALA H 79 -0.96 47.59 5.52
N CYS H 80 -1.20 48.67 4.78
CA CYS H 80 -0.08 49.39 4.18
C CYS H 80 0.35 50.50 5.13
N GLU H 81 1.55 51.01 4.95
CA GLU H 81 1.94 52.21 5.66
C GLU H 81 1.01 53.35 5.31
N MET H 82 0.52 54.03 6.33
CA MET H 82 -0.36 55.17 6.12
C MET H 82 -0.15 56.15 7.25
N ILE H 83 -0.52 57.40 6.99
CA ILE H 83 -0.59 58.40 8.03
C ILE H 83 -1.91 58.20 8.74
N ILE H 84 -1.89 58.20 10.06
CA ILE H 84 -3.12 58.16 10.81
C ILE H 84 -3.14 59.38 11.73
N VAL H 85 -4.26 60.07 11.77
CA VAL H 85 -4.33 61.33 12.49
C VAL H 85 -5.62 61.49 13.26
N THR H 86 -5.50 61.93 14.51
CA THR H 86 -6.64 62.18 15.37
C THR H 86 -6.59 63.60 15.90
N PRO H 87 -7.52 64.45 15.44
CA PRO H 87 -7.62 65.83 15.94
C PRO H 87 -8.43 65.89 17.23
N ASN H 88 -8.11 66.84 18.09
CA ASN H 88 -8.93 67.08 19.28
C ASN H 88 -10.26 67.72 18.89
N ALA H 89 -11.36 67.11 19.34
CA ALA H 89 -12.70 67.61 19.06
C ALA H 89 -13.61 67.34 20.25
N GLY H 90 -13.01 67.23 21.43
CA GLY H 90 -13.77 66.95 22.64
C GLY H 90 -13.09 67.39 23.92
N GLY H 91 -13.37 66.64 24.99
CA GLY H 91 -12.94 67.00 26.32
C GLY H 91 -14.17 67.06 27.20
N ASN H 92 -14.00 67.49 28.44
CA ASN H 92 -15.13 67.73 29.35
C ASN H 92 -16.24 68.50 28.64
N ILE H 93 -17.39 67.86 28.48
CA ILE H 93 -18.47 68.44 27.68
C ILE H 93 -19.06 69.70 28.32
N HIS H 94 -18.84 69.86 29.61
CA HIS H 94 -19.32 71.04 30.32
C HIS H 94 -18.42 72.26 30.08
N LEU H 95 -17.16 72.00 29.72
CA LEU H 95 -16.17 73.07 29.56
C LEU H 95 -15.64 73.19 28.14
N GLU H 96 -15.51 72.06 27.45
CA GLU H 96 -14.93 72.06 26.10
C GLU H 96 -15.97 71.69 25.04
N TRP H 97 -15.79 72.21 23.83
CA TRP H 97 -16.68 71.90 22.73
C TRP H 97 -16.49 70.47 22.24
N ASN H 98 -17.58 69.71 22.17
CA ASN H 98 -17.56 68.37 21.58
C ASN H 98 -18.40 68.32 20.30
N GLY H 99 -17.79 67.86 19.20
CA GLY H 99 -18.51 67.72 17.94
C GLY H 99 -17.65 67.89 16.70
N TYR H 100 -18.16 67.41 15.57
CA TYR H 100 -17.40 67.43 14.32
C TYR H 100 -18.04 68.32 13.25
N PHE H 101 -19.27 68.75 13.50
CA PHE H 101 -20.00 69.58 12.55
C PHE H 101 -19.95 71.05 12.92
N ASP H 102 -20.21 71.92 11.95
CA ASP H 102 -20.23 73.36 12.21
C ASP H 102 -21.37 73.71 13.16
N MET H 103 -21.02 74.27 14.32
CA MET H 103 -22.01 74.67 15.32
C MET H 103 -21.86 76.15 15.68
N PRO H 104 -22.97 76.78 16.11
CA PRO H 104 -23.02 78.20 16.49
C PRO H 104 -21.96 78.58 17.53
N GLY H 105 -20.89 79.23 17.07
CA GLY H 105 -19.79 79.60 17.94
C GLY H 105 -18.62 78.63 17.84
N TRP H 106 -18.82 77.54 17.10
CA TRP H 106 -17.79 76.52 16.95
C TRP H 106 -17.95 75.82 15.60
N LYS H 107 -17.30 76.36 14.59
CA LYS H 107 -17.38 75.81 13.24
C LYS H 107 -16.25 74.81 13.00
N TYR H 108 -16.37 73.63 13.61
CA TYR H 108 -15.30 72.64 13.59
C TYR H 108 -15.05 72.09 12.20
N GLU H 109 -16.14 71.77 11.49
CA GLU H 109 -16.00 71.20 10.15
C GLU H 109 -15.24 72.14 9.22
N THR H 110 -15.59 73.43 9.27
CA THR H 110 -14.90 74.45 8.49
C THR H 110 -13.41 74.46 8.84
N PHE H 111 -13.11 74.32 10.14
CA PHE H 111 -11.73 74.17 10.58
C PHE H 111 -11.09 72.91 9.98
N PHE H 112 -11.82 71.81 10.03
CA PHE H 112 -11.31 70.51 9.58
C PHE H 112 -10.81 70.56 8.13
N TYR H 113 -11.65 71.06 7.23
CA TYR H 113 -11.34 71.06 5.81
C TYR H 113 -10.51 72.25 5.33
N THR H 114 -10.78 73.44 5.87
CA THR H 114 -10.09 74.64 5.39
C THR H 114 -8.73 74.85 6.05
N GLU H 115 -8.53 74.30 7.24
CA GLU H 115 -7.28 74.49 7.97
C GLU H 115 -6.54 73.18 8.30
N PHE H 116 -7.21 72.28 9.00
CA PHE H 116 -6.56 71.08 9.53
C PHE H 116 -6.07 70.13 8.42
N LEU H 117 -6.97 69.74 7.53
CA LEU H 117 -6.64 68.78 6.48
C LEU H 117 -5.47 69.24 5.59
N PRO H 118 -5.57 70.45 5.02
CA PRO H 118 -4.46 70.95 4.18
C PRO H 118 -3.15 71.07 4.96
N TYR H 119 -3.25 71.45 6.22
CA TYR H 119 -2.07 71.56 7.07
C TYR H 119 -1.40 70.19 7.24
N ILE H 120 -2.18 69.21 7.69
CA ILE H 120 -1.66 67.86 7.93
C ILE H 120 -1.07 67.20 6.68
N GLU H 121 -1.83 67.23 5.60
CA GLU H 121 -1.45 66.48 4.41
C GLU H 121 -0.23 67.09 3.71
N LYS H 122 0.05 68.35 4.00
CA LYS H 122 1.28 68.95 3.50
C LYS H 122 2.45 68.60 4.40
N LYS H 123 2.23 68.73 5.70
CA LYS H 123 3.29 68.53 6.68
C LYS H 123 3.75 67.07 6.76
N TYR H 124 2.83 66.13 6.59
CA TYR H 124 3.18 64.72 6.80
C TYR H 124 3.16 63.91 5.51
N ARG H 125 3.31 64.62 4.38
CA ARG H 125 3.50 64.00 3.08
C ARG H 125 2.40 63.02 2.70
N VAL H 126 1.15 63.44 2.86
CA VAL H 126 0.01 62.67 2.38
C VAL H 126 -0.15 62.87 0.87
N ILE H 127 -0.50 61.79 0.18
CA ILE H 127 -0.60 61.78 -1.28
C ILE H 127 -1.54 62.87 -1.78
N GLY H 128 -2.69 63.01 -1.13
CA GLY H 128 -3.55 64.15 -1.36
C GLY H 128 -4.80 63.95 -2.20
N ASP H 129 -5.01 62.75 -2.72
CA ASP H 129 -6.23 62.50 -3.48
C ASP H 129 -7.24 61.62 -2.73
N ARG H 130 -8.45 61.57 -3.27
CA ARG H 130 -9.57 60.84 -2.70
C ARG H 130 -9.30 59.33 -2.56
N GLN H 131 -8.60 58.77 -3.54
CA GLN H 131 -8.33 57.33 -3.58
C GLN H 131 -7.36 56.90 -2.49
N HIS H 132 -6.76 57.86 -1.79
CA HIS H 132 -5.84 57.55 -0.70
C HIS H 132 -6.20 58.29 0.57
N ARG H 133 -7.50 58.56 0.75
CA ARG H 133 -7.99 59.22 1.96
C ARG H 133 -9.19 58.47 2.51
N ALA H 134 -9.10 58.05 3.77
CA ALA H 134 -10.19 57.34 4.41
C ALA H 134 -10.46 57.93 5.78
N ILE H 135 -11.63 57.64 6.32
CA ILE H 135 -12.01 58.20 7.61
C ILE H 135 -12.77 57.18 8.46
N ALA H 136 -12.48 57.19 9.75
CA ALA H 136 -13.09 56.25 10.68
C ALA H 136 -13.19 56.86 12.06
N GLY H 137 -14.09 56.32 12.88
CA GLY H 137 -14.20 56.79 14.25
C GLY H 137 -15.19 56.01 15.08
N LEU H 138 -15.14 56.25 16.38
CA LEU H 138 -16.00 55.58 17.34
C LEU H 138 -16.99 56.55 17.95
N SER H 139 -18.23 56.09 18.11
CA SER H 139 -19.25 56.86 18.80
C SER H 139 -19.50 58.19 18.09
N MET H 140 -19.36 59.30 18.80
CA MET H 140 -19.47 60.62 18.19
C MET H 140 -18.58 60.72 16.96
N GLY H 141 -17.35 60.22 17.09
CA GLY H 141 -16.42 60.18 15.97
C GLY H 141 -16.85 59.23 14.87
N GLY H 142 -17.74 58.31 15.21
CA GLY H 142 -18.32 57.39 14.24
C GLY H 142 -19.37 58.09 13.40
N GLY H 143 -20.11 58.98 14.04
CA GLY H 143 -21.11 59.79 13.35
C GLY H 143 -20.45 60.82 12.46
N GLY H 144 -19.40 61.44 12.98
CA GLY H 144 -18.62 62.42 12.22
C GLY H 144 -18.06 61.78 10.97
N ALA H 145 -17.34 60.68 11.14
CA ALA H 145 -16.80 59.93 10.02
C ALA H 145 -17.86 59.60 8.97
N THR H 146 -19.01 59.09 9.40
CA THR H 146 -20.06 58.71 8.46
C THR H 146 -20.64 59.92 7.71
N ASN H 147 -21.00 60.98 8.44
CA ASN H 147 -21.59 62.16 7.80
C ASN H 147 -20.56 62.89 6.94
N TYR H 148 -19.31 62.95 7.39
CA TYR H 148 -18.23 63.50 6.56
C TYR H 148 -18.16 62.77 5.22
N GLY H 149 -18.12 61.44 5.30
CA GLY H 149 -18.13 60.61 4.11
C GLY H 149 -19.35 60.86 3.25
N GLN H 150 -20.50 61.04 3.90
CA GLN H 150 -21.75 61.30 3.20
C GLN H 150 -21.74 62.64 2.47
N ARG H 151 -21.31 63.70 3.16
CA ARG H 151 -21.37 65.04 2.58
C ARG H 151 -20.11 65.42 1.82
N HIS H 152 -19.03 64.67 2.00
CA HIS H 152 -17.80 64.94 1.26
C HIS H 152 -17.31 63.67 0.56
N SER H 153 -18.22 63.01 -0.15
CA SER H 153 -17.92 61.76 -0.83
C SER H 153 -16.79 61.93 -1.83
N ASP H 154 -16.58 63.15 -2.29
CA ASP H 154 -15.50 63.43 -3.23
C ASP H 154 -14.15 63.47 -2.53
N MET H 155 -14.16 63.39 -1.20
CA MET H 155 -12.92 63.51 -0.42
C MET H 155 -12.44 62.16 0.13
N PHE H 156 -13.35 61.21 0.31
CA PHE H 156 -13.02 59.94 0.96
C PHE H 156 -13.41 58.71 0.14
N CYS H 157 -12.51 57.73 0.07
CA CYS H 157 -12.80 56.47 -0.61
C CYS H 157 -13.42 55.42 0.32
N ALA H 158 -13.21 55.56 1.63
CA ALA H 158 -13.69 54.57 2.59
C ALA H 158 -14.09 55.17 3.93
N VAL H 159 -15.17 54.64 4.51
CA VAL H 159 -15.60 55.01 5.85
C VAL H 159 -15.78 53.76 6.72
N TYR H 160 -15.22 53.78 7.92
CA TYR H 160 -15.40 52.68 8.87
C TYR H 160 -15.97 53.24 10.16
N ALA H 161 -17.21 52.87 10.46
CA ALA H 161 -17.94 53.45 11.59
C ALA H 161 -18.09 52.47 12.76
N MET H 162 -17.40 52.76 13.85
CA MET H 162 -17.42 51.94 15.07
C MET H 162 -18.39 52.43 16.12
N SER H 163 -19.41 51.62 16.43
CA SER H 163 -20.35 51.96 17.50
C SER H 163 -20.83 53.40 17.31
N ALA H 164 -21.22 53.71 16.08
CA ALA H 164 -21.34 55.09 15.62
C ALA H 164 -22.61 55.80 16.10
N LEU H 165 -22.46 57.08 16.44
CA LEU H 165 -23.59 57.93 16.77
C LEU H 165 -24.27 58.38 15.48
N MET H 166 -24.94 57.45 14.81
CA MET H 166 -25.54 57.70 13.51
C MET H 166 -26.62 58.77 13.64
N SER H 167 -27.22 58.79 14.82
CA SER H 167 -28.19 59.80 15.20
C SER H 167 -28.43 59.63 16.70
N ILE H 168 -29.27 60.48 17.28
CA ILE H 168 -29.58 60.39 18.70
C ILE H 168 -30.45 59.16 18.98
N PRO H 169 -30.05 58.35 19.96
CA PRO H 169 -30.81 57.15 20.36
C PRO H 169 -32.02 57.48 21.25
N ASP H 178 -29.43 73.86 29.83
CA ASP H 178 -30.14 74.81 28.98
C ASP H 178 -29.92 74.50 27.50
N PRO H 179 -30.84 74.99 26.65
CA PRO H 179 -30.77 74.76 25.20
C PRO H 179 -29.57 75.48 24.57
N ASN H 180 -28.78 76.15 25.41
CA ASN H 180 -27.66 76.93 24.92
C ASN H 180 -26.31 76.42 25.44
N SER H 181 -26.34 75.30 26.14
CA SER H 181 -25.09 74.66 26.58
C SER H 181 -24.41 73.98 25.40
N LYS H 182 -23.12 73.71 25.55
CA LYS H 182 -22.35 73.06 24.50
C LYS H 182 -22.95 71.69 24.18
N ILE H 183 -23.36 70.97 25.22
CA ILE H 183 -23.97 69.66 25.05
C ILE H 183 -25.29 69.74 24.27
N ALA H 184 -26.10 70.76 24.58
CA ALA H 184 -27.42 70.89 23.96
C ALA H 184 -27.30 71.26 22.49
N ILE H 185 -26.27 72.03 22.17
CA ILE H 185 -26.00 72.41 20.77
C ILE H 185 -25.56 71.19 19.95
N LEU H 186 -24.57 70.45 20.45
CA LEU H 186 -24.09 69.23 19.81
C LEU H 186 -25.23 68.28 19.52
N THR H 187 -26.14 68.14 20.49
CA THR H 187 -27.30 67.28 20.32
C THR H 187 -28.13 67.71 19.12
N ARG H 188 -28.41 69.01 19.01
CA ARG H 188 -29.15 69.53 17.86
C ARG H 188 -28.35 69.32 16.56
N SER H 189 -27.04 69.49 16.62
CA SER H 189 -26.18 69.30 15.45
C SER H 189 -26.31 67.86 14.93
N VAL H 190 -26.24 66.90 15.86
CA VAL H 190 -26.30 65.48 15.52
C VAL H 190 -27.66 65.09 14.94
N ILE H 191 -28.74 65.60 15.52
CA ILE H 191 -30.08 65.32 15.01
C ILE H 191 -30.28 65.92 13.62
N GLU H 192 -29.76 67.12 13.44
CA GLU H 192 -29.86 67.84 12.18
C GLU H 192 -29.11 67.11 11.06
N ASN H 193 -27.93 66.59 11.39
CA ASN H 193 -27.11 65.87 10.42
C ASN H 193 -27.19 64.35 10.56
N SER H 194 -28.33 63.86 11.05
CA SER H 194 -28.55 62.43 11.21
C SER H 194 -28.07 61.60 10.01
N CYS H 195 -27.19 60.64 10.28
CA CYS H 195 -26.63 59.81 9.23
C CYS H 195 -27.68 58.91 8.59
N VAL H 196 -28.69 58.53 9.38
CA VAL H 196 -29.79 57.70 8.88
C VAL H 196 -30.69 58.49 7.92
N LYS H 197 -31.07 59.70 8.33
CA LYS H 197 -31.95 60.53 7.52
C LYS H 197 -31.31 60.86 6.18
N TYR H 198 -30.01 61.15 6.20
CA TYR H 198 -29.29 61.52 4.98
C TYR H 198 -29.44 60.45 3.90
N VAL H 199 -29.53 59.19 4.33
CA VAL H 199 -29.65 58.07 3.40
C VAL H 199 -31.09 57.87 2.98
N MET H 200 -32.00 57.94 3.95
CA MET H 200 -33.40 57.64 3.67
C MET H 200 -34.08 58.67 2.76
N GLU H 201 -33.60 59.91 2.80
CA GLU H 201 -34.17 60.97 1.95
C GLU H 201 -33.39 61.09 0.64
N ALA H 202 -32.41 60.20 0.44
CA ALA H 202 -31.54 60.30 -0.72
C ALA H 202 -32.30 60.15 -2.04
N ASP H 203 -31.96 60.98 -3.01
CA ASP H 203 -32.51 60.82 -4.36
C ASP H 203 -31.51 60.02 -5.18
N GLU H 204 -31.84 59.76 -6.44
CA GLU H 204 -31.02 58.90 -7.28
C GLU H 204 -29.60 59.45 -7.47
N ASP H 205 -29.47 60.77 -7.47
CA ASP H 205 -28.15 61.41 -7.58
C ASP H 205 -27.30 61.16 -6.34
N ARG H 206 -27.91 61.28 -5.17
CA ARG H 206 -27.18 61.12 -3.92
C ARG H 206 -26.73 59.66 -3.74
N LYS H 207 -27.62 58.72 -4.08
CA LYS H 207 -27.31 57.31 -4.04
C LYS H 207 -26.05 56.98 -4.85
N ALA H 208 -25.95 57.56 -6.05
CA ALA H 208 -24.77 57.38 -6.87
C ALA H 208 -23.51 57.89 -6.17
N ASP H 209 -23.63 59.03 -5.49
CA ASP H 209 -22.51 59.59 -4.72
C ASP H 209 -22.07 58.64 -3.59
N LEU H 210 -23.05 58.11 -2.86
CA LEU H 210 -22.77 57.24 -1.72
C LEU H 210 -22.13 55.92 -2.15
N ARG H 211 -22.55 55.41 -3.32
CA ARG H 211 -21.99 54.18 -3.86
C ARG H 211 -20.54 54.34 -4.29
N SER H 212 -20.07 55.58 -4.39
CA SER H 212 -18.67 55.82 -4.73
C SER H 212 -17.79 55.64 -3.49
N VAL H 213 -18.43 55.41 -2.34
CA VAL H 213 -17.68 55.22 -1.10
C VAL H 213 -17.86 53.78 -0.59
N ALA H 214 -16.79 53.21 -0.02
CA ALA H 214 -16.88 51.90 0.62
C ALA H 214 -17.25 52.07 2.09
N TRP H 215 -18.31 51.39 2.54
CA TRP H 215 -18.82 51.56 3.89
C TRP H 215 -18.67 50.30 4.73
N PHE H 216 -18.32 50.50 6.00
CA PHE H 216 -18.18 49.39 6.93
C PHE H 216 -18.75 49.85 8.28
N VAL H 217 -19.80 49.17 8.74
CA VAL H 217 -20.42 49.50 10.03
C VAL H 217 -20.22 48.37 11.05
N ASP H 218 -19.66 48.70 12.20
CA ASP H 218 -19.23 47.71 13.20
C ASP H 218 -19.73 48.14 14.59
N CYS H 219 -20.72 47.43 15.12
CA CYS H 219 -21.35 47.80 16.40
C CYS H 219 -21.74 46.57 17.20
N GLY H 220 -21.43 46.57 18.50
CA GLY H 220 -21.62 45.39 19.34
C GLY H 220 -23.05 45.10 19.75
N ASP H 221 -23.34 43.84 20.08
CA ASP H 221 -24.73 43.45 20.34
C ASP H 221 -25.28 44.06 21.64
N ASP H 222 -24.39 44.52 22.52
CA ASP H 222 -24.83 45.13 23.78
C ASP H 222 -24.69 46.64 23.77
N ASP H 223 -24.47 47.21 22.59
CA ASP H 223 -24.29 48.66 22.47
C ASP H 223 -25.65 49.38 22.45
N PHE H 224 -25.74 50.48 23.19
CA PHE H 224 -26.99 51.24 23.20
C PHE H 224 -27.23 51.92 21.85
N LEU H 225 -26.19 52.11 21.05
CA LEU H 225 -26.34 52.68 19.72
C LEU H 225 -26.58 51.62 18.63
N LEU H 226 -26.83 50.38 19.03
CA LEU H 226 -27.01 49.30 18.07
C LEU H 226 -28.21 49.59 17.16
N ASP H 227 -29.32 50.01 17.76
CA ASP H 227 -30.55 50.21 17.00
C ASP H 227 -30.39 51.28 15.92
N ARG H 228 -29.65 52.33 16.21
CA ARG H 228 -29.43 53.37 15.22
C ARG H 228 -28.52 52.87 14.09
N ASN H 229 -27.52 52.08 14.46
CA ASN H 229 -26.62 51.51 13.45
C ASN H 229 -27.33 50.52 12.57
N ILE H 230 -28.24 49.75 13.18
CA ILE H 230 -29.08 48.86 12.41
C ILE H 230 -29.92 49.65 11.39
N GLU H 231 -30.52 50.75 11.84
CA GLU H 231 -31.33 51.57 10.94
C GLU H 231 -30.49 52.13 9.80
N PHE H 232 -29.26 52.55 10.09
CA PHE H 232 -28.35 53.03 9.05
C PHE H 232 -28.10 51.94 8.02
N TYR H 233 -27.73 50.75 8.49
CA TYR H 233 -27.43 49.67 7.56
C TYR H 233 -28.66 49.28 6.75
N GLN H 234 -29.81 49.19 7.41
CA GLN H 234 -31.04 48.84 6.72
C GLN H 234 -31.35 49.88 5.64
N ALA H 235 -31.11 51.15 5.96
CA ALA H 235 -31.37 52.23 4.99
C ALA H 235 -30.43 52.14 3.80
N MET H 236 -29.15 51.88 4.08
CA MET H 236 -28.16 51.72 3.02
C MET H 236 -28.49 50.52 2.14
N ARG H 237 -28.84 49.40 2.76
CA ARG H 237 -29.08 48.16 2.02
C ARG H 237 -30.32 48.27 1.13
N ASN H 238 -31.38 48.87 1.66
CA ASN H 238 -32.60 49.04 0.89
C ASN H 238 -32.42 50.03 -0.26
N ALA H 239 -31.46 50.93 -0.12
CA ALA H 239 -31.14 51.90 -1.15
C ALA H 239 -30.13 51.33 -2.17
N GLY H 240 -29.78 50.06 -2.03
CA GLY H 240 -28.83 49.44 -2.94
C GLY H 240 -27.47 50.11 -2.93
N VAL H 241 -27.02 50.51 -1.74
CA VAL H 241 -25.66 51.02 -1.56
C VAL H 241 -24.86 49.99 -0.77
N PRO H 242 -23.90 49.31 -1.43
CA PRO H 242 -23.09 48.28 -0.78
C PRO H 242 -22.48 48.74 0.54
N CYS H 243 -22.66 47.92 1.56
CA CYS H 243 -22.20 48.23 2.90
C CYS H 243 -21.92 46.92 3.65
N GLN H 244 -20.79 46.85 4.35
CA GLN H 244 -20.52 45.72 5.24
C GLN H 244 -21.06 46.05 6.64
N PHE H 245 -21.77 45.09 7.23
CA PHE H 245 -22.30 45.25 8.58
C PHE H 245 -21.79 44.09 9.47
N ARG H 246 -21.20 44.44 10.60
CA ARG H 246 -20.82 43.44 11.60
C ARG H 246 -21.39 43.80 12.97
N VAL H 247 -22.06 42.84 13.59
CA VAL H 247 -22.37 42.94 15.01
C VAL H 247 -21.58 41.88 15.76
N ARG H 248 -20.57 42.31 16.50
CA ARG H 248 -19.75 41.41 17.29
C ARG H 248 -20.16 41.47 18.76
N ASP H 249 -19.66 40.53 19.56
CA ASP H 249 -19.90 40.58 21.00
C ASP H 249 -19.34 41.85 21.60
N GLY H 250 -20.09 42.49 22.49
CA GLY H 250 -19.57 43.61 23.25
C GLY H 250 -20.44 44.85 23.27
N GLY H 251 -19.94 45.87 23.95
CA GLY H 251 -20.69 47.10 24.11
C GLY H 251 -19.88 48.31 23.73
N HIS H 252 -20.23 49.42 24.38
CA HIS H 252 -19.64 50.73 24.07
C HIS H 252 -18.35 50.89 24.84
N ASP H 253 -17.33 50.12 24.46
CA ASP H 253 -16.11 50.08 25.26
C ASP H 253 -14.87 49.99 24.39
N TRP H 254 -13.72 50.23 24.99
CA TRP H 254 -12.49 50.30 24.21
C TRP H 254 -11.94 48.94 23.76
N GLU H 255 -12.43 47.84 24.32
CA GLU H 255 -12.02 46.54 23.76
C GLU H 255 -12.68 46.38 22.39
N TYR H 256 -13.87 46.95 22.24
CA TYR H 256 -14.55 46.87 20.97
C TYR H 256 -13.84 47.71 19.92
N TRP H 257 -13.35 48.88 20.35
CA TRP H 257 -12.75 49.84 19.42
C TRP H 257 -11.30 49.51 19.11
N HIS H 258 -10.57 48.96 20.08
CA HIS H 258 -9.23 48.46 19.81
C HIS H 258 -9.29 47.31 18.79
N SER H 259 -10.18 46.34 19.04
CA SER H 259 -10.27 45.17 18.17
C SER H 259 -10.79 45.55 16.78
N ALA H 260 -11.63 46.58 16.72
CA ALA H 260 -12.17 47.08 15.45
C ALA H 260 -11.04 47.54 14.53
N LEU H 261 -9.95 48.00 15.12
CA LEU H 261 -8.79 48.41 14.33
C LEU H 261 -8.24 47.29 13.47
N TYR H 262 -8.32 46.06 13.95
CA TYR H 262 -7.77 44.93 13.20
C TYR H 262 -8.58 44.63 11.96
N GLN H 263 -9.84 45.10 11.94
CA GLN H 263 -10.66 45.01 10.76
C GLN H 263 -10.59 46.28 9.92
N CYS H 264 -10.48 47.42 10.58
CA CYS H 264 -10.48 48.71 9.92
C CYS H 264 -9.23 48.96 9.07
N LEU H 265 -8.04 48.72 9.63
CA LEU H 265 -6.81 49.04 8.91
C LEU H 265 -6.64 48.21 7.63
N PRO H 266 -6.92 46.89 7.69
CA PRO H 266 -6.86 46.12 6.43
C PRO H 266 -7.96 46.50 5.43
N PHE H 267 -9.12 46.88 5.94
CA PHE H 267 -10.23 47.32 5.09
C PHE H 267 -9.86 48.53 4.22
N VAL H 268 -9.38 49.61 4.86
CA VAL H 268 -9.07 50.82 4.10
C VAL H 268 -7.83 50.56 3.23
N THR H 269 -6.96 49.67 3.70
CA THR H 269 -5.80 49.30 2.89
C THR H 269 -6.26 48.69 1.55
N ARG H 270 -7.29 47.85 1.60
CA ARG H 270 -7.84 47.24 0.39
C ARG H 270 -8.42 48.29 -0.55
N ILE H 271 -9.08 49.31 0.01
CA ILE H 271 -9.73 50.34 -0.79
C ILE H 271 -8.73 51.34 -1.40
N PHE H 272 -7.66 51.63 -0.68
CA PHE H 272 -6.61 52.54 -1.18
C PHE H 272 -6.08 52.09 -2.54
#